data_2C08
# 
_entry.id   2C08 
# 
_audit_conform.dict_name       mmcif_pdbx.dic 
_audit_conform.dict_version    5.397 
_audit_conform.dict_location   http://mmcif.pdb.org/dictionaries/ascii/mmcif_pdbx.dic 
# 
loop_
_database_2.database_id 
_database_2.database_code 
_database_2.pdbx_database_accession 
_database_2.pdbx_DOI 
PDB   2C08         pdb_00002c08 10.2210/pdb2c08/pdb 
PDBE  EBI-25448    ?            ?                   
WWPDB D_1290025448 ?            ?                   
# 
loop_
_pdbx_audit_revision_history.ordinal 
_pdbx_audit_revision_history.data_content_type 
_pdbx_audit_revision_history.major_revision 
_pdbx_audit_revision_history.minor_revision 
_pdbx_audit_revision_history.revision_date 
1 'Structure model' 1 0 2006-06-14 
2 'Structure model' 1 1 2011-05-08 
3 'Structure model' 1 2 2011-07-13 
4 'Structure model' 1 3 2019-05-29 
5 'Structure model' 1 4 2024-10-23 
# 
_pdbx_audit_revision_details.ordinal             1 
_pdbx_audit_revision_details.revision_ordinal    1 
_pdbx_audit_revision_details.data_content_type   'Structure model' 
_pdbx_audit_revision_details.provider            repository 
_pdbx_audit_revision_details.type                'Initial release' 
_pdbx_audit_revision_details.description         ? 
_pdbx_audit_revision_details.details             ? 
# 
loop_
_pdbx_audit_revision_group.ordinal 
_pdbx_audit_revision_group.revision_ordinal 
_pdbx_audit_revision_group.data_content_type 
_pdbx_audit_revision_group.group 
1  2 'Structure model' 'Version format compliance' 
2  3 'Structure model' 'Version format compliance' 
3  4 'Structure model' 'Data collection'           
4  4 'Structure model' 'Derived calculations'      
5  4 'Structure model' 'Experimental preparation'  
6  4 'Structure model' Other                       
7  5 'Structure model' 'Data collection'           
8  5 'Structure model' 'Database references'       
9  5 'Structure model' Other                       
10 5 'Structure model' 'Structure summary'         
# 
loop_
_pdbx_audit_revision_category.ordinal 
_pdbx_audit_revision_category.revision_ordinal 
_pdbx_audit_revision_category.data_content_type 
_pdbx_audit_revision_category.category 
1  4 'Structure model' exptl_crystal_grow        
2  4 'Structure model' pdbx_database_proc        
3  4 'Structure model' pdbx_database_status      
4  4 'Structure model' struct_biol               
5  4 'Structure model' struct_conn               
6  5 'Structure model' chem_comp_atom            
7  5 'Structure model' chem_comp_bond            
8  5 'Structure model' database_2                
9  5 'Structure model' pdbx_database_status      
10 5 'Structure model' pdbx_entry_details        
11 5 'Structure model' pdbx_modification_feature 
# 
loop_
_pdbx_audit_revision_item.ordinal 
_pdbx_audit_revision_item.revision_ordinal 
_pdbx_audit_revision_item.data_content_type 
_pdbx_audit_revision_item.item 
1 4 'Structure model' '_exptl_crystal_grow.temp'                     
2 4 'Structure model' '_pdbx_database_status.recvd_author_approval'  
3 4 'Structure model' '_struct_conn.pdbx_leaving_atom_flag'          
4 5 'Structure model' '_database_2.pdbx_DOI'                         
5 5 'Structure model' '_database_2.pdbx_database_accession'          
6 5 'Structure model' '_pdbx_database_status.status_code_sf'         
7 5 'Structure model' '_pdbx_entry_details.has_protein_modification' 
# 
_pdbx_database_status.status_code                     REL 
_pdbx_database_status.entry_id                        2C08 
_pdbx_database_status.deposit_site                    PDBE 
_pdbx_database_status.process_site                    PDBE 
_pdbx_database_status.SG_entry                        . 
_pdbx_database_status.recvd_initial_deposition_date   2005-08-26 
_pdbx_database_status.pdb_format_compatible           Y 
_pdbx_database_status.status_code_sf                  REL 
_pdbx_database_status.status_code_mr                  ? 
_pdbx_database_status.status_code_cs                  ? 
_pdbx_database_status.methods_development_category    ? 
_pdbx_database_status.status_code_nmr_data            ? 
# 
loop_
_audit_author.name 
_audit_author.pdbx_ordinal 
_audit_author.identifier_ORCID 
'Gallop, J.L.'  1 ? 
'Kent, H.M.'    2 ? 
'Mcmahon, H.T.' 3 ? 
'Evans, P.R.'   4 ? 
# 
_citation.id                        primary 
_citation.title                     'Mechanism of Endophilin N-Bar Domain-Mediated Membrane Curvature.' 
_citation.journal_abbrev            'Embo J.' 
_citation.journal_volume            25 
_citation.page_first                2898 
_citation.page_last                 ? 
_citation.year                      2006 
_citation.journal_id_ASTM           EMJODG 
_citation.country                   UK 
_citation.journal_id_ISSN           0261-4189 
_citation.journal_id_CSD            0897 
_citation.book_publisher            ? 
_citation.pdbx_database_id_PubMed   16763559 
_citation.pdbx_database_id_DOI      10.1038/SJ.EMBOJ.7601174 
# 
loop_
_citation_author.citation_id 
_citation_author.name 
_citation_author.ordinal 
_citation_author.identifier_ORCID 
primary 'Gallop, J.L.'  1 ? 
primary 'Jao, C.C.'     2 ? 
primary 'Kent, H.M.'    3 ? 
primary 'Butler, P.J.'  4 ? 
primary 'Evans, P.R.'   5 ? 
primary 'Langen, R.'    6 ? 
primary 'Mcmahon, H.T.' 7 ? 
# 
_entity.id                         1 
_entity.type                       polymer 
_entity.src_method                 man 
_entity.pdbx_description           'SH3-CONTAINING GRB2-LIKE PROTEIN 2' 
_entity.formula_weight             24025.070 
_entity.pdbx_number_of_molecules   1 
_entity.pdbx_ec                    2.3.1.- 
_entity.pdbx_mutation              ? 
_entity.pdbx_fragment              'BAR DOMAIN, RESIDUES 1-143' 
_entity.details                    ? 
# 
_entity_name_com.entity_id   1 
_entity_name_com.name        'ENDOPHILIN A1, SH3 DOMAIN PROTEIN 2A, SH3P4' 
# 
_entity_poly.entity_id                      1 
_entity_poly.type                           'polypeptide(L)' 
_entity_poly.nstd_linkage                   no 
_entity_poly.nstd_monomer                   yes 
_entity_poly.pdbx_seq_one_letter_code       
;EGTKLDDDFKE(MSE)ERKVDVTSRAV(MSE)EI(MSE)TKTIEYLQPNPASRAKPQAEALLAEA(MSE)LKFGRELGDD
CNFGPALGEVGEA(MSE)RELSEVKDSLD(MSE)EVKQNFIDPLQNLHDKDLREIQHHLKKLEGRRLDFDYKKKRQGKIP
DEELRQALEKFDESKEIAESS(MSE)FNLLE(MSE)DIEQVSQLSALVQAQLEYHKQAVQILQQVTVRLEERIRQA
;
_entity_poly.pdbx_seq_one_letter_code_can   
;EGTKLDDDFKEMERKVDVTSRAVMEIMTKTIEYLQPNPASRAKPQAEALLAEAMLKFGRELGDDCNFGPALGEVGEAMRE
LSEVKDSLDMEVKQNFIDPLQNLHDKDLREIQHHLKKLEGRRLDFDYKKKRQGKIPDEELRQALEKFDESKEIAESSMFN
LLEMDIEQVSQLSALVQAQLEYHKQAVQILQQVTVRLEERIRQA
;
_entity_poly.pdbx_strand_id                 A 
_entity_poly.pdbx_target_identifier         ? 
# 
loop_
_entity_poly_seq.entity_id 
_entity_poly_seq.num 
_entity_poly_seq.mon_id 
_entity_poly_seq.hetero 
1 1   GLU n 
1 2   GLY n 
1 3   THR n 
1 4   LYS n 
1 5   LEU n 
1 6   ASP n 
1 7   ASP n 
1 8   ASP n 
1 9   PHE n 
1 10  LYS n 
1 11  GLU n 
1 12  MSE n 
1 13  GLU n 
1 14  ARG n 
1 15  LYS n 
1 16  VAL n 
1 17  ASP n 
1 18  VAL n 
1 19  THR n 
1 20  SER n 
1 21  ARG n 
1 22  ALA n 
1 23  VAL n 
1 24  MSE n 
1 25  GLU n 
1 26  ILE n 
1 27  MSE n 
1 28  THR n 
1 29  LYS n 
1 30  THR n 
1 31  ILE n 
1 32  GLU n 
1 33  TYR n 
1 34  LEU n 
1 35  GLN n 
1 36  PRO n 
1 37  ASN n 
1 38  PRO n 
1 39  ALA n 
1 40  SER n 
1 41  ARG n 
1 42  ALA n 
1 43  LYS n 
1 44  PRO n 
1 45  GLN n 
1 46  ALA n 
1 47  GLU n 
1 48  ALA n 
1 49  LEU n 
1 50  LEU n 
1 51  ALA n 
1 52  GLU n 
1 53  ALA n 
1 54  MSE n 
1 55  LEU n 
1 56  LYS n 
1 57  PHE n 
1 58  GLY n 
1 59  ARG n 
1 60  GLU n 
1 61  LEU n 
1 62  GLY n 
1 63  ASP n 
1 64  ASP n 
1 65  CYS n 
1 66  ASN n 
1 67  PHE n 
1 68  GLY n 
1 69  PRO n 
1 70  ALA n 
1 71  LEU n 
1 72  GLY n 
1 73  GLU n 
1 74  VAL n 
1 75  GLY n 
1 76  GLU n 
1 77  ALA n 
1 78  MSE n 
1 79  ARG n 
1 80  GLU n 
1 81  LEU n 
1 82  SER n 
1 83  GLU n 
1 84  VAL n 
1 85  LYS n 
1 86  ASP n 
1 87  SER n 
1 88  LEU n 
1 89  ASP n 
1 90  MSE n 
1 91  GLU n 
1 92  VAL n 
1 93  LYS n 
1 94  GLN n 
1 95  ASN n 
1 96  PHE n 
1 97  ILE n 
1 98  ASP n 
1 99  PRO n 
1 100 LEU n 
1 101 GLN n 
1 102 ASN n 
1 103 LEU n 
1 104 HIS n 
1 105 ASP n 
1 106 LYS n 
1 107 ASP n 
1 108 LEU n 
1 109 ARG n 
1 110 GLU n 
1 111 ILE n 
1 112 GLN n 
1 113 HIS n 
1 114 HIS n 
1 115 LEU n 
1 116 LYS n 
1 117 LYS n 
1 118 LEU n 
1 119 GLU n 
1 120 GLY n 
1 121 ARG n 
1 122 ARG n 
1 123 LEU n 
1 124 ASP n 
1 125 PHE n 
1 126 ASP n 
1 127 TYR n 
1 128 LYS n 
1 129 LYS n 
1 130 LYS n 
1 131 ARG n 
1 132 GLN n 
1 133 GLY n 
1 134 LYS n 
1 135 ILE n 
1 136 PRO n 
1 137 ASP n 
1 138 GLU n 
1 139 GLU n 
1 140 LEU n 
1 141 ARG n 
1 142 GLN n 
1 143 ALA n 
1 144 LEU n 
1 145 GLU n 
1 146 LYS n 
1 147 PHE n 
1 148 ASP n 
1 149 GLU n 
1 150 SER n 
1 151 LYS n 
1 152 GLU n 
1 153 ILE n 
1 154 ALA n 
1 155 GLU n 
1 156 SER n 
1 157 SER n 
1 158 MSE n 
1 159 PHE n 
1 160 ASN n 
1 161 LEU n 
1 162 LEU n 
1 163 GLU n 
1 164 MSE n 
1 165 ASP n 
1 166 ILE n 
1 167 GLU n 
1 168 GLN n 
1 169 VAL n 
1 170 SER n 
1 171 GLN n 
1 172 LEU n 
1 173 SER n 
1 174 ALA n 
1 175 LEU n 
1 176 VAL n 
1 177 GLN n 
1 178 ALA n 
1 179 GLN n 
1 180 LEU n 
1 181 GLU n 
1 182 TYR n 
1 183 HIS n 
1 184 LYS n 
1 185 GLN n 
1 186 ALA n 
1 187 VAL n 
1 188 GLN n 
1 189 ILE n 
1 190 LEU n 
1 191 GLN n 
1 192 GLN n 
1 193 VAL n 
1 194 THR n 
1 195 VAL n 
1 196 ARG n 
1 197 LEU n 
1 198 GLU n 
1 199 GLU n 
1 200 ARG n 
1 201 ILE n 
1 202 ARG n 
1 203 GLN n 
1 204 ALA n 
# 
_entity_src_gen.entity_id                          1 
_entity_src_gen.pdbx_src_id                        1 
_entity_src_gen.pdbx_alt_source_flag               sample 
_entity_src_gen.pdbx_seq_type                      ? 
_entity_src_gen.pdbx_beg_seq_num                   ? 
_entity_src_gen.pdbx_end_seq_num                   ? 
_entity_src_gen.gene_src_common_name               RAT 
_entity_src_gen.gene_src_genus                     ? 
_entity_src_gen.pdbx_gene_src_gene                 ? 
_entity_src_gen.gene_src_species                   ? 
_entity_src_gen.gene_src_strain                    ? 
_entity_src_gen.gene_src_tissue                    ? 
_entity_src_gen.gene_src_tissue_fraction           ? 
_entity_src_gen.gene_src_details                   ? 
_entity_src_gen.pdbx_gene_src_fragment             ? 
_entity_src_gen.pdbx_gene_src_scientific_name      'RATTUS NORVEGICUS' 
_entity_src_gen.pdbx_gene_src_ncbi_taxonomy_id     10116 
_entity_src_gen.pdbx_gene_src_variant              ? 
_entity_src_gen.pdbx_gene_src_cell_line            ? 
_entity_src_gen.pdbx_gene_src_atcc                 ? 
_entity_src_gen.pdbx_gene_src_organ                ? 
_entity_src_gen.pdbx_gene_src_organelle            ? 
_entity_src_gen.pdbx_gene_src_cell                 ? 
_entity_src_gen.pdbx_gene_src_cellular_location    ? 
_entity_src_gen.host_org_common_name               ? 
_entity_src_gen.pdbx_host_org_scientific_name      'ESCHERICHIA COLI' 
_entity_src_gen.pdbx_host_org_ncbi_taxonomy_id     511693 
_entity_src_gen.host_org_genus                     ? 
_entity_src_gen.pdbx_host_org_gene                 ? 
_entity_src_gen.pdbx_host_org_organ                ? 
_entity_src_gen.host_org_species                   ? 
_entity_src_gen.pdbx_host_org_tissue               ? 
_entity_src_gen.pdbx_host_org_tissue_fraction      ? 
_entity_src_gen.pdbx_host_org_strain               BL21 
_entity_src_gen.pdbx_host_org_variant              ? 
_entity_src_gen.pdbx_host_org_cell_line            ? 
_entity_src_gen.pdbx_host_org_atcc                 ? 
_entity_src_gen.pdbx_host_org_culture_collection   ? 
_entity_src_gen.pdbx_host_org_cell                 ? 
_entity_src_gen.pdbx_host_org_organelle            ? 
_entity_src_gen.pdbx_host_org_cellular_location    ? 
_entity_src_gen.pdbx_host_org_vector_type          PLASMID 
_entity_src_gen.pdbx_host_org_vector               ? 
_entity_src_gen.host_org_details                   ? 
_entity_src_gen.expression_system_id               ? 
_entity_src_gen.plasmid_name                       ? 
_entity_src_gen.plasmid_details                    ? 
_entity_src_gen.pdbx_description                   ? 
# 
loop_
_chem_comp.id 
_chem_comp.type 
_chem_comp.mon_nstd_flag 
_chem_comp.name 
_chem_comp.pdbx_synonyms 
_chem_comp.formula 
_chem_comp.formula_weight 
ALA 'L-peptide linking' y ALANINE          ? 'C3 H7 N O2'     89.093  
ARG 'L-peptide linking' y ARGININE         ? 'C6 H15 N4 O2 1' 175.209 
ASN 'L-peptide linking' y ASPARAGINE       ? 'C4 H8 N2 O3'    132.118 
ASP 'L-peptide linking' y 'ASPARTIC ACID'  ? 'C4 H7 N O4'     133.103 
CYS 'L-peptide linking' y CYSTEINE         ? 'C3 H7 N O2 S'   121.158 
GLN 'L-peptide linking' y GLUTAMINE        ? 'C5 H10 N2 O3'   146.144 
GLU 'L-peptide linking' y 'GLUTAMIC ACID'  ? 'C5 H9 N O4'     147.129 
GLY 'peptide linking'   y GLYCINE          ? 'C2 H5 N O2'     75.067  
HIS 'L-peptide linking' y HISTIDINE        ? 'C6 H10 N3 O2 1' 156.162 
ILE 'L-peptide linking' y ISOLEUCINE       ? 'C6 H13 N O2'    131.173 
LEU 'L-peptide linking' y LEUCINE          ? 'C6 H13 N O2'    131.173 
LYS 'L-peptide linking' y LYSINE           ? 'C6 H15 N2 O2 1' 147.195 
MSE 'L-peptide linking' n SELENOMETHIONINE ? 'C5 H11 N O2 Se' 196.106 
PHE 'L-peptide linking' y PHENYLALANINE    ? 'C9 H11 N O2'    165.189 
PRO 'L-peptide linking' y PROLINE          ? 'C5 H9 N O2'     115.130 
SER 'L-peptide linking' y SERINE           ? 'C3 H7 N O3'     105.093 
THR 'L-peptide linking' y THREONINE        ? 'C4 H9 N O3'     119.119 
TYR 'L-peptide linking' y TYROSINE         ? 'C9 H11 N O3'    181.189 
VAL 'L-peptide linking' y VALINE           ? 'C5 H11 N O2'    117.146 
# 
loop_
_pdbx_poly_seq_scheme.asym_id 
_pdbx_poly_seq_scheme.entity_id 
_pdbx_poly_seq_scheme.seq_id 
_pdbx_poly_seq_scheme.mon_id 
_pdbx_poly_seq_scheme.ndb_seq_num 
_pdbx_poly_seq_scheme.pdb_seq_num 
_pdbx_poly_seq_scheme.auth_seq_num 
_pdbx_poly_seq_scheme.pdb_mon_id 
_pdbx_poly_seq_scheme.auth_mon_id 
_pdbx_poly_seq_scheme.pdb_strand_id 
_pdbx_poly_seq_scheme.pdb_ins_code 
_pdbx_poly_seq_scheme.hetero 
A 1 1   GLU 1   25  25  GLU GLU A . n 
A 1 2   GLY 2   26  26  GLY GLY A . n 
A 1 3   THR 3   27  27  THR THR A . n 
A 1 4   LYS 4   28  28  LYS LYS A . n 
A 1 5   LEU 5   29  29  LEU LEU A . n 
A 1 6   ASP 6   30  30  ASP ASP A . n 
A 1 7   ASP 7   31  31  ASP ASP A . n 
A 1 8   ASP 8   32  32  ASP ASP A . n 
A 1 9   PHE 9   33  33  PHE PHE A . n 
A 1 10  LYS 10  34  34  LYS LYS A . n 
A 1 11  GLU 11  35  35  GLU GLU A . n 
A 1 12  MSE 12  36  36  MSE MSE A . n 
A 1 13  GLU 13  37  37  GLU GLU A . n 
A 1 14  ARG 14  38  38  ARG ARG A . n 
A 1 15  LYS 15  39  39  LYS LYS A . n 
A 1 16  VAL 16  40  40  VAL VAL A . n 
A 1 17  ASP 17  41  41  ASP ASP A . n 
A 1 18  VAL 18  42  42  VAL VAL A . n 
A 1 19  THR 19  43  43  THR THR A . n 
A 1 20  SER 20  44  44  SER SER A . n 
A 1 21  ARG 21  45  45  ARG ARG A . n 
A 1 22  ALA 22  46  46  ALA ALA A . n 
A 1 23  VAL 23  47  47  VAL VAL A . n 
A 1 24  MSE 24  48  48  MSE MSE A . n 
A 1 25  GLU 25  49  49  GLU GLU A . n 
A 1 26  ILE 26  50  50  ILE ILE A . n 
A 1 27  MSE 27  51  51  MSE MSE A . n 
A 1 28  THR 28  52  52  THR THR A . n 
A 1 29  LYS 29  53  53  LYS LYS A . n 
A 1 30  THR 30  54  54  THR THR A . n 
A 1 31  ILE 31  55  55  ILE ILE A . n 
A 1 32  GLU 32  56  56  GLU GLU A . n 
A 1 33  TYR 33  57  57  TYR TYR A . n 
A 1 34  LEU 34  58  58  LEU LEU A . n 
A 1 35  GLN 35  59  59  GLN GLN A . n 
A 1 36  PRO 36  60  60  PRO PRO A . n 
A 1 37  ASN 37  61  61  ASN ASN A . n 
A 1 38  PRO 38  62  62  PRO PRO A . n 
A 1 39  ALA 39  63  63  ALA ALA A . n 
A 1 40  SER 40  64  64  SER SER A . n 
A 1 41  ARG 41  65  65  ARG ARG A . n 
A 1 42  ALA 42  66  66  ALA ALA A . n 
A 1 43  LYS 43  67  67  LYS LYS A . n 
A 1 44  PRO 44  87  87  PRO PRO A . n 
A 1 45  GLN 45  88  88  GLN GLN A . n 
A 1 46  ALA 46  89  89  ALA ALA A . n 
A 1 47  GLU 47  90  90  GLU GLU A . n 
A 1 48  ALA 48  91  91  ALA ALA A . n 
A 1 49  LEU 49  92  92  LEU LEU A . n 
A 1 50  LEU 50  93  93  LEU LEU A . n 
A 1 51  ALA 51  94  94  ALA ALA A . n 
A 1 52  GLU 52  95  95  GLU GLU A . n 
A 1 53  ALA 53  96  96  ALA ALA A . n 
A 1 54  MSE 54  97  97  MSE MSE A . n 
A 1 55  LEU 55  98  98  LEU LEU A . n 
A 1 56  LYS 56  99  99  LYS LYS A . n 
A 1 57  PHE 57  100 100 PHE PHE A . n 
A 1 58  GLY 58  101 101 GLY GLY A . n 
A 1 59  ARG 59  102 102 ARG ARG A . n 
A 1 60  GLU 60  103 103 GLU GLU A . n 
A 1 61  LEU 61  104 104 LEU LEU A . n 
A 1 62  GLY 62  105 105 GLY GLY A . n 
A 1 63  ASP 63  106 106 ASP ASP A . n 
A 1 64  ASP 64  107 107 ASP ASP A . n 
A 1 65  CYS 65  108 108 CYS CYS A . n 
A 1 66  ASN 66  109 109 ASN ASN A . n 
A 1 67  PHE 67  110 110 PHE PHE A . n 
A 1 68  GLY 68  111 111 GLY GLY A . n 
A 1 69  PRO 69  112 112 PRO PRO A . n 
A 1 70  ALA 70  113 113 ALA ALA A . n 
A 1 71  LEU 71  114 114 LEU LEU A . n 
A 1 72  GLY 72  115 115 GLY GLY A . n 
A 1 73  GLU 73  116 116 GLU GLU A . n 
A 1 74  VAL 74  117 117 VAL VAL A . n 
A 1 75  GLY 75  118 118 GLY GLY A . n 
A 1 76  GLU 76  119 119 GLU GLU A . n 
A 1 77  ALA 77  120 120 ALA ALA A . n 
A 1 78  MSE 78  121 121 MSE MSE A . n 
A 1 79  ARG 79  122 122 ARG ARG A . n 
A 1 80  GLU 80  123 123 GLU GLU A . n 
A 1 81  LEU 81  124 124 LEU LEU A . n 
A 1 82  SER 82  125 125 SER SER A . n 
A 1 83  GLU 83  126 126 GLU GLU A . n 
A 1 84  VAL 84  127 127 VAL VAL A . n 
A 1 85  LYS 85  128 128 LYS LYS A . n 
A 1 86  ASP 86  129 129 ASP ASP A . n 
A 1 87  SER 87  130 130 SER SER A . n 
A 1 88  LEU 88  131 131 LEU LEU A . n 
A 1 89  ASP 89  132 132 ASP ASP A . n 
A 1 90  MSE 90  133 133 MSE MSE A . n 
A 1 91  GLU 91  134 134 GLU GLU A . n 
A 1 92  VAL 92  135 135 VAL VAL A . n 
A 1 93  LYS 93  136 136 LYS LYS A . n 
A 1 94  GLN 94  137 137 GLN GLN A . n 
A 1 95  ASN 95  138 138 ASN ASN A . n 
A 1 96  PHE 96  139 139 PHE PHE A . n 
A 1 97  ILE 97  140 140 ILE ILE A . n 
A 1 98  ASP 98  141 141 ASP ASP A . n 
A 1 99  PRO 99  142 142 PRO PRO A . n 
A 1 100 LEU 100 143 143 LEU LEU A . n 
A 1 101 GLN 101 144 144 GLN GLN A . n 
A 1 102 ASN 102 145 145 ASN ASN A . n 
A 1 103 LEU 103 146 146 LEU LEU A . n 
A 1 104 HIS 104 147 147 HIS HIS A . n 
A 1 105 ASP 105 148 148 ASP ASP A . n 
A 1 106 LYS 106 149 149 LYS LYS A . n 
A 1 107 ASP 107 150 150 ASP ASP A . n 
A 1 108 LEU 108 151 151 LEU LEU A . n 
A 1 109 ARG 109 152 152 ARG ARG A . n 
A 1 110 GLU 110 153 153 GLU GLU A . n 
A 1 111 ILE 111 154 154 ILE ILE A . n 
A 1 112 GLN 112 155 155 GLN GLN A . n 
A 1 113 HIS 113 156 156 HIS HIS A . n 
A 1 114 HIS 114 157 157 HIS HIS A . n 
A 1 115 LEU 115 158 158 LEU LEU A . n 
A 1 116 LYS 116 159 159 LYS LYS A . n 
A 1 117 LYS 117 160 160 LYS LYS A . n 
A 1 118 LEU 118 161 161 LEU LEU A . n 
A 1 119 GLU 119 162 162 GLU GLU A . n 
A 1 120 GLY 120 163 163 GLY GLY A . n 
A 1 121 ARG 121 164 164 ARG ARG A . n 
A 1 122 ARG 122 165 165 ARG ARG A . n 
A 1 123 LEU 123 166 166 LEU LEU A . n 
A 1 124 ASP 124 167 167 ASP ASP A . n 
A 1 125 PHE 125 168 168 PHE PHE A . n 
A 1 126 ASP 126 169 169 ASP ASP A . n 
A 1 127 TYR 127 170 170 TYR TYR A . n 
A 1 128 LYS 128 171 171 LYS LYS A . n 
A 1 129 LYS 129 172 172 LYS LYS A . n 
A 1 130 LYS 130 173 173 LYS LYS A . n 
A 1 131 ARG 131 174 174 ARG ARG A . n 
A 1 132 GLN 132 175 175 GLN GLN A . n 
A 1 133 GLY 133 176 176 GLY GLY A . n 
A 1 134 LYS 134 177 177 LYS LYS A . n 
A 1 135 ILE 135 178 178 ILE ILE A . n 
A 1 136 PRO 136 179 179 PRO PRO A . n 
A 1 137 ASP 137 180 180 ASP ASP A . n 
A 1 138 GLU 138 181 181 GLU GLU A . n 
A 1 139 GLU 139 182 182 GLU GLU A . n 
A 1 140 LEU 140 183 183 LEU LEU A . n 
A 1 141 ARG 141 184 184 ARG ARG A . n 
A 1 142 GLN 142 185 185 GLN GLN A . n 
A 1 143 ALA 143 186 186 ALA ALA A . n 
A 1 144 LEU 144 187 187 LEU LEU A . n 
A 1 145 GLU 145 188 188 GLU GLU A . n 
A 1 146 LYS 146 189 189 LYS LYS A . n 
A 1 147 PHE 147 190 190 PHE PHE A . n 
A 1 148 ASP 148 191 191 ASP ASP A . n 
A 1 149 GLU 149 192 192 GLU GLU A . n 
A 1 150 SER 150 193 193 SER SER A . n 
A 1 151 LYS 151 194 194 LYS LYS A . n 
A 1 152 GLU 152 195 195 GLU GLU A . n 
A 1 153 ILE 153 196 196 ILE ILE A . n 
A 1 154 ALA 154 197 197 ALA ALA A . n 
A 1 155 GLU 155 198 198 GLU GLU A . n 
A 1 156 SER 156 199 199 SER SER A . n 
A 1 157 SER 157 200 200 SER SER A . n 
A 1 158 MSE 158 201 201 MSE MSE A . n 
A 1 159 PHE 159 202 202 PHE PHE A . n 
A 1 160 ASN 160 203 203 ASN ASN A . n 
A 1 161 LEU 161 204 204 LEU LEU A . n 
A 1 162 LEU 162 205 205 LEU LEU A . n 
A 1 163 GLU 163 206 206 GLU GLU A . n 
A 1 164 MSE 164 207 207 MSE MSE A . n 
A 1 165 ASP 165 208 208 ASP ASP A . n 
A 1 166 ILE 166 209 209 ILE ILE A . n 
A 1 167 GLU 167 210 210 GLU GLU A . n 
A 1 168 GLN 168 211 211 GLN GLN A . n 
A 1 169 VAL 169 212 212 VAL VAL A . n 
A 1 170 SER 170 213 213 SER SER A . n 
A 1 171 GLN 171 214 214 GLN GLN A . n 
A 1 172 LEU 172 215 215 LEU LEU A . n 
A 1 173 SER 173 216 216 SER SER A . n 
A 1 174 ALA 174 217 217 ALA ALA A . n 
A 1 175 LEU 175 218 218 LEU LEU A . n 
A 1 176 VAL 176 219 219 VAL VAL A . n 
A 1 177 GLN 177 220 220 GLN GLN A . n 
A 1 178 ALA 178 221 221 ALA ALA A . n 
A 1 179 GLN 179 222 222 GLN GLN A . n 
A 1 180 LEU 180 223 223 LEU LEU A . n 
A 1 181 GLU 181 224 224 GLU GLU A . n 
A 1 182 TYR 182 225 225 TYR TYR A . n 
A 1 183 HIS 183 226 226 HIS HIS A . n 
A 1 184 LYS 184 227 227 LYS LYS A . n 
A 1 185 GLN 185 228 228 GLN GLN A . n 
A 1 186 ALA 186 229 229 ALA ALA A . n 
A 1 187 VAL 187 230 230 VAL VAL A . n 
A 1 188 GLN 188 231 231 GLN GLN A . n 
A 1 189 ILE 189 232 232 ILE ILE A . n 
A 1 190 LEU 190 233 233 LEU LEU A . n 
A 1 191 GLN 191 234 234 GLN GLN A . n 
A 1 192 GLN 192 235 235 GLN GLN A . n 
A 1 193 VAL 193 236 236 VAL VAL A . n 
A 1 194 THR 194 237 237 THR THR A . n 
A 1 195 VAL 195 238 238 VAL VAL A . n 
A 1 196 ARG 196 239 239 ARG ARG A . n 
A 1 197 LEU 197 240 240 LEU LEU A . n 
A 1 198 GLU 198 241 241 GLU GLU A . n 
A 1 199 GLU 199 242 242 GLU GLU A . n 
A 1 200 ARG 200 243 243 ARG ARG A . n 
A 1 201 ILE 201 244 244 ILE ILE A . n 
A 1 202 ARG 202 245 245 ARG ARG A . n 
A 1 203 GLN 203 246 246 GLN GLN A . n 
A 1 204 ALA 204 247 247 ALA ALA A . n 
# 
loop_
_software.name 
_software.classification 
_software.version 
_software.citation_id 
_software.pdbx_ordinal 
_software.date 
_software.type 
_software.location 
_software.language 
REFMAC refinement       5.2.0005 ? 1 ? ? ? ? 
MOSFLM 'data reduction' .        ? 2 ? ? ? ? 
SCALA  'data scaling'   .        ? 3 ? ? ? ? 
SHARP  phasing          .        ? 4 ? ? ? ? 
# 
_cell.entry_id           2C08 
_cell.length_a           126.578 
_cell.length_b           126.578 
_cell.length_c           101.226 
_cell.angle_alpha        90.00 
_cell.angle_beta         90.00 
_cell.angle_gamma        90.00 
_cell.Z_PDB              8 
_cell.pdbx_unique_axis   ? 
# 
_symmetry.entry_id                         2C08 
_symmetry.space_group_name_H-M             'I 41' 
_symmetry.pdbx_full_space_group_name_H-M   ? 
_symmetry.cell_setting                     ? 
_symmetry.Int_Tables_number                80 
# 
_exptl.entry_id          2C08 
_exptl.method            'X-RAY DIFFRACTION' 
_exptl.crystals_number   1 
# 
_exptl_crystal.id                    1 
_exptl_crystal.density_meas          ? 
_exptl_crystal.density_Matthews      8.76 
_exptl_crystal.density_percent_sol   85.85 
_exptl_crystal.description           ? 
_exptl_crystal.preparation           ? 
# 
_exptl_crystal_grow.crystal_id      1 
_exptl_crystal_grow.method          ? 
_exptl_crystal_grow.temp            277 
_exptl_crystal_grow.temp_details    ? 
_exptl_crystal_grow.pH              8.00 
_exptl_crystal_grow.pdbx_pH_range   ? 
_exptl_crystal_grow.pdbx_details    
'25% BUTANE-1,4-DIOL, 100MM TRIS PH 8.0,4DEGC, CRYOPROTECTED IN 40% BUTANE-1,4-DIOL, 25% ETHYLENE GLYCOL' 
# 
_diffrn.id                               1 
_diffrn.ambient_temp                     100.0 
_diffrn.ambient_temp_details             ? 
_diffrn.crystal_id                       1 
_diffrn.pdbx_serial_crystal_experiment   ? 
# 
_diffrn_detector.diffrn_id              1 
_diffrn_detector.detector               CCD 
_diffrn_detector.type                   'ADSC CCD' 
_diffrn_detector.pdbx_collection_date   2004-11-05 
_diffrn_detector.details                ? 
# 
_diffrn_radiation.diffrn_id                        1 
_diffrn_radiation.wavelength_id                    1 
_diffrn_radiation.pdbx_monochromatic_or_laue_m_l   M 
_diffrn_radiation.monochromator                    ? 
_diffrn_radiation.pdbx_diffrn_protocol             MAD 
_diffrn_radiation.pdbx_scattering_type             x-ray 
# 
_diffrn_radiation_wavelength.id           1 
_diffrn_radiation_wavelength.wavelength   0.98 
_diffrn_radiation_wavelength.wt           1.0 
# 
_diffrn_source.diffrn_id                   1 
_diffrn_source.source                      SYNCHROTRON 
_diffrn_source.type                        'ESRF BEAMLINE ID29' 
_diffrn_source.pdbx_synchrotron_site       ESRF 
_diffrn_source.pdbx_synchrotron_beamline   ID29 
_diffrn_source.pdbx_wavelength             0.98 
_diffrn_source.pdbx_wavelength_list        ? 
# 
_reflns.pdbx_diffrn_id               1 
_reflns.pdbx_ordinal                 1 
_reflns.entry_id                     2C08 
_reflns.observed_criterion_sigma_I   6.000 
_reflns.observed_criterion_sigma_F   ? 
_reflns.d_resolution_low             44.000 
_reflns.d_resolution_high            2.900 
_reflns.number_obs                   393336 
_reflns.number_all                   ? 
_reflns.percent_possible_obs         99.9 
_reflns.pdbx_Rmerge_I_obs            0.16000 
_reflns.pdbx_Rsym_value              ? 
_reflns.pdbx_netI_over_sigmaI        19.8000 
_reflns.B_iso_Wilson_estimate        ? 
_reflns.pdbx_redundancy              22.100 
# 
_reflns_shell.pdbx_diffrn_id         1 
_reflns_shell.pdbx_ordinal           1 
_reflns_shell.d_res_high             2.90 
_reflns_shell.d_res_low              3.06 
_reflns_shell.percent_possible_all   100.0 
_reflns_shell.Rmerge_I_obs           0.95000 
_reflns_shell.pdbx_Rsym_value        ? 
_reflns_shell.meanI_over_sigI_obs    3.600 
_reflns_shell.pdbx_redundancy        22.30 
# 
_refine.pdbx_refine_id                           'X-RAY DIFFRACTION' 
_refine.entry_id                                 2C08 
_refine.pdbx_diffrn_id                           1 
_refine.pdbx_TLS_residual_ADP_flag               ? 
_refine.ls_number_reflns_obs                     16875 
_refine.ls_number_reflns_all                     ? 
_refine.pdbx_ls_sigma_I                          ? 
_refine.pdbx_ls_sigma_F                          ? 
_refine.pdbx_data_cutoff_high_absF               ? 
_refine.pdbx_data_cutoff_low_absF                ? 
_refine.pdbx_data_cutoff_high_rms_absF           ? 
_refine.ls_d_res_low                             89.44 
_refine.ls_d_res_high                            2.90 
_refine.ls_percent_reflns_obs                    99.9 
_refine.ls_R_factor_obs                          0.280 
_refine.ls_R_factor_all                          ? 
_refine.ls_R_factor_R_work                       0.279 
_refine.ls_R_factor_R_free                       0.295 
_refine.ls_R_factor_R_free_error                 ? 
_refine.ls_R_factor_R_free_error_details         ? 
_refine.ls_percent_reflns_R_free                 5.100 
_refine.ls_number_reflns_R_free                  904 
_refine.ls_number_parameters                     ? 
_refine.ls_number_restraints                     ? 
_refine.occupancy_min                            ? 
_refine.occupancy_max                            ? 
_refine.correlation_coeff_Fo_to_Fc               0.881 
_refine.correlation_coeff_Fo_to_Fc_free          0.861 
_refine.B_iso_mean                               59.79 
_refine.aniso_B[1][1]                            0.32000 
_refine.aniso_B[2][2]                            0.32000 
_refine.aniso_B[3][3]                            -0.65000 
_refine.aniso_B[1][2]                            0.00000 
_refine.aniso_B[1][3]                            0.00000 
_refine.aniso_B[2][3]                            0.00000 
_refine.solvent_model_details                    MASK 
_refine.solvent_model_param_ksol                 ? 
_refine.solvent_model_param_bsol                 ? 
_refine.pdbx_solvent_vdw_probe_radii             1.20 
_refine.pdbx_solvent_ion_probe_radii             0.80 
_refine.pdbx_solvent_shrinkage_radii             0.80 
_refine.pdbx_ls_cross_valid_method               THROUGHOUT 
_refine.details                                  'HYDROGENS HAVE BEEN ADDED IN THE RIDING POSITIONS.' 
_refine.pdbx_starting_model                      ? 
_refine.pdbx_method_to_determine_struct          MAD 
_refine.pdbx_isotropic_thermal_model             ? 
_refine.pdbx_stereochemistry_target_values       'MAXIMUM LIKELIHOODWITH PHASES' 
_refine.pdbx_stereochem_target_val_spec_case     ? 
_refine.pdbx_R_Free_selection_details            RANDOM 
_refine.pdbx_overall_ESU_R                       0.330 
_refine.pdbx_overall_ESU_R_Free                  0.273 
_refine.overall_SU_ML                            0.228 
_refine.pdbx_overall_phase_error                 ? 
_refine.overall_SU_B                             12.411 
_refine.overall_SU_R_Cruickshank_DPI             ? 
_refine.pdbx_overall_SU_R_free_Cruickshank_DPI   ? 
_refine.pdbx_overall_SU_R_Blow_DPI               ? 
_refine.pdbx_overall_SU_R_free_Blow_DPI          ? 
# 
_refine_hist.pdbx_refine_id                   'X-RAY DIFFRACTION' 
_refine_hist.cycle_id                         LAST 
_refine_hist.pdbx_number_atoms_protein        1653 
_refine_hist.pdbx_number_atoms_nucleic_acid   0 
_refine_hist.pdbx_number_atoms_ligand         0 
_refine_hist.number_atoms_solvent             0 
_refine_hist.number_atoms_total               1653 
_refine_hist.d_res_high                       2.90 
_refine_hist.d_res_low                        89.44 
# 
loop_
_refine_ls_restr.type 
_refine_ls_restr.dev_ideal 
_refine_ls_restr.dev_ideal_target 
_refine_ls_restr.weight 
_refine_ls_restr.number 
_refine_ls_restr.pdbx_refine_id 
_refine_ls_restr.pdbx_restraint_function 
r_bond_refined_d             0.020  0.023  ? 1820 'X-RAY DIFFRACTION' ? 
r_bond_other_d               ?      ?      ? ?    'X-RAY DIFFRACTION' ? 
r_angle_refined_deg          0.956  1.985  ? 2234 'X-RAY DIFFRACTION' ? 
r_angle_other_deg            ?      ?      ? ?    'X-RAY DIFFRACTION' ? 
r_dihedral_angle_1_deg       4.461  5.000  ? 202  'X-RAY DIFFRACTION' ? 
r_dihedral_angle_2_deg       35.810 25.556 ? 90   'X-RAY DIFFRACTION' ? 
r_dihedral_angle_3_deg       17.836 15.000 ? 346  'X-RAY DIFFRACTION' ? 
r_dihedral_angle_4_deg       14.325 15.000 ? 13   'X-RAY DIFFRACTION' ? 
r_chiral_restr               0.072  0.200  ? 245  'X-RAY DIFFRACTION' ? 
r_gen_planes_refined         0.003  0.020  ? 1242 'X-RAY DIFFRACTION' ? 
r_gen_planes_other           ?      ?      ? ?    'X-RAY DIFFRACTION' ? 
r_nbd_refined                0.235  0.200  ? 708  'X-RAY DIFFRACTION' ? 
r_nbd_other                  ?      ?      ? ?    'X-RAY DIFFRACTION' ? 
r_nbtor_refined              0.293  0.200  ? 1169 'X-RAY DIFFRACTION' ? 
r_nbtor_other                ?      ?      ? ?    'X-RAY DIFFRACTION' ? 
r_xyhbond_nbd_refined        0.128  0.200  ? 23   'X-RAY DIFFRACTION' ? 
r_xyhbond_nbd_other          ?      ?      ? ?    'X-RAY DIFFRACTION' ? 
r_metal_ion_refined          ?      ?      ? ?    'X-RAY DIFFRACTION' ? 
r_metal_ion_other            ?      ?      ? ?    'X-RAY DIFFRACTION' ? 
r_symmetry_vdw_refined       0.172  0.200  ? 53   'X-RAY DIFFRACTION' ? 
r_symmetry_vdw_other         ?      ?      ? ?    'X-RAY DIFFRACTION' ? 
r_symmetry_hbond_refined     0.080  0.200  ? 4    'X-RAY DIFFRACTION' ? 
r_symmetry_hbond_other       ?      ?      ? ?    'X-RAY DIFFRACTION' ? 
r_symmetry_metal_ion_refined ?      ?      ? ?    'X-RAY DIFFRACTION' ? 
r_symmetry_metal_ion_other   ?      ?      ? ?    'X-RAY DIFFRACTION' ? 
r_mcbond_it                  0.595  1.500  ? 1193 'X-RAY DIFFRACTION' ? 
r_mcbond_other               ?      ?      ? ?    'X-RAY DIFFRACTION' ? 
r_mcangle_it                 0.696  2.000  ? 1629 'X-RAY DIFFRACTION' ? 
r_mcangle_other              ?      ?      ? ?    'X-RAY DIFFRACTION' ? 
r_scbond_it                  1.239  3.000  ? 675  'X-RAY DIFFRACTION' ? 
r_scbond_other               ?      ?      ? ?    'X-RAY DIFFRACTION' ? 
r_scangle_it                 1.833  4.500  ? 605  'X-RAY DIFFRACTION' ? 
r_scangle_other              ?      ?      ? ?    'X-RAY DIFFRACTION' ? 
r_long_range_B_refined       ?      ?      ? ?    'X-RAY DIFFRACTION' ? 
r_long_range_B_other         ?      ?      ? ?    'X-RAY DIFFRACTION' ? 
r_rigid_bond_restr           ?      ?      ? ?    'X-RAY DIFFRACTION' ? 
r_sphericity_free            ?      ?      ? ?    'X-RAY DIFFRACTION' ? 
r_sphericity_bonded          ?      ?      ? ?    'X-RAY DIFFRACTION' ? 
# 
_refine_ls_shell.pdbx_refine_id                   'X-RAY DIFFRACTION' 
_refine_ls_shell.pdbx_total_number_of_bins_used   20 
_refine_ls_shell.d_res_high                       2.90 
_refine_ls_shell.d_res_low                        2.98 
_refine_ls_shell.number_reflns_R_work             1235 
_refine_ls_shell.R_factor_R_work                  0.3610 
_refine_ls_shell.percent_reflns_obs               ? 
_refine_ls_shell.R_factor_R_free                  0.3380 
_refine_ls_shell.R_factor_R_free_error            ? 
_refine_ls_shell.percent_reflns_R_free            ? 
_refine_ls_shell.number_reflns_R_free             65 
_refine_ls_shell.number_reflns_all                ? 
_refine_ls_shell.R_factor_all                     ? 
# 
_struct.entry_id                  2C08 
_struct.title                     'Rat endophilin A1 BAR domain' 
_struct.pdbx_model_details        ? 
_struct.pdbx_CASP_flag            ? 
_struct.pdbx_model_type_details   ? 
# 
_struct_keywords.entry_id        2C08 
_struct_keywords.pdbx_keywords   TRANSFERASE 
_struct_keywords.text            
;ENDOCYTOSIS, BAR DOMAIN, MEMBRANE CURVATURE, SH3 DOMAIN, ACYLTRANSFERASE, COILED COIL, LIPID-BINDING, MULTIGENE FAMILY, PHOSPHORYLATION, TRANSFERASE
;
# 
_struct_asym.id                            A 
_struct_asym.pdbx_blank_PDB_chainid_flag   N 
_struct_asym.pdbx_modified                 N 
_struct_asym.entity_id                     1 
_struct_asym.details                       ? 
# 
loop_
_struct_ref.id 
_struct_ref.db_name 
_struct_ref.db_code 
_struct_ref.entity_id 
_struct_ref.pdbx_seq_one_letter_code 
_struct_ref.pdbx_align_begin 
_struct_ref.pdbx_db_accession 
_struct_ref.pdbx_db_isoform 
1 PDB 2C08      1 ? ? 2C08   ? 
2 UNP SH3G2_RAT 1 ? ? O35179 ? 
# 
loop_
_struct_ref_seq.align_id 
_struct_ref_seq.ref_id 
_struct_ref_seq.pdbx_PDB_id_code 
_struct_ref_seq.pdbx_strand_id 
_struct_ref_seq.seq_align_beg 
_struct_ref_seq.pdbx_seq_align_beg_ins_code 
_struct_ref_seq.seq_align_end 
_struct_ref_seq.pdbx_seq_align_end_ins_code 
_struct_ref_seq.pdbx_db_accession 
_struct_ref_seq.db_align_beg 
_struct_ref_seq.pdbx_db_align_beg_ins_code 
_struct_ref_seq.db_align_end 
_struct_ref_seq.pdbx_db_align_end_ins_code 
_struct_ref_seq.pdbx_auth_seq_align_beg 
_struct_ref_seq.pdbx_auth_seq_align_end 
1 1 2C08 A 1  ? 43  ? 2C08   25 ? 67  ? 25  67  
2 1 2C08 A 44 ? 61  ? 2C08   87 ? 104 ? 87  104 
3 2 2C08 A 62 ? 204 ? O35179 1  ? 143 ? 105 247 
# 
_pdbx_struct_assembly.id                   1 
_pdbx_struct_assembly.details              author_and_software_defined_assembly 
_pdbx_struct_assembly.method_details       PQS 
_pdbx_struct_assembly.oligomeric_details   dimeric 
_pdbx_struct_assembly.oligomeric_count     2 
# 
_pdbx_struct_assembly_gen.assembly_id       1 
_pdbx_struct_assembly_gen.oper_expression   1,2 
_pdbx_struct_assembly_gen.asym_id_list      A 
# 
loop_
_pdbx_struct_oper_list.id 
_pdbx_struct_oper_list.type 
_pdbx_struct_oper_list.name 
_pdbx_struct_oper_list.symmetry_operation 
_pdbx_struct_oper_list.matrix[1][1] 
_pdbx_struct_oper_list.matrix[1][2] 
_pdbx_struct_oper_list.matrix[1][3] 
_pdbx_struct_oper_list.vector[1] 
_pdbx_struct_oper_list.matrix[2][1] 
_pdbx_struct_oper_list.matrix[2][2] 
_pdbx_struct_oper_list.matrix[2][3] 
_pdbx_struct_oper_list.vector[2] 
_pdbx_struct_oper_list.matrix[3][1] 
_pdbx_struct_oper_list.matrix[3][2] 
_pdbx_struct_oper_list.matrix[3][3] 
_pdbx_struct_oper_list.vector[3] 
1 'identity operation'         1_555 x,y,z       1.0000000000  0.0000000000  0.0000000000 0.0000000000  0.0000000000  1.0000000000  0.0000000000  0.0000000000  0.0000000000 0.0000000000  1.0000000000 0.0000000000  
2 'crystal symmetry operation' 6_665 -x+1,-y+1,z -0.9879080226 -0.0195514485 0.1538033803 29.1849111957 -0.0195514485 -0.9683873759 -0.2486837973 17.5304450495 0.1538033803 -0.2486837973 0.9562953985 -0.0660433749 
# 
loop_
_struct_conf.conf_type_id 
_struct_conf.id 
_struct_conf.pdbx_PDB_helix_id 
_struct_conf.beg_label_comp_id 
_struct_conf.beg_label_asym_id 
_struct_conf.beg_label_seq_id 
_struct_conf.pdbx_beg_PDB_ins_code 
_struct_conf.end_label_comp_id 
_struct_conf.end_label_asym_id 
_struct_conf.end_label_seq_id 
_struct_conf.pdbx_end_PDB_ins_code 
_struct_conf.beg_auth_comp_id 
_struct_conf.beg_auth_asym_id 
_struct_conf.beg_auth_seq_id 
_struct_conf.end_auth_comp_id 
_struct_conf.end_auth_asym_id 
_struct_conf.end_auth_seq_id 
_struct_conf.pdbx_PDB_helix_class 
_struct_conf.details 
_struct_conf.pdbx_PDB_helix_length 
HELX_P HELX_P1 1 ASP A 6   ? GLN A 35  ? ASP A 30  GLN A 59  1 ? 30 
HELX_P HELX_P2 2 ASN A 37  ? ARG A 41  ? ASN A 61  ARG A 65  5 ? 5  
HELX_P HELX_P3 3 GLN A 45  ? GLY A 62  ? GLN A 88  GLY A 105 1 ? 18 
HELX_P HELX_P4 4 ASN A 66  ? PHE A 96  ? ASN A 109 PHE A 139 1 ? 31 
HELX_P HELX_P5 5 PHE A 96  ? ARG A 131 ? PHE A 139 ARG A 174 1 ? 36 
HELX_P HELX_P6 6 PRO A 136 ? GLU A 163 ? PRO A 179 GLU A 206 1 ? 28 
HELX_P HELX_P7 7 MSE A 164 ? GLN A 203 ? MSE A 207 GLN A 246 1 ? 40 
# 
_struct_conf_type.id          HELX_P 
_struct_conf_type.criteria    ? 
_struct_conf_type.reference   ? 
# 
loop_
_struct_conn.id 
_struct_conn.conn_type_id 
_struct_conn.pdbx_leaving_atom_flag 
_struct_conn.pdbx_PDB_id 
_struct_conn.ptnr1_label_asym_id 
_struct_conn.ptnr1_label_comp_id 
_struct_conn.ptnr1_label_seq_id 
_struct_conn.ptnr1_label_atom_id 
_struct_conn.pdbx_ptnr1_label_alt_id 
_struct_conn.pdbx_ptnr1_PDB_ins_code 
_struct_conn.pdbx_ptnr1_standard_comp_id 
_struct_conn.ptnr1_symmetry 
_struct_conn.ptnr2_label_asym_id 
_struct_conn.ptnr2_label_comp_id 
_struct_conn.ptnr2_label_seq_id 
_struct_conn.ptnr2_label_atom_id 
_struct_conn.pdbx_ptnr2_label_alt_id 
_struct_conn.pdbx_ptnr2_PDB_ins_code 
_struct_conn.ptnr1_auth_asym_id 
_struct_conn.ptnr1_auth_comp_id 
_struct_conn.ptnr1_auth_seq_id 
_struct_conn.ptnr2_auth_asym_id 
_struct_conn.ptnr2_auth_comp_id 
_struct_conn.ptnr2_auth_seq_id 
_struct_conn.ptnr2_symmetry 
_struct_conn.pdbx_ptnr3_label_atom_id 
_struct_conn.pdbx_ptnr3_label_seq_id 
_struct_conn.pdbx_ptnr3_label_comp_id 
_struct_conn.pdbx_ptnr3_label_asym_id 
_struct_conn.pdbx_ptnr3_label_alt_id 
_struct_conn.pdbx_ptnr3_PDB_ins_code 
_struct_conn.details 
_struct_conn.pdbx_dist_value 
_struct_conn.pdbx_value_order 
_struct_conn.pdbx_role 
covale1  covale both ? A GLU 11  C ? ? ? 1_555 A MSE 12  N ? ? A GLU 35  A MSE 36  1_555 ? ? ? ? ? ? ? 1.327 ? ? 
covale2  covale both ? A MSE 12  C ? ? ? 1_555 A GLU 13  N ? ? A MSE 36  A GLU 37  1_555 ? ? ? ? ? ? ? 1.334 ? ? 
covale3  covale both ? A VAL 23  C ? ? ? 1_555 A MSE 24  N ? ? A VAL 47  A MSE 48  1_555 ? ? ? ? ? ? ? 1.334 ? ? 
covale4  covale both ? A MSE 24  C ? ? ? 1_555 A GLU 25  N ? ? A MSE 48  A GLU 49  1_555 ? ? ? ? ? ? ? 1.332 ? ? 
covale5  covale both ? A ILE 26  C ? ? ? 1_555 A MSE 27  N ? ? A ILE 50  A MSE 51  1_555 ? ? ? ? ? ? ? 1.329 ? ? 
covale6  covale both ? A MSE 27  C ? ? ? 1_555 A THR 28  N ? ? A MSE 51  A THR 52  1_555 ? ? ? ? ? ? ? 1.335 ? ? 
covale7  covale both ? A ALA 53  C ? ? ? 1_555 A MSE 54  N ? ? A ALA 96  A MSE 97  1_555 ? ? ? ? ? ? ? 1.331 ? ? 
covale8  covale both ? A MSE 54  C ? ? ? 1_555 A LEU 55  N ? ? A MSE 97  A LEU 98  1_555 ? ? ? ? ? ? ? 1.330 ? ? 
covale9  covale both ? A ALA 77  C ? ? ? 1_555 A MSE 78  N ? ? A ALA 120 A MSE 121 1_555 ? ? ? ? ? ? ? 1.336 ? ? 
covale10 covale both ? A MSE 78  C ? ? ? 1_555 A ARG 79  N ? ? A MSE 121 A ARG 122 1_555 ? ? ? ? ? ? ? 1.333 ? ? 
covale11 covale both ? A ASP 89  C ? ? ? 1_555 A MSE 90  N ? ? A ASP 132 A MSE 133 1_555 ? ? ? ? ? ? ? 1.335 ? ? 
covale12 covale both ? A MSE 90  C ? ? ? 1_555 A GLU 91  N ? ? A MSE 133 A GLU 134 1_555 ? ? ? ? ? ? ? 1.330 ? ? 
covale13 covale both ? A SER 157 C ? ? ? 1_555 A MSE 158 N ? ? A SER 200 A MSE 201 1_555 ? ? ? ? ? ? ? 1.330 ? ? 
covale14 covale both ? A MSE 158 C ? ? ? 1_555 A PHE 159 N ? ? A MSE 201 A PHE 202 1_555 ? ? ? ? ? ? ? 1.330 ? ? 
covale15 covale both ? A GLU 163 C ? ? ? 1_555 A MSE 164 N ? ? A GLU 206 A MSE 207 1_555 ? ? ? ? ? ? ? 1.338 ? ? 
covale16 covale both ? A MSE 164 C ? ? ? 1_555 A ASP 165 N ? ? A MSE 207 A ASP 208 1_555 ? ? ? ? ? ? ? 1.329 ? ? 
# 
_struct_conn_type.id          covale 
_struct_conn_type.criteria    ? 
_struct_conn_type.reference   ? 
# 
loop_
_pdbx_modification_feature.ordinal 
_pdbx_modification_feature.label_comp_id 
_pdbx_modification_feature.label_asym_id 
_pdbx_modification_feature.label_seq_id 
_pdbx_modification_feature.label_alt_id 
_pdbx_modification_feature.modified_residue_label_comp_id 
_pdbx_modification_feature.modified_residue_label_asym_id 
_pdbx_modification_feature.modified_residue_label_seq_id 
_pdbx_modification_feature.modified_residue_label_alt_id 
_pdbx_modification_feature.auth_comp_id 
_pdbx_modification_feature.auth_asym_id 
_pdbx_modification_feature.auth_seq_id 
_pdbx_modification_feature.PDB_ins_code 
_pdbx_modification_feature.symmetry 
_pdbx_modification_feature.modified_residue_auth_comp_id 
_pdbx_modification_feature.modified_residue_auth_asym_id 
_pdbx_modification_feature.modified_residue_auth_seq_id 
_pdbx_modification_feature.modified_residue_PDB_ins_code 
_pdbx_modification_feature.modified_residue_symmetry 
_pdbx_modification_feature.comp_id_linking_atom 
_pdbx_modification_feature.modified_residue_id_linking_atom 
_pdbx_modification_feature.modified_residue_id 
_pdbx_modification_feature.ref_pcm_id 
_pdbx_modification_feature.ref_comp_id 
_pdbx_modification_feature.type 
_pdbx_modification_feature.category 
1 MSE A 12  ? . . . . MSE A 36  ? 1_555 . . . . . . . MET 1 MSE Selenomethionine 'Named protein modification' 
2 MSE A 24  ? . . . . MSE A 48  ? 1_555 . . . . . . . MET 1 MSE Selenomethionine 'Named protein modification' 
3 MSE A 27  ? . . . . MSE A 51  ? 1_555 . . . . . . . MET 1 MSE Selenomethionine 'Named protein modification' 
4 MSE A 54  ? . . . . MSE A 97  ? 1_555 . . . . . . . MET 1 MSE Selenomethionine 'Named protein modification' 
5 MSE A 78  ? . . . . MSE A 121 ? 1_555 . . . . . . . MET 1 MSE Selenomethionine 'Named protein modification' 
6 MSE A 90  ? . . . . MSE A 133 ? 1_555 . . . . . . . MET 1 MSE Selenomethionine 'Named protein modification' 
7 MSE A 158 ? . . . . MSE A 201 ? 1_555 . . . . . . . MET 1 MSE Selenomethionine 'Named protein modification' 
8 MSE A 164 ? . . . . MSE A 207 ? 1_555 . . . . . . . MET 1 MSE Selenomethionine 'Named protein modification' 
# 
_pdbx_entry_details.entry_id                   2C08 
_pdbx_entry_details.compound_details           ? 
_pdbx_entry_details.source_details             ? 
_pdbx_entry_details.nonpolymer_details         ? 
_pdbx_entry_details.sequence_details           
;UNIPROT DOES NOT CURRENTLY HAVE A FULL-LENGTH ENTRY
FOR RAT ENDOPHILIN A1. THE FRAGMENTS FROM 25-104
HAS BEEN MAPPED TO ITSELF AT THE PRESENT TIME DUE
TO A LACK OF AVAILABLE SEQUENCE DATABASE MAPPING
;
_pdbx_entry_details.has_ligand_of_interest     ? 
_pdbx_entry_details.has_protein_modification   Y 
# 
loop_
_pdbx_validate_torsion.id 
_pdbx_validate_torsion.PDB_model_num 
_pdbx_validate_torsion.auth_comp_id 
_pdbx_validate_torsion.auth_asym_id 
_pdbx_validate_torsion.auth_seq_id 
_pdbx_validate_torsion.PDB_ins_code 
_pdbx_validate_torsion.label_alt_id 
_pdbx_validate_torsion.phi 
_pdbx_validate_torsion.psi 
1 1 LYS A 28  ? ? 65.96   120.54  
2 1 SER A 64  ? ? -160.03 71.44   
3 1 ALA A 66  ? ? -54.63  103.70  
4 1 CYS A 108 ? ? -87.22  -156.50 
5 1 PHE A 139 ? ? -134.13 -55.77  
6 1 ASP A 148 ? ? -68.91  -81.39  
7 1 LYS A 149 ? ? -50.24  -79.52  
8 1 ARG A 174 ? ? -91.13  34.64   
# 
_pdbx_validate_polymer_linkage.id               1 
_pdbx_validate_polymer_linkage.PDB_model_num    1 
_pdbx_validate_polymer_linkage.auth_atom_id_1   C 
_pdbx_validate_polymer_linkage.auth_asym_id_1   A 
_pdbx_validate_polymer_linkage.auth_comp_id_1   LYS 
_pdbx_validate_polymer_linkage.auth_seq_id_1    67 
_pdbx_validate_polymer_linkage.PDB_ins_code_1   ? 
_pdbx_validate_polymer_linkage.label_alt_id_1   ? 
_pdbx_validate_polymer_linkage.auth_atom_id_2   N 
_pdbx_validate_polymer_linkage.auth_asym_id_2   A 
_pdbx_validate_polymer_linkage.auth_comp_id_2   PRO 
_pdbx_validate_polymer_linkage.auth_seq_id_2    87 
_pdbx_validate_polymer_linkage.PDB_ins_code_2   ? 
_pdbx_validate_polymer_linkage.label_alt_id_2   ? 
_pdbx_validate_polymer_linkage.dist             12.45 
# 
loop_
_pdbx_struct_mod_residue.id 
_pdbx_struct_mod_residue.label_asym_id 
_pdbx_struct_mod_residue.label_comp_id 
_pdbx_struct_mod_residue.label_seq_id 
_pdbx_struct_mod_residue.auth_asym_id 
_pdbx_struct_mod_residue.auth_comp_id 
_pdbx_struct_mod_residue.auth_seq_id 
_pdbx_struct_mod_residue.PDB_ins_code 
_pdbx_struct_mod_residue.parent_comp_id 
_pdbx_struct_mod_residue.details 
1 A MSE 12  A MSE 36  ? MET SELENOMETHIONINE 
2 A MSE 24  A MSE 48  ? MET SELENOMETHIONINE 
3 A MSE 27  A MSE 51  ? MET SELENOMETHIONINE 
4 A MSE 54  A MSE 97  ? MET SELENOMETHIONINE 
5 A MSE 78  A MSE 121 ? MET SELENOMETHIONINE 
6 A MSE 90  A MSE 133 ? MET SELENOMETHIONINE 
7 A MSE 158 A MSE 201 ? MET SELENOMETHIONINE 
8 A MSE 164 A MSE 207 ? MET SELENOMETHIONINE 
# 
loop_
_chem_comp_atom.comp_id 
_chem_comp_atom.atom_id 
_chem_comp_atom.type_symbol 
_chem_comp_atom.pdbx_aromatic_flag 
_chem_comp_atom.pdbx_stereo_config 
_chem_comp_atom.pdbx_ordinal 
ALA N    N  N N 1   
ALA CA   C  N S 2   
ALA C    C  N N 3   
ALA O    O  N N 4   
ALA CB   C  N N 5   
ALA OXT  O  N N 6   
ALA H    H  N N 7   
ALA H2   H  N N 8   
ALA HA   H  N N 9   
ALA HB1  H  N N 10  
ALA HB2  H  N N 11  
ALA HB3  H  N N 12  
ALA HXT  H  N N 13  
ARG N    N  N N 14  
ARG CA   C  N S 15  
ARG C    C  N N 16  
ARG O    O  N N 17  
ARG CB   C  N N 18  
ARG CG   C  N N 19  
ARG CD   C  N N 20  
ARG NE   N  N N 21  
ARG CZ   C  N N 22  
ARG NH1  N  N N 23  
ARG NH2  N  N N 24  
ARG OXT  O  N N 25  
ARG H    H  N N 26  
ARG H2   H  N N 27  
ARG HA   H  N N 28  
ARG HB2  H  N N 29  
ARG HB3  H  N N 30  
ARG HG2  H  N N 31  
ARG HG3  H  N N 32  
ARG HD2  H  N N 33  
ARG HD3  H  N N 34  
ARG HE   H  N N 35  
ARG HH11 H  N N 36  
ARG HH12 H  N N 37  
ARG HH21 H  N N 38  
ARG HH22 H  N N 39  
ARG HXT  H  N N 40  
ASN N    N  N N 41  
ASN CA   C  N S 42  
ASN C    C  N N 43  
ASN O    O  N N 44  
ASN CB   C  N N 45  
ASN CG   C  N N 46  
ASN OD1  O  N N 47  
ASN ND2  N  N N 48  
ASN OXT  O  N N 49  
ASN H    H  N N 50  
ASN H2   H  N N 51  
ASN HA   H  N N 52  
ASN HB2  H  N N 53  
ASN HB3  H  N N 54  
ASN HD21 H  N N 55  
ASN HD22 H  N N 56  
ASN HXT  H  N N 57  
ASP N    N  N N 58  
ASP CA   C  N S 59  
ASP C    C  N N 60  
ASP O    O  N N 61  
ASP CB   C  N N 62  
ASP CG   C  N N 63  
ASP OD1  O  N N 64  
ASP OD2  O  N N 65  
ASP OXT  O  N N 66  
ASP H    H  N N 67  
ASP H2   H  N N 68  
ASP HA   H  N N 69  
ASP HB2  H  N N 70  
ASP HB3  H  N N 71  
ASP HD2  H  N N 72  
ASP HXT  H  N N 73  
CYS N    N  N N 74  
CYS CA   C  N R 75  
CYS C    C  N N 76  
CYS O    O  N N 77  
CYS CB   C  N N 78  
CYS SG   S  N N 79  
CYS OXT  O  N N 80  
CYS H    H  N N 81  
CYS H2   H  N N 82  
CYS HA   H  N N 83  
CYS HB2  H  N N 84  
CYS HB3  H  N N 85  
CYS HG   H  N N 86  
CYS HXT  H  N N 87  
GLN N    N  N N 88  
GLN CA   C  N S 89  
GLN C    C  N N 90  
GLN O    O  N N 91  
GLN CB   C  N N 92  
GLN CG   C  N N 93  
GLN CD   C  N N 94  
GLN OE1  O  N N 95  
GLN NE2  N  N N 96  
GLN OXT  O  N N 97  
GLN H    H  N N 98  
GLN H2   H  N N 99  
GLN HA   H  N N 100 
GLN HB2  H  N N 101 
GLN HB3  H  N N 102 
GLN HG2  H  N N 103 
GLN HG3  H  N N 104 
GLN HE21 H  N N 105 
GLN HE22 H  N N 106 
GLN HXT  H  N N 107 
GLU N    N  N N 108 
GLU CA   C  N S 109 
GLU C    C  N N 110 
GLU O    O  N N 111 
GLU CB   C  N N 112 
GLU CG   C  N N 113 
GLU CD   C  N N 114 
GLU OE1  O  N N 115 
GLU OE2  O  N N 116 
GLU OXT  O  N N 117 
GLU H    H  N N 118 
GLU H2   H  N N 119 
GLU HA   H  N N 120 
GLU HB2  H  N N 121 
GLU HB3  H  N N 122 
GLU HG2  H  N N 123 
GLU HG3  H  N N 124 
GLU HE2  H  N N 125 
GLU HXT  H  N N 126 
GLY N    N  N N 127 
GLY CA   C  N N 128 
GLY C    C  N N 129 
GLY O    O  N N 130 
GLY OXT  O  N N 131 
GLY H    H  N N 132 
GLY H2   H  N N 133 
GLY HA2  H  N N 134 
GLY HA3  H  N N 135 
GLY HXT  H  N N 136 
HIS N    N  N N 137 
HIS CA   C  N S 138 
HIS C    C  N N 139 
HIS O    O  N N 140 
HIS CB   C  N N 141 
HIS CG   C  Y N 142 
HIS ND1  N  Y N 143 
HIS CD2  C  Y N 144 
HIS CE1  C  Y N 145 
HIS NE2  N  Y N 146 
HIS OXT  O  N N 147 
HIS H    H  N N 148 
HIS H2   H  N N 149 
HIS HA   H  N N 150 
HIS HB2  H  N N 151 
HIS HB3  H  N N 152 
HIS HD1  H  N N 153 
HIS HD2  H  N N 154 
HIS HE1  H  N N 155 
HIS HE2  H  N N 156 
HIS HXT  H  N N 157 
ILE N    N  N N 158 
ILE CA   C  N S 159 
ILE C    C  N N 160 
ILE O    O  N N 161 
ILE CB   C  N S 162 
ILE CG1  C  N N 163 
ILE CG2  C  N N 164 
ILE CD1  C  N N 165 
ILE OXT  O  N N 166 
ILE H    H  N N 167 
ILE H2   H  N N 168 
ILE HA   H  N N 169 
ILE HB   H  N N 170 
ILE HG12 H  N N 171 
ILE HG13 H  N N 172 
ILE HG21 H  N N 173 
ILE HG22 H  N N 174 
ILE HG23 H  N N 175 
ILE HD11 H  N N 176 
ILE HD12 H  N N 177 
ILE HD13 H  N N 178 
ILE HXT  H  N N 179 
LEU N    N  N N 180 
LEU CA   C  N S 181 
LEU C    C  N N 182 
LEU O    O  N N 183 
LEU CB   C  N N 184 
LEU CG   C  N N 185 
LEU CD1  C  N N 186 
LEU CD2  C  N N 187 
LEU OXT  O  N N 188 
LEU H    H  N N 189 
LEU H2   H  N N 190 
LEU HA   H  N N 191 
LEU HB2  H  N N 192 
LEU HB3  H  N N 193 
LEU HG   H  N N 194 
LEU HD11 H  N N 195 
LEU HD12 H  N N 196 
LEU HD13 H  N N 197 
LEU HD21 H  N N 198 
LEU HD22 H  N N 199 
LEU HD23 H  N N 200 
LEU HXT  H  N N 201 
LYS N    N  N N 202 
LYS CA   C  N S 203 
LYS C    C  N N 204 
LYS O    O  N N 205 
LYS CB   C  N N 206 
LYS CG   C  N N 207 
LYS CD   C  N N 208 
LYS CE   C  N N 209 
LYS NZ   N  N N 210 
LYS OXT  O  N N 211 
LYS H    H  N N 212 
LYS H2   H  N N 213 
LYS HA   H  N N 214 
LYS HB2  H  N N 215 
LYS HB3  H  N N 216 
LYS HG2  H  N N 217 
LYS HG3  H  N N 218 
LYS HD2  H  N N 219 
LYS HD3  H  N N 220 
LYS HE2  H  N N 221 
LYS HE3  H  N N 222 
LYS HZ1  H  N N 223 
LYS HZ2  H  N N 224 
LYS HZ3  H  N N 225 
LYS HXT  H  N N 226 
MSE N    N  N N 227 
MSE CA   C  N S 228 
MSE C    C  N N 229 
MSE O    O  N N 230 
MSE OXT  O  N N 231 
MSE CB   C  N N 232 
MSE CG   C  N N 233 
MSE SE   SE N N 234 
MSE CE   C  N N 235 
MSE H    H  N N 236 
MSE H2   H  N N 237 
MSE HA   H  N N 238 
MSE HXT  H  N N 239 
MSE HB2  H  N N 240 
MSE HB3  H  N N 241 
MSE HG2  H  N N 242 
MSE HG3  H  N N 243 
MSE HE1  H  N N 244 
MSE HE2  H  N N 245 
MSE HE3  H  N N 246 
PHE N    N  N N 247 
PHE CA   C  N S 248 
PHE C    C  N N 249 
PHE O    O  N N 250 
PHE CB   C  N N 251 
PHE CG   C  Y N 252 
PHE CD1  C  Y N 253 
PHE CD2  C  Y N 254 
PHE CE1  C  Y N 255 
PHE CE2  C  Y N 256 
PHE CZ   C  Y N 257 
PHE OXT  O  N N 258 
PHE H    H  N N 259 
PHE H2   H  N N 260 
PHE HA   H  N N 261 
PHE HB2  H  N N 262 
PHE HB3  H  N N 263 
PHE HD1  H  N N 264 
PHE HD2  H  N N 265 
PHE HE1  H  N N 266 
PHE HE2  H  N N 267 
PHE HZ   H  N N 268 
PHE HXT  H  N N 269 
PRO N    N  N N 270 
PRO CA   C  N S 271 
PRO C    C  N N 272 
PRO O    O  N N 273 
PRO CB   C  N N 274 
PRO CG   C  N N 275 
PRO CD   C  N N 276 
PRO OXT  O  N N 277 
PRO H    H  N N 278 
PRO HA   H  N N 279 
PRO HB2  H  N N 280 
PRO HB3  H  N N 281 
PRO HG2  H  N N 282 
PRO HG3  H  N N 283 
PRO HD2  H  N N 284 
PRO HD3  H  N N 285 
PRO HXT  H  N N 286 
SER N    N  N N 287 
SER CA   C  N S 288 
SER C    C  N N 289 
SER O    O  N N 290 
SER CB   C  N N 291 
SER OG   O  N N 292 
SER OXT  O  N N 293 
SER H    H  N N 294 
SER H2   H  N N 295 
SER HA   H  N N 296 
SER HB2  H  N N 297 
SER HB3  H  N N 298 
SER HG   H  N N 299 
SER HXT  H  N N 300 
THR N    N  N N 301 
THR CA   C  N S 302 
THR C    C  N N 303 
THR O    O  N N 304 
THR CB   C  N R 305 
THR OG1  O  N N 306 
THR CG2  C  N N 307 
THR OXT  O  N N 308 
THR H    H  N N 309 
THR H2   H  N N 310 
THR HA   H  N N 311 
THR HB   H  N N 312 
THR HG1  H  N N 313 
THR HG21 H  N N 314 
THR HG22 H  N N 315 
THR HG23 H  N N 316 
THR HXT  H  N N 317 
TYR N    N  N N 318 
TYR CA   C  N S 319 
TYR C    C  N N 320 
TYR O    O  N N 321 
TYR CB   C  N N 322 
TYR CG   C  Y N 323 
TYR CD1  C  Y N 324 
TYR CD2  C  Y N 325 
TYR CE1  C  Y N 326 
TYR CE2  C  Y N 327 
TYR CZ   C  Y N 328 
TYR OH   O  N N 329 
TYR OXT  O  N N 330 
TYR H    H  N N 331 
TYR H2   H  N N 332 
TYR HA   H  N N 333 
TYR HB2  H  N N 334 
TYR HB3  H  N N 335 
TYR HD1  H  N N 336 
TYR HD2  H  N N 337 
TYR HE1  H  N N 338 
TYR HE2  H  N N 339 
TYR HH   H  N N 340 
TYR HXT  H  N N 341 
VAL N    N  N N 342 
VAL CA   C  N S 343 
VAL C    C  N N 344 
VAL O    O  N N 345 
VAL CB   C  N N 346 
VAL CG1  C  N N 347 
VAL CG2  C  N N 348 
VAL OXT  O  N N 349 
VAL H    H  N N 350 
VAL H2   H  N N 351 
VAL HA   H  N N 352 
VAL HB   H  N N 353 
VAL HG11 H  N N 354 
VAL HG12 H  N N 355 
VAL HG13 H  N N 356 
VAL HG21 H  N N 357 
VAL HG22 H  N N 358 
VAL HG23 H  N N 359 
VAL HXT  H  N N 360 
# 
loop_
_chem_comp_bond.comp_id 
_chem_comp_bond.atom_id_1 
_chem_comp_bond.atom_id_2 
_chem_comp_bond.value_order 
_chem_comp_bond.pdbx_aromatic_flag 
_chem_comp_bond.pdbx_stereo_config 
_chem_comp_bond.pdbx_ordinal 
ALA N   CA   sing N N 1   
ALA N   H    sing N N 2   
ALA N   H2   sing N N 3   
ALA CA  C    sing N N 4   
ALA CA  CB   sing N N 5   
ALA CA  HA   sing N N 6   
ALA C   O    doub N N 7   
ALA C   OXT  sing N N 8   
ALA CB  HB1  sing N N 9   
ALA CB  HB2  sing N N 10  
ALA CB  HB3  sing N N 11  
ALA OXT HXT  sing N N 12  
ARG N   CA   sing N N 13  
ARG N   H    sing N N 14  
ARG N   H2   sing N N 15  
ARG CA  C    sing N N 16  
ARG CA  CB   sing N N 17  
ARG CA  HA   sing N N 18  
ARG C   O    doub N N 19  
ARG C   OXT  sing N N 20  
ARG CB  CG   sing N N 21  
ARG CB  HB2  sing N N 22  
ARG CB  HB3  sing N N 23  
ARG CG  CD   sing N N 24  
ARG CG  HG2  sing N N 25  
ARG CG  HG3  sing N N 26  
ARG CD  NE   sing N N 27  
ARG CD  HD2  sing N N 28  
ARG CD  HD3  sing N N 29  
ARG NE  CZ   sing N N 30  
ARG NE  HE   sing N N 31  
ARG CZ  NH1  sing N N 32  
ARG CZ  NH2  doub N N 33  
ARG NH1 HH11 sing N N 34  
ARG NH1 HH12 sing N N 35  
ARG NH2 HH21 sing N N 36  
ARG NH2 HH22 sing N N 37  
ARG OXT HXT  sing N N 38  
ASN N   CA   sing N N 39  
ASN N   H    sing N N 40  
ASN N   H2   sing N N 41  
ASN CA  C    sing N N 42  
ASN CA  CB   sing N N 43  
ASN CA  HA   sing N N 44  
ASN C   O    doub N N 45  
ASN C   OXT  sing N N 46  
ASN CB  CG   sing N N 47  
ASN CB  HB2  sing N N 48  
ASN CB  HB3  sing N N 49  
ASN CG  OD1  doub N N 50  
ASN CG  ND2  sing N N 51  
ASN ND2 HD21 sing N N 52  
ASN ND2 HD22 sing N N 53  
ASN OXT HXT  sing N N 54  
ASP N   CA   sing N N 55  
ASP N   H    sing N N 56  
ASP N   H2   sing N N 57  
ASP CA  C    sing N N 58  
ASP CA  CB   sing N N 59  
ASP CA  HA   sing N N 60  
ASP C   O    doub N N 61  
ASP C   OXT  sing N N 62  
ASP CB  CG   sing N N 63  
ASP CB  HB2  sing N N 64  
ASP CB  HB3  sing N N 65  
ASP CG  OD1  doub N N 66  
ASP CG  OD2  sing N N 67  
ASP OD2 HD2  sing N N 68  
ASP OXT HXT  sing N N 69  
CYS N   CA   sing N N 70  
CYS N   H    sing N N 71  
CYS N   H2   sing N N 72  
CYS CA  C    sing N N 73  
CYS CA  CB   sing N N 74  
CYS CA  HA   sing N N 75  
CYS C   O    doub N N 76  
CYS C   OXT  sing N N 77  
CYS CB  SG   sing N N 78  
CYS CB  HB2  sing N N 79  
CYS CB  HB3  sing N N 80  
CYS SG  HG   sing N N 81  
CYS OXT HXT  sing N N 82  
GLN N   CA   sing N N 83  
GLN N   H    sing N N 84  
GLN N   H2   sing N N 85  
GLN CA  C    sing N N 86  
GLN CA  CB   sing N N 87  
GLN CA  HA   sing N N 88  
GLN C   O    doub N N 89  
GLN C   OXT  sing N N 90  
GLN CB  CG   sing N N 91  
GLN CB  HB2  sing N N 92  
GLN CB  HB3  sing N N 93  
GLN CG  CD   sing N N 94  
GLN CG  HG2  sing N N 95  
GLN CG  HG3  sing N N 96  
GLN CD  OE1  doub N N 97  
GLN CD  NE2  sing N N 98  
GLN NE2 HE21 sing N N 99  
GLN NE2 HE22 sing N N 100 
GLN OXT HXT  sing N N 101 
GLU N   CA   sing N N 102 
GLU N   H    sing N N 103 
GLU N   H2   sing N N 104 
GLU CA  C    sing N N 105 
GLU CA  CB   sing N N 106 
GLU CA  HA   sing N N 107 
GLU C   O    doub N N 108 
GLU C   OXT  sing N N 109 
GLU CB  CG   sing N N 110 
GLU CB  HB2  sing N N 111 
GLU CB  HB3  sing N N 112 
GLU CG  CD   sing N N 113 
GLU CG  HG2  sing N N 114 
GLU CG  HG3  sing N N 115 
GLU CD  OE1  doub N N 116 
GLU CD  OE2  sing N N 117 
GLU OE2 HE2  sing N N 118 
GLU OXT HXT  sing N N 119 
GLY N   CA   sing N N 120 
GLY N   H    sing N N 121 
GLY N   H2   sing N N 122 
GLY CA  C    sing N N 123 
GLY CA  HA2  sing N N 124 
GLY CA  HA3  sing N N 125 
GLY C   O    doub N N 126 
GLY C   OXT  sing N N 127 
GLY OXT HXT  sing N N 128 
HIS N   CA   sing N N 129 
HIS N   H    sing N N 130 
HIS N   H2   sing N N 131 
HIS CA  C    sing N N 132 
HIS CA  CB   sing N N 133 
HIS CA  HA   sing N N 134 
HIS C   O    doub N N 135 
HIS C   OXT  sing N N 136 
HIS CB  CG   sing N N 137 
HIS CB  HB2  sing N N 138 
HIS CB  HB3  sing N N 139 
HIS CG  ND1  sing Y N 140 
HIS CG  CD2  doub Y N 141 
HIS ND1 CE1  doub Y N 142 
HIS ND1 HD1  sing N N 143 
HIS CD2 NE2  sing Y N 144 
HIS CD2 HD2  sing N N 145 
HIS CE1 NE2  sing Y N 146 
HIS CE1 HE1  sing N N 147 
HIS NE2 HE2  sing N N 148 
HIS OXT HXT  sing N N 149 
ILE N   CA   sing N N 150 
ILE N   H    sing N N 151 
ILE N   H2   sing N N 152 
ILE CA  C    sing N N 153 
ILE CA  CB   sing N N 154 
ILE CA  HA   sing N N 155 
ILE C   O    doub N N 156 
ILE C   OXT  sing N N 157 
ILE CB  CG1  sing N N 158 
ILE CB  CG2  sing N N 159 
ILE CB  HB   sing N N 160 
ILE CG1 CD1  sing N N 161 
ILE CG1 HG12 sing N N 162 
ILE CG1 HG13 sing N N 163 
ILE CG2 HG21 sing N N 164 
ILE CG2 HG22 sing N N 165 
ILE CG2 HG23 sing N N 166 
ILE CD1 HD11 sing N N 167 
ILE CD1 HD12 sing N N 168 
ILE CD1 HD13 sing N N 169 
ILE OXT HXT  sing N N 170 
LEU N   CA   sing N N 171 
LEU N   H    sing N N 172 
LEU N   H2   sing N N 173 
LEU CA  C    sing N N 174 
LEU CA  CB   sing N N 175 
LEU CA  HA   sing N N 176 
LEU C   O    doub N N 177 
LEU C   OXT  sing N N 178 
LEU CB  CG   sing N N 179 
LEU CB  HB2  sing N N 180 
LEU CB  HB3  sing N N 181 
LEU CG  CD1  sing N N 182 
LEU CG  CD2  sing N N 183 
LEU CG  HG   sing N N 184 
LEU CD1 HD11 sing N N 185 
LEU CD1 HD12 sing N N 186 
LEU CD1 HD13 sing N N 187 
LEU CD2 HD21 sing N N 188 
LEU CD2 HD22 sing N N 189 
LEU CD2 HD23 sing N N 190 
LEU OXT HXT  sing N N 191 
LYS N   CA   sing N N 192 
LYS N   H    sing N N 193 
LYS N   H2   sing N N 194 
LYS CA  C    sing N N 195 
LYS CA  CB   sing N N 196 
LYS CA  HA   sing N N 197 
LYS C   O    doub N N 198 
LYS C   OXT  sing N N 199 
LYS CB  CG   sing N N 200 
LYS CB  HB2  sing N N 201 
LYS CB  HB3  sing N N 202 
LYS CG  CD   sing N N 203 
LYS CG  HG2  sing N N 204 
LYS CG  HG3  sing N N 205 
LYS CD  CE   sing N N 206 
LYS CD  HD2  sing N N 207 
LYS CD  HD3  sing N N 208 
LYS CE  NZ   sing N N 209 
LYS CE  HE2  sing N N 210 
LYS CE  HE3  sing N N 211 
LYS NZ  HZ1  sing N N 212 
LYS NZ  HZ2  sing N N 213 
LYS NZ  HZ3  sing N N 214 
LYS OXT HXT  sing N N 215 
MSE N   CA   sing N N 216 
MSE N   H    sing N N 217 
MSE N   H2   sing N N 218 
MSE CA  C    sing N N 219 
MSE CA  CB   sing N N 220 
MSE CA  HA   sing N N 221 
MSE C   O    doub N N 222 
MSE C   OXT  sing N N 223 
MSE OXT HXT  sing N N 224 
MSE CB  CG   sing N N 225 
MSE CB  HB2  sing N N 226 
MSE CB  HB3  sing N N 227 
MSE CG  SE   sing N N 228 
MSE CG  HG2  sing N N 229 
MSE CG  HG3  sing N N 230 
MSE SE  CE   sing N N 231 
MSE CE  HE1  sing N N 232 
MSE CE  HE2  sing N N 233 
MSE CE  HE3  sing N N 234 
PHE N   CA   sing N N 235 
PHE N   H    sing N N 236 
PHE N   H2   sing N N 237 
PHE CA  C    sing N N 238 
PHE CA  CB   sing N N 239 
PHE CA  HA   sing N N 240 
PHE C   O    doub N N 241 
PHE C   OXT  sing N N 242 
PHE CB  CG   sing N N 243 
PHE CB  HB2  sing N N 244 
PHE CB  HB3  sing N N 245 
PHE CG  CD1  doub Y N 246 
PHE CG  CD2  sing Y N 247 
PHE CD1 CE1  sing Y N 248 
PHE CD1 HD1  sing N N 249 
PHE CD2 CE2  doub Y N 250 
PHE CD2 HD2  sing N N 251 
PHE CE1 CZ   doub Y N 252 
PHE CE1 HE1  sing N N 253 
PHE CE2 CZ   sing Y N 254 
PHE CE2 HE2  sing N N 255 
PHE CZ  HZ   sing N N 256 
PHE OXT HXT  sing N N 257 
PRO N   CA   sing N N 258 
PRO N   CD   sing N N 259 
PRO N   H    sing N N 260 
PRO CA  C    sing N N 261 
PRO CA  CB   sing N N 262 
PRO CA  HA   sing N N 263 
PRO C   O    doub N N 264 
PRO C   OXT  sing N N 265 
PRO CB  CG   sing N N 266 
PRO CB  HB2  sing N N 267 
PRO CB  HB3  sing N N 268 
PRO CG  CD   sing N N 269 
PRO CG  HG2  sing N N 270 
PRO CG  HG3  sing N N 271 
PRO CD  HD2  sing N N 272 
PRO CD  HD3  sing N N 273 
PRO OXT HXT  sing N N 274 
SER N   CA   sing N N 275 
SER N   H    sing N N 276 
SER N   H2   sing N N 277 
SER CA  C    sing N N 278 
SER CA  CB   sing N N 279 
SER CA  HA   sing N N 280 
SER C   O    doub N N 281 
SER C   OXT  sing N N 282 
SER CB  OG   sing N N 283 
SER CB  HB2  sing N N 284 
SER CB  HB3  sing N N 285 
SER OG  HG   sing N N 286 
SER OXT HXT  sing N N 287 
THR N   CA   sing N N 288 
THR N   H    sing N N 289 
THR N   H2   sing N N 290 
THR CA  C    sing N N 291 
THR CA  CB   sing N N 292 
THR CA  HA   sing N N 293 
THR C   O    doub N N 294 
THR C   OXT  sing N N 295 
THR CB  OG1  sing N N 296 
THR CB  CG2  sing N N 297 
THR CB  HB   sing N N 298 
THR OG1 HG1  sing N N 299 
THR CG2 HG21 sing N N 300 
THR CG2 HG22 sing N N 301 
THR CG2 HG23 sing N N 302 
THR OXT HXT  sing N N 303 
TYR N   CA   sing N N 304 
TYR N   H    sing N N 305 
TYR N   H2   sing N N 306 
TYR CA  C    sing N N 307 
TYR CA  CB   sing N N 308 
TYR CA  HA   sing N N 309 
TYR C   O    doub N N 310 
TYR C   OXT  sing N N 311 
TYR CB  CG   sing N N 312 
TYR CB  HB2  sing N N 313 
TYR CB  HB3  sing N N 314 
TYR CG  CD1  doub Y N 315 
TYR CG  CD2  sing Y N 316 
TYR CD1 CE1  sing Y N 317 
TYR CD1 HD1  sing N N 318 
TYR CD2 CE2  doub Y N 319 
TYR CD2 HD2  sing N N 320 
TYR CE1 CZ   doub Y N 321 
TYR CE1 HE1  sing N N 322 
TYR CE2 CZ   sing Y N 323 
TYR CE2 HE2  sing N N 324 
TYR CZ  OH   sing N N 325 
TYR OH  HH   sing N N 326 
TYR OXT HXT  sing N N 327 
VAL N   CA   sing N N 328 
VAL N   H    sing N N 329 
VAL N   H2   sing N N 330 
VAL CA  C    sing N N 331 
VAL CA  CB   sing N N 332 
VAL CA  HA   sing N N 333 
VAL C   O    doub N N 334 
VAL C   OXT  sing N N 335 
VAL CB  CG1  sing N N 336 
VAL CB  CG2  sing N N 337 
VAL CB  HB   sing N N 338 
VAL CG1 HG11 sing N N 339 
VAL CG1 HG12 sing N N 340 
VAL CG1 HG13 sing N N 341 
VAL CG2 HG21 sing N N 342 
VAL CG2 HG22 sing N N 343 
VAL CG2 HG23 sing N N 344 
VAL OXT HXT  sing N N 345 
# 
_atom_sites.entry_id                    2C08 
_atom_sites.fract_transf_matrix[1][1]   0.00349438 
_atom_sites.fract_transf_matrix[1][2]   0.00705775 
_atom_sites.fract_transf_matrix[1][3]   0.00062245 
_atom_sites.fract_transf_matrix[2][1]   -0.00705847 
_atom_sites.fract_transf_matrix[2][2]   0.00340759 
_atom_sites.fract_transf_matrix[2][3]   0.00098811 
_atom_sites.fract_transf_matrix[3][1]   0.00076815 
_atom_sites.fract_transf_matrix[3][2]   -0.00124202 
_atom_sites.fract_transf_matrix[3][3]   0.00977046 
_atom_sites.fract_transf_vector[1]      0.387149 
_atom_sites.fract_transf_vector[2]      0.573148 
_atom_sites.fract_transf_vector[3]      0.288398 
# 
loop_
_atom_type.symbol 
C  
N  
O  
S  
SE 
# 
loop_
_atom_site.group_PDB 
_atom_site.id 
_atom_site.type_symbol 
_atom_site.label_atom_id 
_atom_site.label_alt_id 
_atom_site.label_comp_id 
_atom_site.label_asym_id 
_atom_site.label_entity_id 
_atom_site.label_seq_id 
_atom_site.pdbx_PDB_ins_code 
_atom_site.Cartn_x 
_atom_site.Cartn_y 
_atom_site.Cartn_z 
_atom_site.occupancy 
_atom_site.B_iso_or_equiv 
_atom_site.pdbx_formal_charge 
_atom_site.auth_seq_id 
_atom_site.auth_comp_id 
_atom_site.auth_asym_id 
_atom_site.auth_atom_id 
_atom_site.pdbx_PDB_model_num 
ATOM   1    N  N   . GLU A 1 1   ? -36.203 7.437   -13.357 1.00 75.52 ? 25  GLU A N   1 
ATOM   2    C  CA  . GLU A 1 1   ? -34.772 7.385   -13.807 1.00 75.54 ? 25  GLU A CA  1 
ATOM   3    C  C   . GLU A 1 1   ? -34.109 6.047   -13.473 1.00 75.14 ? 25  GLU A C   1 
ATOM   4    O  O   . GLU A 1 1   ? -33.078 5.693   -14.054 1.00 75.24 ? 25  GLU A O   1 
ATOM   5    C  CB  . GLU A 1 1   ? -33.961 8.546   -13.208 1.00 75.75 ? 25  GLU A CB  1 
ATOM   6    C  CG  . GLU A 1 1   ? -34.580 9.935   -13.409 1.00 76.72 ? 25  GLU A CG  1 
ATOM   7    C  CD  . GLU A 1 1   ? -35.145 10.141  -14.812 1.00 77.80 ? 25  GLU A CD  1 
ATOM   8    O  OE1 . GLU A 1 1   ? -34.362 10.098  -15.790 1.00 78.23 ? 25  GLU A OE1 1 
ATOM   9    O  OE2 . GLU A 1 1   ? -36.375 10.343  -14.932 1.00 78.05 ? 25  GLU A OE2 1 
ATOM   10   N  N   . GLY A 1 2   ? -34.703 5.318   -12.532 1.00 74.56 ? 26  GLY A N   1 
ATOM   11   C  CA  . GLY A 1 2   ? -34.221 3.999   -12.136 1.00 73.81 ? 26  GLY A CA  1 
ATOM   12   C  C   . GLY A 1 2   ? -35.182 3.328   -11.175 1.00 73.22 ? 26  GLY A C   1 
ATOM   13   O  O   . GLY A 1 2   ? -36.372 3.652   -11.146 1.00 73.24 ? 26  GLY A O   1 
ATOM   14   N  N   . THR A 1 3   ? -34.672 2.382   -10.393 1.00 72.50 ? 27  THR A N   1 
ATOM   15   C  CA  . THR A 1 3   ? -35.474 1.785   -9.337  1.00 71.80 ? 27  THR A CA  1 
ATOM   16   C  C   . THR A 1 3   ? -35.138 2.431   -7.981  1.00 71.30 ? 27  THR A C   1 
ATOM   17   O  O   . THR A 1 3   ? -35.950 2.378   -7.049  1.00 71.43 ? 27  THR A O   1 
ATOM   18   C  CB  . THR A 1 3   ? -35.363 0.229   -9.316  1.00 71.86 ? 27  THR A CB  1 
ATOM   19   O  OG1 . THR A 1 3   ? -36.658 -0.347  -9.108  1.00 71.74 ? 27  THR A OG1 1 
ATOM   20   C  CG2 . THR A 1 3   ? -34.407 -0.265  -8.231  1.00 71.84 ? 27  THR A CG2 1 
ATOM   21   N  N   . LYS A 1 4   ? -33.957 3.057   -7.900  1.00 70.39 ? 28  LYS A N   1 
ATOM   22   C  CA  . LYS A 1 4   ? -33.454 3.740   -6.687  1.00 69.49 ? 28  LYS A CA  1 
ATOM   23   C  C   . LYS A 1 4   ? -33.164 2.812   -5.503  1.00 68.59 ? 28  LYS A C   1 
ATOM   24   O  O   . LYS A 1 4   ? -34.050 2.113   -5.002  1.00 68.44 ? 28  LYS A O   1 
ATOM   25   C  CB  . LYS A 1 4   ? -34.378 4.897   -6.249  1.00 69.75 ? 28  LYS A CB  1 
ATOM   26   C  CG  . LYS A 1 4   ? -33.861 6.307   -6.562  1.00 70.11 ? 28  LYS A CG  1 
ATOM   27   C  CD  . LYS A 1 4   ? -34.240 6.784   -7.967  1.00 70.80 ? 28  LYS A CD  1 
ATOM   28   C  CE  . LYS A 1 4   ? -33.966 8.282   -8.140  1.00 70.70 ? 28  LYS A CE  1 
ATOM   29   N  NZ  . LYS A 1 4   ? -34.412 8.813   -9.468  1.00 71.14 ? 28  LYS A NZ  1 
ATOM   30   N  N   . LEU A 1 5   ? -31.911 2.820   -5.058  1.00 67.47 ? 29  LEU A N   1 
ATOM   31   C  CA  . LEU A 1 5   ? -31.505 2.030   -3.899  1.00 66.33 ? 29  LEU A CA  1 
ATOM   32   C  C   . LEU A 1 5   ? -31.382 2.917   -2.660  1.00 65.62 ? 29  LEU A C   1 
ATOM   33   O  O   . LEU A 1 5   ? -31.144 4.122   -2.769  1.00 65.53 ? 29  LEU A O   1 
ATOM   34   C  CB  . LEU A 1 5   ? -30.194 1.283   -4.172  1.00 66.29 ? 29  LEU A CB  1 
ATOM   35   C  CG  . LEU A 1 5   ? -30.141 0.346   -5.384  1.00 65.93 ? 29  LEU A CG  1 
ATOM   36   C  CD1 . LEU A 1 5   ? -29.453 1.018   -6.565  1.00 65.80 ? 29  LEU A CD1 1 
ATOM   37   C  CD2 . LEU A 1 5   ? -29.416 -0.931  -5.023  1.00 65.76 ? 29  LEU A CD2 1 
ATOM   38   N  N   . ASP A 1 6   ? -31.549 2.310   -1.489  1.00 64.68 ? 30  ASP A N   1 
ATOM   39   C  CA  . ASP A 1 6   ? -31.542 3.041   -0.222  1.00 63.82 ? 30  ASP A CA  1 
ATOM   40   C  C   . ASP A 1 6   ? -30.224 3.752   0.120   1.00 63.26 ? 30  ASP A C   1 
ATOM   41   O  O   . ASP A 1 6   ? -29.134 3.427   -0.398  1.00 62.62 ? 30  ASP A O   1 
ATOM   42   C  CB  . ASP A 1 6   ? -31.968 2.129   0.933   1.00 63.88 ? 30  ASP A CB  1 
ATOM   43   C  CG  . ASP A 1 6   ? -31.184 0.834   0.973   1.00 64.32 ? 30  ASP A CG  1 
ATOM   44   O  OD1 . ASP A 1 6   ? -31.372 -0.005  0.063   1.00 64.91 ? 30  ASP A OD1 1 
ATOM   45   O  OD2 . ASP A 1 6   ? -30.384 0.653   1.918   1.00 64.64 ? 30  ASP A OD2 1 
ATOM   46   N  N   . ASP A 1 7   ? -30.347 4.727   1.014   1.00 62.71 ? 31  ASP A N   1 
ATOM   47   C  CA  . ASP A 1 7   ? -29.229 5.559   1.420   1.00 62.27 ? 31  ASP A CA  1 
ATOM   48   C  C   . ASP A 1 7   ? -28.114 4.767   2.096   1.00 61.92 ? 31  ASP A C   1 
ATOM   49   O  O   . ASP A 1 7   ? -26.939 5.072   1.895   1.00 61.64 ? 31  ASP A O   1 
ATOM   50   C  CB  . ASP A 1 7   ? -29.716 6.704   2.307   1.00 62.32 ? 31  ASP A CB  1 
ATOM   51   C  CG  . ASP A 1 7   ? -30.607 7.685   1.556   1.00 62.46 ? 31  ASP A CG  1 
ATOM   52   O  OD1 . ASP A 1 7   ? -30.621 7.665   0.304   1.00 62.29 ? 31  ASP A OD1 1 
ATOM   53   O  OD2 . ASP A 1 7   ? -31.293 8.483   2.223   1.00 63.09 ? 31  ASP A OD2 1 
ATOM   54   N  N   . ASP A 1 8   ? -28.476 3.751   2.878   1.00 61.55 ? 32  ASP A N   1 
ATOM   55   C  CA  . ASP A 1 8   ? -27.477 2.858   3.468   1.00 61.34 ? 32  ASP A CA  1 
ATOM   56   C  C   . ASP A 1 8   ? -26.630 2.220   2.374   1.00 61.06 ? 32  ASP A C   1 
ATOM   57   O  O   . ASP A 1 8   ? -25.390 2.258   2.430   1.00 61.15 ? 32  ASP A O   1 
ATOM   58   C  CB  . ASP A 1 8   ? -28.134 1.773   4.329   1.00 61.42 ? 32  ASP A CB  1 
ATOM   59   C  CG  . ASP A 1 8   ? -28.691 2.316   5.635   1.00 61.78 ? 32  ASP A CG  1 
ATOM   60   O  OD1 . ASP A 1 8   ? -29.237 3.444   5.637   1.00 62.58 ? 32  ASP A OD1 1 
ATOM   61   O  OD2 . ASP A 1 8   ? -28.592 1.606   6.660   1.00 61.46 ? 32  ASP A OD2 1 
ATOM   62   N  N   . PHE A 1 9   ? -27.307 1.658   1.373   1.00 60.66 ? 33  PHE A N   1 
ATOM   63   C  CA  . PHE A 1 9   ? -26.635 1.033   0.245   1.00 60.36 ? 33  PHE A CA  1 
ATOM   64   C  C   . PHE A 1 9   ? -25.725 2.031   -0.464  1.00 60.52 ? 33  PHE A C   1 
ATOM   65   O  O   . PHE A 1 9   ? -24.529 1.761   -0.668  1.00 60.41 ? 33  PHE A O   1 
ATOM   66   C  CB  . PHE A 1 9   ? -27.644 0.446   -0.745  1.00 60.04 ? 33  PHE A CB  1 
ATOM   67   C  CG  . PHE A 1 9   ? -27.024 -0.472  -1.756  1.00 59.33 ? 33  PHE A CG  1 
ATOM   68   C  CD1 . PHE A 1 9   ? -26.980 -1.840  -1.529  1.00 58.55 ? 33  PHE A CD1 1 
ATOM   69   C  CD2 . PHE A 1 9   ? -26.465 0.033   -2.926  1.00 58.75 ? 33  PHE A CD2 1 
ATOM   70   C  CE1 . PHE A 1 9   ? -26.396 -2.690  -2.446  1.00 58.36 ? 33  PHE A CE1 1 
ATOM   71   C  CE2 . PHE A 1 9   ? -25.876 -0.811  -3.850  1.00 58.48 ? 33  PHE A CE2 1 
ATOM   72   C  CZ  . PHE A 1 9   ? -25.839 -2.174  -3.608  1.00 58.87 ? 33  PHE A CZ  1 
ATOM   73   N  N   . LYS A 1 10  ? -26.290 3.186   -0.820  1.00 60.95 ? 34  LYS A N   1 
ATOM   74   C  CA  . LYS A 1 10  ? -25.515 4.208   -1.529  1.00 60.68 ? 34  LYS A CA  1 
ATOM   75   C  C   . LYS A 1 10  ? -24.285 4.671   -0.739  1.00 60.60 ? 34  LYS A C   1 
ATOM   76   O  O   . LYS A 1 10  ? -23.178 4.770   -1.288  1.00 60.24 ? 34  LYS A O   1 
ATOM   77   C  CB  . LYS A 1 10  ? -26.399 5.389   -1.925  1.00 60.81 ? 34  LYS A CB  1 
ATOM   78   C  CG  . LYS A 1 10  ? -27.503 5.006   -2.892  1.00 61.27 ? 34  LYS A CG  1 
ATOM   79   C  CD  . LYS A 1 10  ? -27.734 6.076   -3.937  1.00 62.29 ? 34  LYS A CD  1 
ATOM   80   C  CE  . LYS A 1 10  ? -28.286 5.450   -5.212  1.00 63.09 ? 34  LYS A CE  1 
ATOM   81   N  NZ  . LYS A 1 10  ? -28.532 6.456   -6.282  1.00 63.76 ? 34  LYS A NZ  1 
ATOM   82   N  N   . GLU A 1 11  ? -24.482 4.926   0.554   1.00 60.75 ? 35  GLU A N   1 
ATOM   83   C  CA  . GLU A 1 11  ? -23.391 5.327   1.438   1.00 60.64 ? 35  GLU A CA  1 
ATOM   84   C  C   . GLU A 1 11  ? -22.320 4.243   1.502   1.00 60.76 ? 35  GLU A C   1 
ATOM   85   O  O   . GLU A 1 11  ? -21.122 4.528   1.385   1.00 60.37 ? 35  GLU A O   1 
ATOM   86   C  CB  . GLU A 1 11  ? -23.914 5.684   2.839   1.00 60.55 ? 35  GLU A CB  1 
ATOM   87   C  CG  . GLU A 1 11  ? -22.833 6.023   3.885   1.00 60.37 ? 35  GLU A CG  1 
ATOM   88   C  CD  . GLU A 1 11  ? -21.860 7.130   3.459   1.00 60.07 ? 35  GLU A CD  1 
ATOM   89   O  OE1 . GLU A 1 11  ? -22.198 7.952   2.576   1.00 59.81 ? 35  GLU A OE1 1 
ATOM   90   O  OE2 . GLU A 1 11  ? -20.746 7.176   4.022   1.00 59.85 ? 35  GLU A OE2 1 
HETATM 91   N  N   . MSE A 1 12  ? -22.754 2.999   1.667   1.00 60.97 ? 36  MSE A N   1 
HETATM 92   C  CA  . MSE A 1 12  ? -21.829 1.879   1.655   1.00 61.71 ? 36  MSE A CA  1 
HETATM 93   C  C   . MSE A 1 12  ? -21.000 1.871   0.367   1.00 60.68 ? 36  MSE A C   1 
HETATM 94   O  O   . MSE A 1 12  ? -19.759 1.775   0.405   1.00 60.09 ? 36  MSE A O   1 
HETATM 95   C  CB  . MSE A 1 12  ? -22.604 0.584   1.789   1.00 61.59 ? 36  MSE A CB  1 
HETATM 96   C  CG  . MSE A 1 12  ? -21.958 -0.393  2.708   1.00 62.44 ? 36  MSE A CG  1 
HETATM 97   SE SE  . MSE A 1 12  ? -23.290 -1.630  3.383   1.00 65.72 ? 36  MSE A SE  1 
HETATM 98   C  CE  . MSE A 1 12  ? -22.524 -1.944  5.191   1.00 63.94 ? 36  MSE A CE  1 
ATOM   99   N  N   . GLU A 1 13  ? -21.695 1.995   -0.765  1.00 60.17 ? 37  GLU A N   1 
ATOM   100  C  CA  . GLU A 1 13  ? -21.043 2.056   -2.072  1.00 59.61 ? 37  GLU A CA  1 
ATOM   101  C  C   . GLU A 1 13  ? -19.981 3.159   -2.117  1.00 59.36 ? 37  GLU A C   1 
ATOM   102  O  O   . GLU A 1 13  ? -18.809 2.911   -2.483  1.00 58.99 ? 37  GLU A O   1 
ATOM   103  C  CB  . GLU A 1 13  ? -22.087 2.247   -3.176  1.00 59.60 ? 37  GLU A CB  1 
ATOM   104  C  CG  . GLU A 1 13  ? -21.542 2.091   -4.588  1.00 59.59 ? 37  GLU A CG  1 
ATOM   105  C  CD  . GLU A 1 13  ? -22.630 1.952   -5.641  1.00 59.46 ? 37  GLU A CD  1 
ATOM   106  O  OE1 . GLU A 1 13  ? -23.826 2.099   -5.310  1.00 59.04 ? 37  GLU A OE1 1 
ATOM   107  O  OE2 . GLU A 1 13  ? -22.281 1.692   -6.810  1.00 59.44 ? 37  GLU A OE2 1 
ATOM   108  N  N   . ARG A 1 14  ? -20.393 4.365   -1.728  1.00 59.25 ? 38  ARG A N   1 
ATOM   109  C  CA  . ARG A 1 14  ? -19.479 5.500   -1.645  1.00 58.84 ? 38  ARG A CA  1 
ATOM   110  C  C   . ARG A 1 14  ? -18.240 5.122   -0.821  1.00 58.80 ? 38  ARG A C   1 
ATOM   111  O  O   . ARG A 1 14  ? -17.096 5.252   -1.288  1.00 58.43 ? 38  ARG A O   1 
ATOM   112  C  CB  . ARG A 1 14  ? -20.193 6.714   -1.045  1.00 58.72 ? 38  ARG A CB  1 
ATOM   113  C  CG  . ARG A 1 14  ? -19.544 8.057   -1.363  1.00 58.22 ? 38  ARG A CG  1 
ATOM   114  C  CD  . ARG A 1 14  ? -20.062 9.158   -0.441  1.00 57.27 ? 38  ARG A CD  1 
ATOM   115  N  NE  . ARG A 1 14  ? -19.850 8.832   0.971   1.00 56.65 ? 38  ARG A NE  1 
ATOM   116  C  CZ  . ARG A 1 14  ? -18.742 9.105   1.657   1.00 56.44 ? 38  ARG A CZ  1 
ATOM   117  N  NH1 . ARG A 1 14  ? -17.717 9.724   1.079   1.00 55.93 ? 38  ARG A NH1 1 
ATOM   118  N  NH2 . ARG A 1 14  ? -18.657 8.754   2.933   1.00 56.53 ? 38  ARG A NH2 1 
ATOM   119  N  N   . LYS A 1 15  ? -18.477 4.612   0.386   1.00 59.01 ? 39  LYS A N   1 
ATOM   120  C  CA  . LYS A 1 15  ? -17.390 4.171   1.254   1.00 58.92 ? 39  LYS A CA  1 
ATOM   121  C  C   . LYS A 1 15  ? -16.443 3.161   0.595   1.00 58.63 ? 39  LYS A C   1 
ATOM   122  O  O   . LYS A 1 15  ? -15.222 3.300   0.721   1.00 58.19 ? 39  LYS A O   1 
ATOM   123  C  CB  . LYS A 1 15  ? -17.930 3.622   2.577   1.00 58.98 ? 39  LYS A CB  1 
ATOM   124  C  CG  . LYS A 1 15  ? -18.105 4.665   3.675   1.00 59.29 ? 39  LYS A CG  1 
ATOM   125  C  CD  . LYS A 1 15  ? -18.828 4.063   4.882   1.00 59.53 ? 39  LYS A CD  1 
ATOM   126  C  CE  . LYS A 1 15  ? -18.959 5.055   6.036   1.00 60.47 ? 39  LYS A CE  1 
ATOM   127  N  NZ  . LYS A 1 15  ? -17.689 5.165   6.813   1.00 61.15 ? 39  LYS A NZ  1 
ATOM   128  N  N   . VAL A 1 16  ? -16.978 2.160   -0.110  1.00 58.70 ? 40  VAL A N   1 
ATOM   129  C  CA  . VAL A 1 16  ? -16.078 1.195   -0.774  1.00 58.25 ? 40  VAL A CA  1 
ATOM   130  C  C   . VAL A 1 16  ? -15.298 1.824   -1.926  1.00 58.04 ? 40  VAL A C   1 
ATOM   131  O  O   . VAL A 1 16  ? -14.126 1.490   -2.133  1.00 57.67 ? 40  VAL A O   1 
ATOM   132  C  CB  . VAL A 1 16  ? -16.758 -0.118  -1.259  1.00 58.22 ? 40  VAL A CB  1 
ATOM   133  C  CG1 . VAL A 1 16  ? -17.662 -0.697  -0.188  1.00 58.33 ? 40  VAL A CG1 1 
ATOM   134  C  CG2 . VAL A 1 16  ? -17.508 0.093   -2.568  1.00 58.46 ? 40  VAL A CG2 1 
ATOM   135  N  N   . ASP A 1 17  ? -15.944 2.727   -2.668  1.00 58.00 ? 41  ASP A N   1 
ATOM   136  C  CA  . ASP A 1 17  ? -15.244 3.457   -3.730  1.00 57.72 ? 41  ASP A CA  1 
ATOM   137  C  C   . ASP A 1 17  ? -14.066 4.249   -3.152  1.00 57.62 ? 41  ASP A C   1 
ATOM   138  O  O   . ASP A 1 17  ? -12.908 4.156   -3.629  1.00 57.49 ? 41  ASP A O   1 
ATOM   139  C  CB  . ASP A 1 17  ? -16.201 4.398   -4.458  1.00 57.73 ? 41  ASP A CB  1 
ATOM   140  C  CG  . ASP A 1 17  ? -15.526 5.157   -5.583  1.00 57.82 ? 41  ASP A CG  1 
ATOM   141  O  OD1 . ASP A 1 17  ? -15.031 4.506   -6.526  1.00 58.26 ? 41  ASP A OD1 1 
ATOM   142  O  OD2 . ASP A 1 17  ? -15.494 6.403   -5.524  1.00 57.83 ? 41  ASP A OD2 1 
ATOM   143  N  N   . VAL A 1 18  ? -14.373 5.014   -2.106  1.00 57.57 ? 42  VAL A N   1 
ATOM   144  C  CA  . VAL A 1 18  ? -13.358 5.771   -1.392  1.00 57.18 ? 42  VAL A CA  1 
ATOM   145  C  C   . VAL A 1 18  ? -12.247 4.829   -0.928  1.00 57.00 ? 42  VAL A C   1 
ATOM   146  O  O   . VAL A 1 18  ? -11.069 5.083   -1.189  1.00 57.00 ? 42  VAL A O   1 
ATOM   147  C  CB  . VAL A 1 18  ? -13.965 6.572   -0.208  1.00 57.15 ? 42  VAL A CB  1 
ATOM   148  C  CG1 . VAL A 1 18  ? -12.878 7.224   0.619   1.00 57.04 ? 42  VAL A CG1 1 
ATOM   149  C  CG2 . VAL A 1 18  ? -14.929 7.632   -0.724  1.00 56.98 ? 42  VAL A CG2 1 
ATOM   150  N  N   . THR A 1 19  ? -12.627 3.733   -0.277  1.00 56.95 ? 43  THR A N   1 
ATOM   151  C  CA  . THR A 1 19  ? -11.655 2.745   0.185   1.00 56.58 ? 43  THR A CA  1 
ATOM   152  C  C   . THR A 1 19  ? -10.732 2.293   -0.953  1.00 56.63 ? 43  THR A C   1 
ATOM   153  O  O   . THR A 1 19  ? -9.503  2.309   -0.810  1.00 56.55 ? 43  THR A O   1 
ATOM   154  C  CB  . THR A 1 19  ? -12.351 1.541   0.846   1.00 56.45 ? 43  THR A CB  1 
ATOM   155  O  OG1 . THR A 1 19  ? -13.083 1.993   1.991   1.00 56.04 ? 43  THR A OG1 1 
ATOM   156  C  CG2 . THR A 1 19  ? -11.336 0.500   1.290   1.00 56.14 ? 43  THR A CG2 1 
ATOM   157  N  N   . SER A 1 20  ? -11.332 1.926   -2.084  1.00 56.87 ? 44  SER A N   1 
ATOM   158  C  CA  . SER A 1 20  ? -10.575 1.493   -3.259  1.00 56.85 ? 44  SER A CA  1 
ATOM   159  C  C   . SER A 1 20  ? -9.557  2.548   -3.694  1.00 56.88 ? 44  SER A C   1 
ATOM   160  O  O   . SER A 1 20  ? -8.329  2.298   -3.694  1.00 57.08 ? 44  SER A O   1 
ATOM   161  C  CB  . SER A 1 20  ? -11.525 1.161   -4.413  1.00 56.78 ? 44  SER A CB  1 
ATOM   162  O  OG  . SER A 1 20  ? -10.810 0.793   -5.580  1.00 56.83 ? 44  SER A OG  1 
ATOM   163  N  N   . ARG A 1 21  ? -10.065 3.732   -4.040  1.00 56.90 ? 45  ARG A N   1 
ATOM   164  C  CA  . ARG A 1 21  ? -9.187  4.800   -4.519  1.00 56.67 ? 45  ARG A CA  1 
ATOM   165  C  C   . ARG A 1 21  ? -8.069  5.113   -3.511  1.00 56.69 ? 45  ARG A C   1 
ATOM   166  O  O   . ARG A 1 21  ? -6.882  5.240   -3.884  1.00 56.83 ? 45  ARG A O   1 
ATOM   167  C  CB  . ARG A 1 21  ? -9.997  6.044   -4.881  1.00 56.64 ? 45  ARG A CB  1 
ATOM   168  C  CG  . ARG A 1 21  ? -10.825 5.875   -6.156  1.00 56.54 ? 45  ARG A CG  1 
ATOM   169  C  CD  . ARG A 1 21  ? -11.503 7.167   -6.588  1.00 56.55 ? 45  ARG A CD  1 
ATOM   170  N  NE  . ARG A 1 21  ? -12.743 7.415   -5.852  1.00 56.66 ? 45  ARG A NE  1 
ATOM   171  C  CZ  . ARG A 1 21  ? -12.856 8.231   -4.806  1.00 56.61 ? 45  ARG A CZ  1 
ATOM   172  N  NH1 . ARG A 1 21  ? -11.802 8.899   -4.351  1.00 56.55 ? 45  ARG A NH1 1 
ATOM   173  N  NH2 . ARG A 1 21  ? -14.031 8.379   -4.212  1.00 56.48 ? 45  ARG A NH2 1 
ATOM   174  N  N   . ALA A 1 22  ? -8.455  5.195   -2.238  1.00 56.65 ? 46  ALA A N   1 
ATOM   175  C  CA  . ALA A 1 22  ? -7.521  5.420   -1.139  1.00 56.52 ? 46  ALA A CA  1 
ATOM   176  C  C   . ALA A 1 22  ? -6.410  4.387   -1.143  1.00 56.51 ? 46  ALA A C   1 
ATOM   177  O  O   . ALA A 1 22  ? -5.236  4.732   -1.277  1.00 56.42 ? 46  ALA A O   1 
ATOM   178  C  CB  . ALA A 1 22  ? -8.252  5.401   0.186   1.00 56.55 ? 46  ALA A CB  1 
ATOM   179  N  N   . VAL A 1 23  ? -6.790  3.119   -1.013  1.00 56.62 ? 47  VAL A N   1 
ATOM   180  C  CA  . VAL A 1 23  ? -5.831  2.018   -1.045  1.00 56.74 ? 47  VAL A CA  1 
ATOM   181  C  C   . VAL A 1 23  ? -4.882  2.176   -2.238  1.00 57.10 ? 47  VAL A C   1 
ATOM   182  O  O   . VAL A 1 23  ? -3.650  2.109   -2.084  1.00 57.00 ? 47  VAL A O   1 
ATOM   183  C  CB  . VAL A 1 23  ? -6.565  0.662   -1.060  1.00 56.62 ? 47  VAL A CB  1 
ATOM   184  C  CG1 . VAL A 1 23  ? -5.654  -0.465  -1.487  1.00 56.53 ? 47  VAL A CG1 1 
ATOM   185  C  CG2 . VAL A 1 23  ? -7.140  0.377   0.311   1.00 56.54 ? 47  VAL A CG2 1 
HETATM 186  N  N   . MSE A 1 24  ? -5.464  2.437   -3.410  1.00 57.56 ? 48  MSE A N   1 
HETATM 187  C  CA  . MSE A 1 24  ? -4.684  2.616   -4.639  1.00 58.41 ? 48  MSE A CA  1 
HETATM 188  C  C   . MSE A 1 24  ? -3.606  3.698   -4.534  1.00 57.56 ? 48  MSE A C   1 
HETATM 189  O  O   . MSE A 1 24  ? -2.384  3.420   -4.635  1.00 56.97 ? 48  MSE A O   1 
HETATM 190  C  CB  . MSE A 1 24  ? -5.631  2.917   -5.806  1.00 59.40 ? 48  MSE A CB  1 
HETATM 191  C  CG  . MSE A 1 24  ? -5.197  2.332   -7.140  1.00 64.45 ? 48  MSE A CG  1 
HETATM 192  SE SE  . MSE A 1 24  ? -4.442  0.495   -7.038  1.00 78.31 ? 48  MSE A SE  1 
HETATM 193  C  CE  . MSE A 1 24  ? -5.487  -0.247  -5.552  1.00 74.57 ? 48  MSE A CE  1 
ATOM   194  N  N   . GLU A 1 25  ? -4.058  4.932   -4.316  1.00 56.98 ? 49  GLU A N   1 
ATOM   195  C  CA  . GLU A 1 25  ? -3.133  6.053   -4.297  1.00 56.46 ? 49  GLU A CA  1 
ATOM   196  C  C   . GLU A 1 25  ? -2.135  5.932   -3.147  1.00 56.08 ? 49  GLU A C   1 
ATOM   197  O  O   . GLU A 1 25  ? -0.936  6.158   -3.335  1.00 55.41 ? 49  GLU A O   1 
ATOM   198  C  CB  . GLU A 1 25  ? -3.877  7.381   -4.243  1.00 56.51 ? 49  GLU A CB  1 
ATOM   199  C  CG  . GLU A 1 25  ? -3.073  8.534   -4.821  1.00 56.77 ? 49  GLU A CG  1 
ATOM   200  C  CD  . GLU A 1 25  ? -3.721  9.882   -4.579  1.00 57.17 ? 49  GLU A CD  1 
ATOM   201  O  OE1 . GLU A 1 25  ? -4.860  10.103  -5.059  1.00 56.75 ? 49  GLU A OE1 1 
ATOM   202  O  OE2 . GLU A 1 25  ? -3.079  10.723  -3.909  1.00 57.24 ? 49  GLU A OE2 1 
ATOM   203  N  N   . ILE A 1 26  ? -2.634  5.551   -1.972  1.00 55.99 ? 50  ILE A N   1 
ATOM   204  C  CA  . ILE A 1 26  ? -1.785  5.363   -0.799  1.00 55.90 ? 50  ILE A CA  1 
ATOM   205  C  C   . ILE A 1 26  ? -0.677  4.371   -1.116  1.00 56.14 ? 50  ILE A C   1 
ATOM   206  O  O   . ILE A 1 26  ? 0.500   4.647   -0.870  1.00 55.27 ? 50  ILE A O   1 
ATOM   207  C  CB  . ILE A 1 26  ? -2.599  4.925   0.438   1.00 55.84 ? 50  ILE A CB  1 
ATOM   208  C  CG1 . ILE A 1 26  ? -3.323  6.132   1.035   1.00 55.75 ? 50  ILE A CG1 1 
ATOM   209  C  CG2 . ILE A 1 26  ? -1.699  4.307   1.500   1.00 55.90 ? 50  ILE A CG2 1 
ATOM   210  C  CD1 . ILE A 1 26  ? -4.507  5.774   1.905   1.00 56.01 ? 50  ILE A CD1 1 
HETATM 211  N  N   . MSE A 1 27  ? -1.052  3.233   -1.691  1.00 56.70 ? 51  MSE A N   1 
HETATM 212  C  CA  . MSE A 1 27  ? -0.061  2.263   -2.131  1.00 57.98 ? 51  MSE A CA  1 
HETATM 213  C  C   . MSE A 1 27  ? 0.969   2.919   -3.046  1.00 56.32 ? 51  MSE A C   1 
HETATM 214  O  O   . MSE A 1 27  ? 2.189   2.859   -2.786  1.00 55.33 ? 51  MSE A O   1 
HETATM 215  C  CB  . MSE A 1 27  ? -0.748  1.129   -2.866  1.00 57.62 ? 51  MSE A CB  1 
HETATM 216  C  CG  . MSE A 1 27  ? 0.025   -0.158  -2.857  1.00 59.81 ? 51  MSE A CG  1 
HETATM 217  SE SE  . MSE A 1 27  ? -0.855  -1.538  -3.934  1.00 64.23 ? 51  MSE A SE  1 
HETATM 218  C  CE  . MSE A 1 27  ? -2.746  -1.232  -3.429  1.00 63.00 ? 51  MSE A CE  1 
ATOM   219  N  N   . THR A 1 28  ? 0.470   3.565   -4.102  1.00 55.86 ? 52  THR A N   1 
ATOM   220  C  CA  . THR A 1 28  ? 1.361   4.197   -5.082  1.00 54.88 ? 52  THR A CA  1 
ATOM   221  C  C   . THR A 1 28  ? 2.370   5.145   -4.422  1.00 54.46 ? 52  THR A C   1 
ATOM   222  O  O   . THR A 1 28  ? 3.584   5.005   -4.612  1.00 53.82 ? 52  THR A O   1 
ATOM   223  C  CB  . THR A 1 28  ? 0.575   4.938   -6.180  1.00 54.83 ? 52  THR A CB  1 
ATOM   224  O  OG1 . THR A 1 28  ? -0.462  4.089   -6.674  1.00 54.82 ? 52  THR A OG1 1 
ATOM   225  C  CG2 . THR A 1 28  ? 1.487   5.324   -7.332  1.00 54.50 ? 52  THR A CG2 1 
ATOM   226  N  N   . LYS A 1 29  ? 1.863   6.088   -3.629  1.00 54.17 ? 53  LYS A N   1 
ATOM   227  C  CA  . LYS A 1 29  ? 2.709   7.102   -3.007  1.00 53.46 ? 53  LYS A CA  1 
ATOM   228  C  C   . LYS A 1 29  ? 3.573   6.567   -1.872  1.00 53.21 ? 53  LYS A C   1 
ATOM   229  O  O   . LYS A 1 29  ? 4.592   7.163   -1.536  1.00 52.80 ? 53  LYS A O   1 
ATOM   230  C  CB  . LYS A 1 29  ? 1.880   8.298   -2.555  1.00 53.41 ? 53  LYS A CB  1 
ATOM   231  C  CG  . LYS A 1 29  ? 1.413   9.147   -3.715  1.00 53.51 ? 53  LYS A CG  1 
ATOM   232  C  CD  . LYS A 1 29  ? 0.838   10.468  -3.254  1.00 54.09 ? 53  LYS A CD  1 
ATOM   233  C  CE  . LYS A 1 29  ? 0.525   11.363  -4.442  1.00 54.83 ? 53  LYS A CE  1 
ATOM   234  N  NZ  . LYS A 1 29  ? -0.509  10.765  -5.336  1.00 55.27 ? 53  LYS A NZ  1 
ATOM   235  N  N   . THR A 1 30  ? 3.169   5.444   -1.287  1.00 53.40 ? 54  THR A N   1 
ATOM   236  C  CA  . THR A 1 30  ? 4.026   4.728   -0.348  1.00 52.86 ? 54  THR A CA  1 
ATOM   237  C  C   . THR A 1 30  ? 5.222   4.160   -1.108  1.00 52.79 ? 54  THR A C   1 
ATOM   238  O  O   . THR A 1 30  ? 6.373   4.339   -0.691  1.00 52.53 ? 54  THR A O   1 
ATOM   239  C  CB  . THR A 1 30  ? 3.261   3.606   0.384   1.00 52.84 ? 54  THR A CB  1 
ATOM   240  O  OG1 . THR A 1 30  ? 2.096   4.156   1.006   1.00 52.57 ? 54  THR A OG1 1 
ATOM   241  C  CG2 . THR A 1 30  ? 4.129   2.959   1.452   1.00 52.49 ? 54  THR A CG2 1 
ATOM   242  N  N   . ILE A 1 31  ? 4.951   3.498   -2.236  1.00 53.18 ? 55  ILE A N   1 
ATOM   243  C  CA  . ILE A 1 31  ? 6.039   3.020   -3.101  1.00 52.68 ? 55  ILE A CA  1 
ATOM   244  C  C   . ILE A 1 31  ? 6.947   4.181   -3.518  1.00 52.53 ? 55  ILE A C   1 
ATOM   245  O  O   . ILE A 1 31  ? 8.172   4.100   -3.389  1.00 52.44 ? 55  ILE A O   1 
ATOM   246  C  CB  . ILE A 1 31  ? 5.516   2.253   -4.348  1.00 52.75 ? 55  ILE A CB  1 
ATOM   247  C  CG1 . ILE A 1 31  ? 4.861   0.932   -3.924  1.00 52.66 ? 55  ILE A CG1 1 
ATOM   248  C  CG2 . ILE A 1 31  ? 6.651   1.985   -5.342  1.00 52.35 ? 55  ILE A CG2 1 
ATOM   249  C  CD1 . ILE A 1 31  ? 3.905   0.344   -4.946  1.00 52.57 ? 55  ILE A CD1 1 
ATOM   250  N  N   . GLU A 1 32  ? 6.333   5.264   -3.992  1.00 52.57 ? 56  GLU A N   1 
ATOM   251  C  CA  . GLU A 1 32  ? 7.072   6.473   -4.367  1.00 52.04 ? 56  GLU A CA  1 
ATOM   252  C  C   . GLU A 1 32  ? 7.891   7.036   -3.207  1.00 52.01 ? 56  GLU A C   1 
ATOM   253  O  O   . GLU A 1 32  ? 8.987   7.555   -3.412  1.00 51.92 ? 56  GLU A O   1 
ATOM   254  C  CB  . GLU A 1 32  ? 6.123   7.544   -4.903  1.00 51.95 ? 56  GLU A CB  1 
ATOM   255  C  CG  . GLU A 1 32  ? 5.529   7.222   -6.259  1.00 51.71 ? 56  GLU A CG  1 
ATOM   256  C  CD  . GLU A 1 32  ? 4.566   8.285   -6.753  1.00 51.89 ? 56  GLU A CD  1 
ATOM   257  O  OE1 . GLU A 1 32  ? 4.394   9.324   -6.073  1.00 51.62 ? 56  GLU A OE1 1 
ATOM   258  O  OE2 . GLU A 1 32  ? 3.975   8.075   -7.832  1.00 52.00 ? 56  GLU A OE2 1 
ATOM   259  N  N   . TYR A 1 33  ? 7.347   6.933   -1.996  1.00 52.06 ? 57  TYR A N   1 
ATOM   260  C  CA  . TYR A 1 33  ? 8.050   7.348   -0.785  1.00 51.72 ? 57  TYR A CA  1 
ATOM   261  C  C   . TYR A 1 33  ? 9.277   6.481   -0.561  1.00 51.77 ? 57  TYR A C   1 
ATOM   262  O  O   . TYR A 1 33  ? 10.363  6.997   -0.295  1.00 51.66 ? 57  TYR A O   1 
ATOM   263  C  CB  . TYR A 1 33  ? 7.117   7.297   0.433   1.00 51.47 ? 57  TYR A CB  1 
ATOM   264  C  CG  . TYR A 1 33  ? 7.813   7.109   1.770   1.00 51.19 ? 57  TYR A CG  1 
ATOM   265  C  CD1 . TYR A 1 33  ? 8.459   8.173   2.407   1.00 50.78 ? 57  TYR A CD1 1 
ATOM   266  C  CD2 . TYR A 1 33  ? 7.814   5.865   2.405   1.00 50.95 ? 57  TYR A CD2 1 
ATOM   267  C  CE1 . TYR A 1 33  ? 9.092   7.999   3.636   1.00 50.27 ? 57  TYR A CE1 1 
ATOM   268  C  CE2 . TYR A 1 33  ? 8.443   5.684   3.634   1.00 50.57 ? 57  TYR A CE2 1 
ATOM   269  C  CZ  . TYR A 1 33  ? 9.076   6.752   4.241   1.00 50.63 ? 57  TYR A CZ  1 
ATOM   270  O  OH  . TYR A 1 33  ? 9.695   6.567   5.453   1.00 50.97 ? 57  TYR A OH  1 
ATOM   271  N  N   . LEU A 1 34  ? 9.099   5.167   -0.667  1.00 51.99 ? 58  LEU A N   1 
ATOM   272  C  CA  . LEU A 1 34  ? 10.216  4.238   -0.509  1.00 51.99 ? 58  LEU A CA  1 
ATOM   273  C  C   . LEU A 1 34  ? 11.296  4.432   -1.569  1.00 52.20 ? 58  LEU A C   1 
ATOM   274  O  O   . LEU A 1 34  ? 12.479  4.418   -1.255  1.00 52.11 ? 58  LEU A O   1 
ATOM   275  C  CB  . LEU A 1 34  ? 9.731   2.788   -0.507  1.00 51.93 ? 58  LEU A CB  1 
ATOM   276  C  CG  . LEU A 1 34  ? 8.988   2.282   0.730   1.00 51.65 ? 58  LEU A CG  1 
ATOM   277  C  CD1 . LEU A 1 34  ? 8.479   0.876   0.476   1.00 51.14 ? 58  LEU A CD1 1 
ATOM   278  C  CD2 . LEU A 1 34  ? 9.874   2.318   1.975   1.00 51.71 ? 58  LEU A CD2 1 
ATOM   279  N  N   . GLN A 1 35  ? 10.890  4.613   -2.823  1.00 52.63 ? 59  GLN A N   1 
ATOM   280  C  CA  . GLN A 1 35  ? 11.853  4.806   -3.909  1.00 53.06 ? 59  GLN A CA  1 
ATOM   281  C  C   . GLN A 1 35  ? 11.512  6.035   -4.742  1.00 53.47 ? 59  GLN A C   1 
ATOM   282  O  O   . GLN A 1 35  ? 10.839  5.918   -5.763  1.00 53.42 ? 59  GLN A O   1 
ATOM   283  C  CB  . GLN A 1 35  ? 11.928  3.560   -4.800  1.00 52.98 ? 59  GLN A CB  1 
ATOM   284  C  CG  . GLN A 1 35  ? 12.474  2.317   -4.105  1.00 52.88 ? 59  GLN A CG  1 
ATOM   285  C  CD  . GLN A 1 35  ? 13.953  2.426   -3.776  1.00 52.77 ? 59  GLN A CD  1 
ATOM   286  O  OE1 . GLN A 1 35  ? 14.768  2.779   -4.630  1.00 52.63 ? 59  GLN A OE1 1 
ATOM   287  N  NE2 . GLN A 1 35  ? 14.307  2.116   -2.535  1.00 52.95 ? 59  GLN A NE2 1 
ATOM   288  N  N   . PRO A 1 36  ? 11.973  7.223   -4.305  1.00 54.03 ? 60  PRO A N   1 
ATOM   289  C  CA  . PRO A 1 36  ? 11.684  8.476   -5.004  1.00 54.59 ? 60  PRO A CA  1 
ATOM   290  C  C   . PRO A 1 36  ? 12.262  8.534   -6.413  1.00 55.33 ? 60  PRO A C   1 
ATOM   291  O  O   . PRO A 1 36  ? 11.857  9.381   -7.203  1.00 55.52 ? 60  PRO A O   1 
ATOM   292  C  CB  . PRO A 1 36  ? 12.349  9.537   -4.119  1.00 54.39 ? 60  PRO A CB  1 
ATOM   293  C  CG  . PRO A 1 36  ? 12.493  8.891   -2.796  1.00 54.16 ? 60  PRO A CG  1 
ATOM   294  C  CD  . PRO A 1 36  ? 12.786  7.459   -3.102  1.00 54.05 ? 60  PRO A CD  1 
ATOM   295  N  N   . ASN A 1 37  ? 13.197  7.641   -6.723  1.00 56.20 ? 61  ASN A N   1 
ATOM   296  C  CA  . ASN A 1 37  ? 13.781  7.590   -8.055  1.00 57.06 ? 61  ASN A CA  1 
ATOM   297  C  C   . ASN A 1 37  ? 12.974  6.699   -8.997  1.00 57.67 ? 61  ASN A C   1 
ATOM   298  O  O   . ASN A 1 37  ? 13.007  5.473   -8.866  1.00 57.68 ? 61  ASN A O   1 
ATOM   299  C  CB  . ASN A 1 37  ? 15.232  7.111   -7.987  1.00 57.11 ? 61  ASN A CB  1 
ATOM   300  C  CG  . ASN A 1 37  ? 15.902  7.099   -9.346  1.00 57.14 ? 61  ASN A CG  1 
ATOM   301  O  OD1 . ASN A 1 37  ? 15.879  8.093   -10.077 1.00 56.70 ? 61  ASN A OD1 1 
ATOM   302  N  ND2 . ASN A 1 37  ? 16.499  5.966   -9.694  1.00 57.44 ? 61  ASN A ND2 1 
ATOM   303  N  N   . PRO A 1 38  ? 12.269  7.310   -9.974  1.00 58.38 ? 62  PRO A N   1 
ATOM   304  C  CA  . PRO A 1 38  ? 11.390  6.550   -10.864 1.00 59.03 ? 62  PRO A CA  1 
ATOM   305  C  C   . PRO A 1 38  ? 12.166  5.525   -11.679 1.00 59.77 ? 62  PRO A C   1 
ATOM   306  O  O   . PRO A 1 38  ? 11.608  4.499   -12.070 1.00 59.88 ? 62  PRO A O   1 
ATOM   307  C  CB  . PRO A 1 38  ? 10.807  7.623   -11.792 1.00 58.85 ? 62  PRO A CB  1 
ATOM   308  C  CG  . PRO A 1 38  ? 10.999  8.905   -11.081 1.00 58.55 ? 62  PRO A CG  1 
ATOM   309  C  CD  . PRO A 1 38  ? 12.275  8.741   -10.320 1.00 58.51 ? 62  PRO A CD  1 
ATOM   310  N  N   . ALA A 1 39  ? 13.452  5.800   -11.893 1.00 60.65 ? 63  ALA A N   1 
ATOM   311  C  CA  . ALA A 1 39  ? 14.315  4.971   -12.732 1.00 61.54 ? 63  ALA A CA  1 
ATOM   312  C  C   . ALA A 1 39  ? 14.629  3.584   -12.156 1.00 62.18 ? 63  ALA A C   1 
ATOM   313  O  O   . ALA A 1 39  ? 15.328  2.797   -12.797 1.00 62.29 ? 63  ALA A O   1 
ATOM   314  C  CB  . ALA A 1 39  ? 15.605  5.724   -13.061 1.00 61.49 ? 63  ALA A CB  1 
ATOM   315  N  N   . SER A 1 40  ? 14.114  3.278   -10.966 1.00 63.01 ? 64  SER A N   1 
ATOM   316  C  CA  . SER A 1 40  ? 14.355  1.970   -10.344 1.00 63.87 ? 64  SER A CA  1 
ATOM   317  C  C   . SER A 1 40  ? 13.332  1.615   -9.259  1.00 64.43 ? 64  SER A C   1 
ATOM   318  O  O   . SER A 1 40  ? 13.648  1.612   -8.061  1.00 64.43 ? 64  SER A O   1 
ATOM   319  C  CB  . SER A 1 40  ? 15.785  1.886   -9.790  1.00 63.91 ? 64  SER A CB  1 
ATOM   320  O  OG  . SER A 1 40  ? 16.109  3.048   -9.043  1.00 64.16 ? 64  SER A OG  1 
ATOM   321  N  N   . ARG A 1 41  ? 12.107  1.320   -9.690  1.00 65.08 ? 65  ARG A N   1 
ATOM   322  C  CA  . ARG A 1 41  ? 11.052  0.860   -8.777  1.00 65.60 ? 65  ARG A CA  1 
ATOM   323  C  C   . ARG A 1 41  ? 10.663  -0.601  -9.034  1.00 66.18 ? 65  ARG A C   1 
ATOM   324  O  O   . ARG A 1 41  ? 9.519   -1.004  -8.782  1.00 66.31 ? 65  ARG A O   1 
ATOM   325  C  CB  . ARG A 1 41  ? 9.822   1.771   -8.853  1.00 65.42 ? 65  ARG A CB  1 
ATOM   326  C  CG  . ARG A 1 41  ? 9.991   3.093   -8.138  1.00 64.51 ? 65  ARG A CG  1 
ATOM   327  C  CD  . ARG A 1 41  ? 8.851   4.033   -8.454  1.00 62.92 ? 65  ARG A CD  1 
ATOM   328  N  NE  . ARG A 1 41  ? 9.225   5.415   -8.180  1.00 62.01 ? 65  ARG A NE  1 
ATOM   329  C  CZ  . ARG A 1 41  ? 8.562   6.480   -8.621  1.00 61.65 ? 65  ARG A CZ  1 
ATOM   330  N  NH1 . ARG A 1 41  ? 7.475   6.332   -9.368  1.00 62.00 ? 65  ARG A NH1 1 
ATOM   331  N  NH2 . ARG A 1 41  ? 8.991   7.697   -8.315  1.00 61.25 ? 65  ARG A NH2 1 
ATOM   332  N  N   . ALA A 1 42  ? 11.628  -1.381  -9.528  1.00 66.73 ? 66  ALA A N   1 
ATOM   333  C  CA  . ALA A 1 42  ? 11.440  -2.807  -9.793  1.00 67.19 ? 66  ALA A CA  1 
ATOM   334  C  C   . ALA A 1 42  ? 10.944  -3.535  -8.541  1.00 67.46 ? 66  ALA A C   1 
ATOM   335  O  O   . ALA A 1 42  ? 11.712  -3.778  -7.606  1.00 67.49 ? 66  ALA A O   1 
ATOM   336  C  CB  . ALA A 1 42  ? 12.742  -3.431  -10.312 1.00 67.19 ? 66  ALA A CB  1 
ATOM   337  N  N   . LYS A 1 43  ? 9.648   -3.852  -8.529  1.00 67.82 ? 67  LYS A N   1 
ATOM   338  C  CA  . LYS A 1 43  ? 8.989   -4.491  -7.379  1.00 68.07 ? 67  LYS A CA  1 
ATOM   339  C  C   . LYS A 1 43  ? 8.008   -5.598  -7.794  1.00 68.13 ? 67  LYS A C   1 
ATOM   340  O  O   . LYS A 1 43  ? 7.085   -5.376  -8.585  1.00 68.16 ? 67  LYS A O   1 
ATOM   341  C  CB  . LYS A 1 43  ? 8.277   -3.443  -6.507  1.00 68.08 ? 67  LYS A CB  1 
ATOM   342  C  CG  . LYS A 1 43  ? 9.206   -2.658  -5.591  1.00 67.97 ? 67  LYS A CG  1 
ATOM   343  C  CD  . LYS A 1 43  ? 8.446   -1.593  -4.821  1.00 68.07 ? 67  LYS A CD  1 
ATOM   344  C  CE  . LYS A 1 43  ? 9.321   -0.925  -3.766  1.00 67.75 ? 67  LYS A CE  1 
ATOM   345  N  NZ  . LYS A 1 43  ? 9.549   -1.808  -2.588  1.00 67.28 ? 67  LYS A NZ  1 
ATOM   346  N  N   . PRO A 1 44  ? 19.468  -1.054  -6.094  1.00 61.14 ? 87  PRO A N   1 
ATOM   347  C  CA  . PRO A 1 44  ? 20.637  -0.247  -5.737  1.00 61.12 ? 87  PRO A CA  1 
ATOM   348  C  C   . PRO A 1 44  ? 20.260  1.018   -4.953  1.00 61.09 ? 87  PRO A C   1 
ATOM   349  O  O   . PRO A 1 44  ? 19.711  1.968   -5.520  1.00 61.08 ? 87  PRO A O   1 
ATOM   350  C  CB  . PRO A 1 44  ? 21.253  0.107   -7.099  1.00 61.04 ? 87  PRO A CB  1 
ATOM   351  C  CG  . PRO A 1 44  ? 20.147  -0.108  -8.121  1.00 61.07 ? 87  PRO A CG  1 
ATOM   352  C  CD  . PRO A 1 44  ? 18.949  -0.713  -7.430  1.00 61.11 ? 87  PRO A CD  1 
ATOM   353  N  N   . GLN A 1 45  ? 20.560  1.018   -3.657  1.00 61.08 ? 88  GLN A N   1 
ATOM   354  C  CA  . GLN A 1 45  ? 20.195  2.119   -2.762  1.00 61.11 ? 88  GLN A CA  1 
ATOM   355  C  C   . GLN A 1 45  ? 21.145  3.316   -2.855  1.00 61.14 ? 88  GLN A C   1 
ATOM   356  O  O   . GLN A 1 45  ? 22.364  3.166   -3.069  1.00 61.39 ? 88  GLN A O   1 
ATOM   357  C  CB  . GLN A 1 45  ? 20.133  1.637   -1.308  1.00 61.10 ? 88  GLN A CB  1 
ATOM   358  C  CG  . GLN A 1 45  ? 19.239  0.425   -1.064  1.00 61.41 ? 88  GLN A CG  1 
ATOM   359  C  CD  . GLN A 1 45  ? 17.771  0.776   -0.859  1.00 61.93 ? 88  GLN A CD  1 
ATOM   360  O  OE1 . GLN A 1 45  ? 17.343  1.914   -1.065  1.00 62.54 ? 88  GLN A OE1 1 
ATOM   361  N  NE2 . GLN A 1 45  ? 16.989  -0.213  -0.443  1.00 61.77 ? 88  GLN A NE2 1 
ATOM   362  N  N   . ALA A 1 46  ? 20.576  4.505   -2.674  1.00 61.04 ? 89  ALA A N   1 
ATOM   363  C  CA  . ALA A 1 46  ? 21.350  5.739   -2.651  1.00 61.13 ? 89  ALA A CA  1 
ATOM   364  C  C   . ALA A 1 46  ? 22.445  5.626   -1.594  1.00 61.25 ? 89  ALA A C   1 
ATOM   365  O  O   . ALA A 1 46  ? 23.622  5.915   -1.857  1.00 61.59 ? 89  ALA A O   1 
ATOM   366  C  CB  . ALA A 1 46  ? 20.446  6.920   -2.368  1.00 61.05 ? 89  ALA A CB  1 
ATOM   367  N  N   . GLU A 1 47  ? 22.041  5.178   -0.409  1.00 61.24 ? 90  GLU A N   1 
ATOM   368  C  CA  . GLU A 1 47  ? 22.957  4.884   0.681   1.00 61.26 ? 90  GLU A CA  1 
ATOM   369  C  C   . GLU A 1 47  ? 24.100  3.997   0.196   1.00 61.42 ? 90  GLU A C   1 
ATOM   370  O  O   . GLU A 1 47  ? 25.270  4.294   0.442   1.00 61.88 ? 90  GLU A O   1 
ATOM   371  C  CB  . GLU A 1 47  ? 22.212  4.207   1.832   1.00 61.14 ? 90  GLU A CB  1 
ATOM   372  C  CG  . GLU A 1 47  ? 21.120  5.057   2.478   1.00 60.88 ? 90  GLU A CG  1 
ATOM   373  C  CD  . GLU A 1 47  ? 19.766  4.931   1.795   1.00 60.62 ? 90  GLU A CD  1 
ATOM   374  O  OE1 . GLU A 1 47  ? 19.697  4.465   0.636   1.00 60.52 ? 90  GLU A OE1 1 
ATOM   375  O  OE2 . GLU A 1 47  ? 18.759  5.307   2.426   1.00 60.62 ? 90  GLU A OE2 1 
ATOM   376  N  N   . ALA A 1 48  ? 23.755  2.928   -0.515  1.00 61.49 ? 91  ALA A N   1 
ATOM   377  C  CA  . ALA A 1 48  ? 24.749  2.004   -1.046  1.00 61.66 ? 91  ALA A CA  1 
ATOM   378  C  C   . ALA A 1 48  ? 25.731  2.715   -1.971  1.00 61.81 ? 91  ALA A C   1 
ATOM   379  O  O   . ALA A 1 48  ? 26.951  2.560   -1.823  1.00 62.33 ? 91  ALA A O   1 
ATOM   380  C  CB  . ALA A 1 48  ? 24.077  0.837   -1.758  1.00 61.62 ? 91  ALA A CB  1 
ATOM   381  N  N   . LEU A 1 49  ? 25.205  3.509   -2.905  1.00 61.79 ? 92  LEU A N   1 
ATOM   382  C  CA  . LEU A 1 49  ? 26.069  4.271   -3.816  1.00 61.88 ? 92  LEU A CA  1 
ATOM   383  C  C   . LEU A 1 49  ? 27.010  5.225   -3.073  1.00 61.97 ? 92  LEU A C   1 
ATOM   384  O  O   . LEU A 1 49  ? 28.231  5.249   -3.327  1.00 62.47 ? 92  LEU A O   1 
ATOM   385  C  CB  . LEU A 1 49  ? 25.234  5.035   -4.844  1.00 61.79 ? 92  LEU A CB  1 
ATOM   386  C  CG  . LEU A 1 49  ? 24.627  4.234   -5.997  1.00 61.66 ? 92  LEU A CG  1 
ATOM   387  C  CD1 . LEU A 1 49  ? 23.582  5.075   -6.710  1.00 61.90 ? 92  LEU A CD1 1 
ATOM   388  C  CD2 . LEU A 1 49  ? 25.692  3.746   -6.977  1.00 61.16 ? 92  LEU A CD2 1 
ATOM   389  N  N   . LEU A 1 50  ? 26.435  5.991   -2.146  1.00 62.01 ? 93  LEU A N   1 
ATOM   390  C  CA  . LEU A 1 50  ? 27.206  6.906   -1.308  1.00 62.24 ? 93  LEU A CA  1 
ATOM   391  C  C   . LEU A 1 50  ? 28.324  6.162   -0.579  1.00 62.60 ? 93  LEU A C   1 
ATOM   392  O  O   . LEU A 1 50  ? 29.505  6.537   -0.675  1.00 63.23 ? 93  LEU A O   1 
ATOM   393  C  CB  . LEU A 1 50  ? 26.290  7.633   -0.315  1.00 62.12 ? 93  LEU A CB  1 
ATOM   394  C  CG  . LEU A 1 50  ? 26.875  8.737   0.578   1.00 61.95 ? 93  LEU A CG  1 
ATOM   395  C  CD1 . LEU A 1 50  ? 27.602  9.800   -0.233  1.00 61.77 ? 93  LEU A CD1 1 
ATOM   396  C  CD2 . LEU A 1 50  ? 25.791  9.378   1.428   1.00 61.89 ? 93  LEU A CD2 1 
ATOM   397  N  N   . ALA A 1 51  ? 27.944  5.097   0.128   1.00 62.62 ? 94  ALA A N   1 
ATOM   398  C  CA  . ALA A 1 51  ? 28.897  4.223   0.801   1.00 62.91 ? 94  ALA A CA  1 
ATOM   399  C  C   . ALA A 1 51  ? 30.025  3.821   -0.146  1.00 63.14 ? 94  ALA A C   1 
ATOM   400  O  O   . ALA A 1 51  ? 31.200  4.095   0.123   1.00 63.67 ? 94  ALA A O   1 
ATOM   401  C  CB  . ALA A 1 51  ? 28.195  2.993   1.345   1.00 62.79 ? 94  ALA A CB  1 
ATOM   402  N  N   . GLU A 1 52  ? 29.654  3.200   -1.263  1.00 63.21 ? 95  GLU A N   1 
ATOM   403  C  CA  . GLU A 1 52  ? 30.630  2.736   -2.242  1.00 63.77 ? 95  GLU A CA  1 
ATOM   404  C  C   . GLU A 1 52  ? 31.612  3.847   -2.597  1.00 63.86 ? 95  GLU A C   1 
ATOM   405  O  O   . GLU A 1 52  ? 32.838  3.644   -2.560  1.00 64.21 ? 95  GLU A O   1 
ATOM   406  C  CB  . GLU A 1 52  ? 29.925  2.228   -3.501  1.00 63.88 ? 95  GLU A CB  1 
ATOM   407  C  CG  . GLU A 1 52  ? 30.864  1.625   -4.543  1.00 64.79 ? 95  GLU A CG  1 
ATOM   408  C  CD  . GLU A 1 52  ? 30.311  1.723   -5.957  1.00 65.90 ? 95  GLU A CD  1 
ATOM   409  O  OE1 . GLU A 1 52  ? 29.554  2.680   -6.244  1.00 66.28 ? 95  GLU A OE1 1 
ATOM   410  O  OE2 . GLU A 1 52  ? 30.642  0.846   -6.784  1.00 66.40 ? 95  GLU A OE2 1 
ATOM   411  N  N   . ALA A 1 53  ? 31.071  5.019   -2.926  1.00 63.84 ? 96  ALA A N   1 
ATOM   412  C  CA  . ALA A 1 53  ? 31.917  6.164   -3.252  1.00 64.27 ? 96  ALA A CA  1 
ATOM   413  C  C   . ALA A 1 53  ? 32.884  6.473   -2.106  1.00 64.53 ? 96  ALA A C   1 
ATOM   414  O  O   . ALA A 1 53  ? 34.106  6.555   -2.309  1.00 64.78 ? 96  ALA A O   1 
ATOM   415  C  CB  . ALA A 1 53  ? 31.067  7.381   -3.590  1.00 64.22 ? 96  ALA A CB  1 
HETATM 416  N  N   . MSE A 1 54  ? 32.331  6.608   -0.903  1.00 64.60 ? 97  MSE A N   1 
HETATM 417  C  CA  . MSE A 1 54  ? 33.125  6.945   0.277   1.00 65.60 ? 97  MSE A CA  1 
HETATM 418  C  C   . MSE A 1 54  ? 34.251  5.948   0.551   1.00 65.26 ? 97  MSE A C   1 
HETATM 419  O  O   . MSE A 1 54  ? 35.382  6.348   0.857   1.00 65.51 ? 97  MSE A O   1 
HETATM 420  C  CB  . MSE A 1 54  ? 32.229  7.102   1.500   1.00 65.31 ? 97  MSE A CB  1 
HETATM 421  C  CG  . MSE A 1 54  ? 31.416  8.372   1.471   1.00 65.88 ? 97  MSE A CG  1 
HETATM 422  SE SE  . MSE A 1 54  ? 30.543  8.739   3.167   1.00 68.23 ? 97  MSE A SE  1 
HETATM 423  C  CE  . MSE A 1 54  ? 29.773  10.516  2.785   1.00 66.66 ? 97  MSE A CE  1 
ATOM   424  N  N   . LEU A 1 55  ? 33.951  4.658   0.423   1.00 64.98 ? 98  LEU A N   1 
ATOM   425  C  CA  . LEU A 1 55  ? 34.973  3.626   0.604   1.00 65.17 ? 98  LEU A CA  1 
ATOM   426  C  C   . LEU A 1 55  ? 36.027  3.718   -0.496  1.00 65.12 ? 98  LEU A C   1 
ATOM   427  O  O   . LEU A 1 55  ? 37.230  3.783   -0.210  1.00 65.38 ? 98  LEU A O   1 
ATOM   428  C  CB  . LEU A 1 55  ? 34.346  2.229   0.641   1.00 65.19 ? 98  LEU A CB  1 
ATOM   429  C  CG  . LEU A 1 55  ? 33.198  1.973   1.626   1.00 65.51 ? 98  LEU A CG  1 
ATOM   430  C  CD1 . LEU A 1 55  ? 32.536  0.633   1.318   1.00 66.03 ? 98  LEU A CD1 1 
ATOM   431  C  CD2 . LEU A 1 55  ? 33.644  2.051   3.088   1.00 65.15 ? 98  LEU A CD2 1 
ATOM   432  N  N   . LYS A 1 56  ? 35.564  3.744   -1.747  1.00 65.00 ? 99  LYS A N   1 
ATOM   433  C  CA  . LYS A 1 56  ? 36.450  3.894   -2.903  1.00 65.18 ? 99  LYS A CA  1 
ATOM   434  C  C   . LYS A 1 56  ? 37.452  5.030   -2.682  1.00 65.28 ? 99  LYS A C   1 
ATOM   435  O  O   . LYS A 1 56  ? 38.678  4.841   -2.804  1.00 65.49 ? 99  LYS A O   1 
ATOM   436  C  CB  . LYS A 1 56  ? 35.620  4.138   -4.170  1.00 65.10 ? 99  LYS A CB  1 
ATOM   437  C  CG  . LYS A 1 56  ? 36.421  4.501   -5.413  1.00 65.18 ? 99  LYS A CG  1 
ATOM   438  C  CD  . LYS A 1 56  ? 35.519  5.140   -6.462  1.00 65.28 ? 99  LYS A CD  1 
ATOM   439  C  CE  . LYS A 1 56  ? 36.324  5.813   -7.561  1.00 65.37 ? 99  LYS A CE  1 
ATOM   440  N  NZ  . LYS A 1 56  ? 35.445  6.599   -8.472  1.00 65.18 ? 99  LYS A NZ  1 
ATOM   441  N  N   . PHE A 1 57  ? 36.928  6.202   -2.329  1.00 65.29 ? 100 PHE A N   1 
ATOM   442  C  CA  . PHE A 1 57  ? 37.778  7.375   -2.155  1.00 65.44 ? 100 PHE A CA  1 
ATOM   443  C  C   . PHE A 1 57  ? 38.639  7.328   -0.896  1.00 65.55 ? 100 PHE A C   1 
ATOM   444  O  O   . PHE A 1 57  ? 39.795  7.756   -0.924  1.00 65.70 ? 100 PHE A O   1 
ATOM   445  C  CB  . PHE A 1 57  ? 36.971  8.671   -2.249  1.00 65.31 ? 100 PHE A CB  1 
ATOM   446  C  CG  . PHE A 1 57  ? 36.672  9.089   -3.662  1.00 65.20 ? 100 PHE A CG  1 
ATOM   447  C  CD1 . PHE A 1 57  ? 35.377  9.028   -4.161  1.00 65.18 ? 100 PHE A CD1 1 
ATOM   448  C  CD2 . PHE A 1 57  ? 37.693  9.529   -4.502  1.00 64.97 ? 100 PHE A CD2 1 
ATOM   449  C  CE1 . PHE A 1 57  ? 35.097  9.412   -5.472  1.00 65.04 ? 100 PHE A CE1 1 
ATOM   450  C  CE2 . PHE A 1 57  ? 37.424  9.915   -5.813  1.00 64.93 ? 100 PHE A CE2 1 
ATOM   451  C  CZ  . PHE A 1 57  ? 36.124  9.855   -6.298  1.00 64.99 ? 100 PHE A CZ  1 
ATOM   452  N  N   . GLY A 1 58  ? 38.088  6.798   0.194   1.00 65.63 ? 101 GLY A N   1 
ATOM   453  C  CA  . GLY A 1 58  ? 38.874  6.570   1.410   1.00 65.89 ? 101 GLY A CA  1 
ATOM   454  C  C   . GLY A 1 58  ? 40.099  5.718   1.117   1.00 66.09 ? 101 GLY A C   1 
ATOM   455  O  O   . GLY A 1 58  ? 41.228  6.054   1.520   1.00 66.43 ? 101 GLY A O   1 
ATOM   456  N  N   . ARG A 1 59  ? 39.872  4.619   0.394   1.00 66.02 ? 102 ARG A N   1 
ATOM   457  C  CA  . ARG A 1 59  ? 40.963  3.756   -0.050  1.00 66.26 ? 102 ARG A CA  1 
ATOM   458  C  C   . ARG A 1 59  ? 41.918  4.491   -0.984  1.00 66.05 ? 102 ARG A C   1 
ATOM   459  O  O   . ARG A 1 59  ? 43.133  4.403   -0.804  1.00 66.09 ? 102 ARG A O   1 
ATOM   460  C  CB  . ARG A 1 59  ? 40.443  2.483   -0.724  1.00 66.26 ? 102 ARG A CB  1 
ATOM   461  C  CG  . ARG A 1 59  ? 39.928  1.416   0.245   1.00 66.78 ? 102 ARG A CG  1 
ATOM   462  C  CD  . ARG A 1 59  ? 39.753  0.056   -0.440  1.00 66.92 ? 102 ARG A CD  1 
ATOM   463  N  NE  . ARG A 1 59  ? 39.034  0.151   -1.715  1.00 68.49 ? 102 ARG A NE  1 
ATOM   464  C  CZ  . ARG A 1 59  ? 37.706  0.160   -1.847  1.00 68.81 ? 102 ARG A CZ  1 
ATOM   465  N  NH1 . ARG A 1 59  ? 36.915  0.079   -0.781  1.00 68.88 ? 102 ARG A NH1 1 
ATOM   466  N  NH2 . ARG A 1 59  ? 37.165  0.252   -3.056  1.00 68.80 ? 102 ARG A NH2 1 
ATOM   467  N  N   . GLU A 1 60  ? 41.384  5.223   -1.965  1.00 65.91 ? 103 GLU A N   1 
ATOM   468  C  CA  . GLU A 1 60  ? 42.262  5.957   -2.889  1.00 65.76 ? 103 GLU A CA  1 
ATOM   469  C  C   . GLU A 1 60  ? 43.134  7.004   -2.184  1.00 65.87 ? 103 GLU A C   1 
ATOM   470  O  O   . GLU A 1 60  ? 44.284  7.217   -2.575  1.00 65.80 ? 103 GLU A O   1 
ATOM   471  C  CB  . GLU A 1 60  ? 41.495  6.581   -4.056  1.00 65.70 ? 103 GLU A CB  1 
ATOM   472  C  CG  . GLU A 1 60  ? 42.381  6.831   -5.280  1.00 65.39 ? 103 GLU A CG  1 
ATOM   473  C  CD  . GLU A 1 60  ? 41.685  7.594   -6.395  1.00 65.51 ? 103 GLU A CD  1 
ATOM   474  O  OE1 . GLU A 1 60  ? 40.462  7.412   -6.593  1.00 65.53 ? 103 GLU A OE1 1 
ATOM   475  O  OE2 . GLU A 1 60  ? 42.370  8.370   -7.087  1.00 65.09 ? 103 GLU A OE2 1 
ATOM   476  N  N   . LEU A 1 61  ? 42.590  7.653   -1.154  1.00 65.99 ? 104 LEU A N   1 
ATOM   477  C  CA  . LEU A 1 61  ? 43.398  8.522   -0.300  1.00 66.29 ? 104 LEU A CA  1 
ATOM   478  C  C   . LEU A 1 61  ? 44.440  7.702   0.440   1.00 66.79 ? 104 LEU A C   1 
ATOM   479  O  O   . LEU A 1 61  ? 45.625  8.037   0.414   1.00 66.81 ? 104 LEU A O   1 
ATOM   480  C  CB  . LEU A 1 61  ? 42.544  9.292   0.708   1.00 66.09 ? 104 LEU A CB  1 
ATOM   481  C  CG  . LEU A 1 61  ? 42.161  10.738  0.398   1.00 65.77 ? 104 LEU A CG  1 
ATOM   482  C  CD1 . LEU A 1 61  ? 41.407  11.326  1.570   1.00 65.43 ? 104 LEU A CD1 1 
ATOM   483  C  CD2 . LEU A 1 61  ? 43.375  11.595  0.080   1.00 65.76 ? 104 LEU A CD2 1 
ATOM   484  N  N   . GLY A 1 62  ? 43.992  6.626   1.088   1.00 67.24 ? 105 GLY A N   1 
ATOM   485  C  CA  . GLY A 1 62  ? 44.902  5.751   1.820   1.00 68.16 ? 105 GLY A CA  1 
ATOM   486  C  C   . GLY A 1 62  ? 45.024  6.120   3.285   1.00 68.88 ? 105 GLY A C   1 
ATOM   487  O  O   . GLY A 1 62  ? 44.207  6.881   3.814   1.00 68.86 ? 105 GLY A O   1 
ATOM   488  N  N   . ASP A 1 63  ? 46.066  5.600   3.931   1.00 69.66 ? 106 ASP A N   1 
ATOM   489  C  CA  . ASP A 1 63  ? 46.163  5.621   5.394   1.00 70.44 ? 106 ASP A CA  1 
ATOM   490  C  C   . ASP A 1 63  ? 46.811  6.866   6.018   1.00 70.72 ? 106 ASP A C   1 
ATOM   491  O  O   . ASP A 1 63  ? 46.361  7.320   7.076   1.00 70.73 ? 106 ASP A O   1 
ATOM   492  C  CB  . ASP A 1 63  ? 46.857  4.347   5.899   1.00 70.59 ? 106 ASP A CB  1 
ATOM   493  C  CG  . ASP A 1 63  ? 46.707  4.153   7.405   1.00 71.34 ? 106 ASP A CG  1 
ATOM   494  O  OD1 . ASP A 1 63  ? 45.653  4.532   7.967   1.00 71.77 ? 106 ASP A OD1 1 
ATOM   495  O  OD2 . ASP A 1 63  ? 47.650  3.615   8.028   1.00 72.20 ? 106 ASP A OD2 1 
ATOM   496  N  N   . ASP A 1 64  ? 47.851  7.402   5.373   1.00 71.13 ? 107 ASP A N   1 
ATOM   497  C  CA  . ASP A 1 64  ? 48.636  8.546   5.890   1.00 71.54 ? 107 ASP A CA  1 
ATOM   498  C  C   . ASP A 1 64  ? 47.846  9.564   6.719   1.00 71.67 ? 107 ASP A C   1 
ATOM   499  O  O   . ASP A 1 64  ? 48.208  9.882   7.857   1.00 71.71 ? 107 ASP A O   1 
ATOM   500  C  CB  . ASP A 1 64  ? 49.344  9.279   4.741   1.00 71.61 ? 107 ASP A CB  1 
ATOM   501  C  CG  . ASP A 1 64  ? 50.644  8.610   4.321   1.00 72.21 ? 107 ASP A CG  1 
ATOM   502  O  OD1 . ASP A 1 64  ? 51.119  7.695   5.032   1.00 72.54 ? 107 ASP A OD1 1 
ATOM   503  O  OD2 . ASP A 1 64  ? 51.200  9.010   3.273   1.00 72.71 ? 107 ASP A OD2 1 
ATOM   504  N  N   . CYS A 1 65  ? 46.761  10.058  6.134   1.00 71.79 ? 108 CYS A N   1 
ATOM   505  C  CA  . CYS A 1 65  ? 45.974  11.137  6.707   1.00 72.00 ? 108 CYS A CA  1 
ATOM   506  C  C   . CYS A 1 65  ? 44.901  10.632  7.673   1.00 71.95 ? 108 CYS A C   1 
ATOM   507  O  O   . CYS A 1 65  ? 45.023  9.546   8.238   1.00 71.97 ? 108 CYS A O   1 
ATOM   508  C  CB  . CYS A 1 65  ? 45.322  11.911  5.569   1.00 72.05 ? 108 CYS A CB  1 
ATOM   509  S  SG  . CYS A 1 65  ? 44.214  10.896  4.580   1.00 72.98 ? 108 CYS A SG  1 
ATOM   510  N  N   . ASN A 1 66  ? 43.858  11.441  7.858   1.00 71.99 ? 109 ASN A N   1 
ATOM   511  C  CA  . ASN A 1 66  ? 42.693  11.071  8.668   1.00 72.06 ? 109 ASN A CA  1 
ATOM   512  C  C   . ASN A 1 66  ? 41.472  10.833  7.786   1.00 71.90 ? 109 ASN A C   1 
ATOM   513  O  O   . ASN A 1 66  ? 40.688  9.902   8.012   1.00 71.95 ? 109 ASN A O   1 
ATOM   514  C  CB  . ASN A 1 66  ? 42.351  12.178  9.671   1.00 72.13 ? 109 ASN A CB  1 
ATOM   515  C  CG  . ASN A 1 66  ? 43.560  12.681  10.432  1.00 72.61 ? 109 ASN A CG  1 
ATOM   516  O  OD1 . ASN A 1 66  ? 44.673  12.729  9.903   1.00 73.02 ? 109 ASN A OD1 1 
ATOM   517  N  ND2 . ASN A 1 66  ? 43.342  13.080  11.681  1.00 73.08 ? 109 ASN A ND2 1 
ATOM   518  N  N   . PHE A 1 67  ? 41.333  11.698  6.782   1.00 71.58 ? 110 PHE A N   1 
ATOM   519  C  CA  . PHE A 1 67  ? 40.170  11.751  5.903   1.00 71.16 ? 110 PHE A CA  1 
ATOM   520  C  C   . PHE A 1 67  ? 39.841  10.408  5.251   1.00 70.94 ? 110 PHE A C   1 
ATOM   521  O  O   . PHE A 1 67  ? 38.690  9.981   5.288   1.00 71.05 ? 110 PHE A O   1 
ATOM   522  C  CB  . PHE A 1 67  ? 40.369  12.853  4.853   1.00 71.05 ? 110 PHE A CB  1 
ATOM   523  C  CG  . PHE A 1 67  ? 39.101  13.302  4.178   1.00 70.72 ? 110 PHE A CG  1 
ATOM   524  C  CD1 . PHE A 1 67  ? 37.874  13.231  4.830   1.00 70.50 ? 110 PHE A CD1 1 
ATOM   525  C  CD2 . PHE A 1 67  ? 39.146  13.835  2.893   1.00 70.23 ? 110 PHE A CD2 1 
ATOM   526  C  CE1 . PHE A 1 67  ? 36.711  13.655  4.201   1.00 70.31 ? 110 PHE A CE1 1 
ATOM   527  C  CE2 . PHE A 1 67  ? 37.992  14.262  2.260   1.00 69.89 ? 110 PHE A CE2 1 
ATOM   528  C  CZ  . PHE A 1 67  ? 36.773  14.174  2.915   1.00 70.27 ? 110 PHE A CZ  1 
ATOM   529  N  N   . GLY A 1 68  ? 40.847  9.743   4.681   1.00 70.60 ? 111 GLY A N   1 
ATOM   530  C  CA  . GLY A 1 68  ? 40.668  8.418   4.070   1.00 70.33 ? 111 GLY A CA  1 
ATOM   531  C  C   . GLY A 1 68  ? 40.011  7.404   5.002   1.00 70.14 ? 111 GLY A C   1 
ATOM   532  O  O   . GLY A 1 68  ? 38.884  6.944   4.743   1.00 70.02 ? 111 GLY A O   1 
ATOM   533  N  N   . PRO A 1 69  ? 40.709  7.042   6.093   1.00 69.95 ? 112 PRO A N   1 
ATOM   534  C  CA  . PRO A 1 69  ? 40.131  6.200   7.136   1.00 69.77 ? 112 PRO A CA  1 
ATOM   535  C  C   . PRO A 1 69  ? 38.712  6.613   7.542   1.00 69.58 ? 112 PRO A C   1 
ATOM   536  O  O   . PRO A 1 69  ? 37.814  5.764   7.566   1.00 69.55 ? 112 PRO A O   1 
ATOM   537  C  CB  . PRO A 1 69  ? 41.104  6.390   8.297   1.00 69.79 ? 112 PRO A CB  1 
ATOM   538  C  CG  . PRO A 1 69  ? 42.411  6.610   7.640   1.00 69.80 ? 112 PRO A CG  1 
ATOM   539  C  CD  . PRO A 1 69  ? 42.118  7.380   6.386   1.00 69.93 ? 112 PRO A CD  1 
ATOM   540  N  N   . ALA A 1 70  ? 38.510  7.898   7.839   1.00 69.34 ? 113 ALA A N   1 
ATOM   541  C  CA  . ALA A 1 70  ? 37.190  8.410   8.236   1.00 69.23 ? 113 ALA A CA  1 
ATOM   542  C  C   . ALA A 1 70  ? 36.119  8.177   7.160   1.00 69.12 ? 113 ALA A C   1 
ATOM   543  O  O   . ALA A 1 70  ? 34.975  7.809   7.470   1.00 69.04 ? 113 ALA A O   1 
ATOM   544  C  CB  . ALA A 1 70  ? 37.275  9.882   8.608   1.00 69.21 ? 113 ALA A CB  1 
ATOM   545  N  N   . LEU A 1 71  ? 36.502  8.379   5.901   1.00 69.02 ? 114 LEU A N   1 
ATOM   546  C  CA  . LEU A 1 71  ? 35.641  8.051   4.768   1.00 69.00 ? 114 LEU A CA  1 
ATOM   547  C  C   . LEU A 1 71  ? 35.323  6.564   4.750   1.00 69.10 ? 114 LEU A C   1 
ATOM   548  O  O   . LEU A 1 71  ? 34.199  6.174   4.419   1.00 69.02 ? 114 LEU A O   1 
ATOM   549  C  CB  . LEU A 1 71  ? 36.277  8.470   3.439   1.00 68.88 ? 114 LEU A CB  1 
ATOM   550  C  CG  . LEU A 1 71  ? 36.318  9.961   3.097   1.00 68.65 ? 114 LEU A CG  1 
ATOM   551  C  CD1 . LEU A 1 71  ? 36.996  10.157  1.757   1.00 68.72 ? 114 LEU A CD1 1 
ATOM   552  C  CD2 . LEU A 1 71  ? 34.928  10.578  3.089   1.00 68.55 ? 114 LEU A CD2 1 
ATOM   553  N  N   . GLY A 1 72  ? 36.314  5.743   5.108   1.00 69.34 ? 115 GLY A N   1 
ATOM   554  C  CA  . GLY A 1 72  ? 36.093  4.304   5.303   1.00 69.10 ? 115 GLY A CA  1 
ATOM   555  C  C   . GLY A 1 72  ? 35.036  4.023   6.365   1.00 69.07 ? 115 GLY A C   1 
ATOM   556  O  O   . GLY A 1 72  ? 34.055  3.304   6.116   1.00 68.98 ? 115 GLY A O   1 
ATOM   557  N  N   . GLU A 1 73  ? 35.229  4.611   7.543   1.00 69.02 ? 116 GLU A N   1 
ATOM   558  C  CA  . GLU A 1 73  ? 34.312  4.432   8.671   1.00 69.05 ? 116 GLU A CA  1 
ATOM   559  C  C   . GLU A 1 73  ? 32.876  4.862   8.332   1.00 68.84 ? 116 GLU A C   1 
ATOM   560  O  O   . GLU A 1 73  ? 31.924  4.045   8.387   1.00 68.69 ? 116 GLU A O   1 
ATOM   561  C  CB  . GLU A 1 73  ? 34.836  5.189   9.900   1.00 69.07 ? 116 GLU A CB  1 
ATOM   562  C  CG  . GLU A 1 73  ? 36.231  4.737   10.370  1.00 69.56 ? 116 GLU A CG  1 
ATOM   563  C  CD  . GLU A 1 73  ? 36.857  5.662   11.413  1.00 69.66 ? 116 GLU A CD  1 
ATOM   564  O  OE1 . GLU A 1 73  ? 36.809  6.901   11.239  1.00 70.71 ? 116 GLU A OE1 1 
ATOM   565  O  OE2 . GLU A 1 73  ? 37.415  5.145   12.407  1.00 70.34 ? 116 GLU A OE2 1 
ATOM   566  N  N   . VAL A 1 74  ? 32.729  6.134   7.955   1.00 68.75 ? 117 VAL A N   1 
ATOM   567  C  CA  . VAL A 1 74  ? 31.419  6.686   7.589   1.00 68.49 ? 117 VAL A CA  1 
ATOM   568  C  C   . VAL A 1 74  ? 30.812  5.928   6.400   1.00 68.43 ? 117 VAL A C   1 
ATOM   569  O  O   . VAL A 1 74  ? 29.605  5.670   6.368   1.00 68.29 ? 117 VAL A O   1 
ATOM   570  C  CB  . VAL A 1 74  ? 31.488  8.209   7.320   1.00 68.42 ? 117 VAL A CB  1 
ATOM   571  C  CG1 . VAL A 1 74  ? 30.119  8.757   6.951   1.00 68.48 ? 117 VAL A CG1 1 
ATOM   572  C  CG2 . VAL A 1 74  ? 32.005  8.933   8.544   1.00 68.25 ? 117 VAL A CG2 1 
ATOM   573  N  N   . GLY A 1 75  ? 31.657  5.553   5.441   1.00 68.44 ? 118 GLY A N   1 
ATOM   574  C  CA  . GLY A 1 75  ? 31.240  4.681   4.347   1.00 68.36 ? 118 GLY A CA  1 
ATOM   575  C  C   . GLY A 1 75  ? 30.587  3.411   4.868   1.00 68.38 ? 118 GLY A C   1 
ATOM   576  O  O   . GLY A 1 75  ? 29.448  3.083   4.492   1.00 68.23 ? 118 GLY A O   1 
ATOM   577  N  N   . GLU A 1 76  ? 31.298  2.705   5.751   1.00 68.48 ? 119 GLU A N   1 
ATOM   578  C  CA  . GLU A 1 76  ? 30.756  1.488   6.363   1.00 68.26 ? 119 GLU A CA  1 
ATOM   579  C  C   . GLU A 1 76  ? 29.401  1.773   7.007   1.00 68.06 ? 119 GLU A C   1 
ATOM   580  O  O   . GLU A 1 76  ? 28.406  1.085   6.708   1.00 67.77 ? 119 GLU A O   1 
ATOM   581  C  CB  . GLU A 1 76  ? 31.726  0.891   7.388   1.00 68.35 ? 119 GLU A CB  1 
ATOM   582  C  CG  . GLU A 1 76  ? 31.868  -0.620  7.277   1.00 68.60 ? 119 GLU A CG  1 
ATOM   583  C  CD  . GLU A 1 76  ? 32.668  -1.033  6.048   1.00 69.02 ? 119 GLU A CD  1 
ATOM   584  O  OE1 . GLU A 1 76  ? 33.835  -0.599  5.925   1.00 69.09 ? 119 GLU A OE1 1 
ATOM   585  O  OE2 . GLU A 1 76  ? 32.134  -1.788  5.207   1.00 68.81 ? 119 GLU A OE2 1 
ATOM   586  N  N   . ALA A 1 77  ? 29.355  2.803   7.856   1.00 67.98 ? 120 ALA A N   1 
ATOM   587  C  CA  . ALA A 1 77  ? 28.077  3.225   8.446   1.00 67.83 ? 120 ALA A CA  1 
ATOM   588  C  C   . ALA A 1 77  ? 26.974  3.363   7.379   1.00 67.93 ? 120 ALA A C   1 
ATOM   589  O  O   . ALA A 1 77  ? 25.841  2.865   7.550   1.00 67.50 ? 120 ALA A O   1 
ATOM   590  C  CB  . ALA A 1 77  ? 28.244  4.520   9.218   1.00 67.77 ? 120 ALA A CB  1 
HETATM 591  N  N   . MSE A 1 78  ? 27.323  4.020   6.269   1.00 68.11 ? 121 MSE A N   1 
HETATM 592  C  CA  . MSE A 1 78  ? 26.404  4.163   5.145   1.00 68.29 ? 121 MSE A CA  1 
HETATM 593  C  C   . MSE A 1 78  ? 25.927  2.806   4.653   1.00 67.79 ? 121 MSE A C   1 
HETATM 594  O  O   . MSE A 1 78  ? 24.727  2.604   4.496   1.00 67.15 ? 121 MSE A O   1 
HETATM 595  C  CB  . MSE A 1 78  ? 27.026  4.951   3.985   1.00 68.83 ? 121 MSE A CB  1 
HETATM 596  C  CG  . MSE A 1 78  ? 27.240  6.439   4.230   1.00 71.26 ? 121 MSE A CG  1 
HETATM 597  SE SE  . MSE A 1 78  ? 25.742  7.369   5.085   1.00 78.17 ? 121 MSE A SE  1 
HETATM 598  C  CE  . MSE A 1 78  ? 24.271  6.891   3.830   1.00 76.88 ? 121 MSE A CE  1 
ATOM   599  N  N   . ARG A 1 79  ? 26.858  1.879   4.424   1.00 67.56 ? 122 ARG A N   1 
ATOM   600  C  CA  . ARG A 1 79  ? 26.486  0.529   3.970   1.00 67.27 ? 122 ARG A CA  1 
ATOM   601  C  C   . ARG A 1 79  ? 25.515  -0.163  4.950   1.00 67.00 ? 122 ARG A C   1 
ATOM   602  O  O   . ARG A 1 79  ? 24.505  -0.776  4.533   1.00 66.49 ? 122 ARG A O   1 
ATOM   603  C  CB  . ARG A 1 79  ? 27.732  -0.324  3.715   1.00 67.20 ? 122 ARG A CB  1 
ATOM   604  C  CG  . ARG A 1 79  ? 27.499  -1.537  2.809   1.00 67.42 ? 122 ARG A CG  1 
ATOM   605  C  CD  . ARG A 1 79  ? 28.781  -2.357  2.574   1.00 67.68 ? 122 ARG A CD  1 
ATOM   606  N  NE  . ARG A 1 79  ? 29.578  -2.535  3.793   1.00 69.21 ? 122 ARG A NE  1 
ATOM   607  C  CZ  . ARG A 1 79  ? 29.270  -3.351  4.805   1.00 69.53 ? 122 ARG A CZ  1 
ATOM   608  N  NH1 . ARG A 1 79  ? 28.168  -4.094  4.772   1.00 69.64 ? 122 ARG A NH1 1 
ATOM   609  N  NH2 . ARG A 1 79  ? 30.069  -3.418  5.863   1.00 69.56 ? 122 ARG A NH2 1 
ATOM   610  N  N   . GLU A 1 80  ? 25.809  -0.038  6.248   1.00 66.93 ? 123 GLU A N   1 
ATOM   611  C  CA  . GLU A 1 80  ? 24.890  -0.533  7.283   1.00 66.62 ? 123 GLU A CA  1 
ATOM   612  C  C   . GLU A 1 80  ? 23.498  0.053   7.044   1.00 66.28 ? 123 GLU A C   1 
ATOM   613  O  O   . GLU A 1 80  ? 22.504  -0.693  6.896   1.00 65.83 ? 123 GLU A O   1 
ATOM   614  C  CB  . GLU A 1 80  ? 25.365  -0.165  8.696   1.00 66.76 ? 123 GLU A CB  1 
ATOM   615  C  CG  . GLU A 1 80  ? 26.870  -0.280  8.946   1.00 67.39 ? 123 GLU A CG  1 
ATOM   616  C  CD  . GLU A 1 80  ? 27.326  -1.679  9.314   1.00 67.99 ? 123 GLU A CD  1 
ATOM   617  O  OE1 . GLU A 1 80  ? 26.818  -2.227  10.318  1.00 68.35 ? 123 GLU A OE1 1 
ATOM   618  O  OE2 . GLU A 1 80  ? 28.212  -2.217  8.611   1.00 68.13 ? 123 GLU A OE2 1 
ATOM   619  N  N   . LEU A 1 81  ? 23.440  1.386   6.980   1.00 66.19 ? 124 LEU A N   1 
ATOM   620  C  CA  . LEU A 1 81  ? 22.183  2.086   6.691   1.00 65.58 ? 124 LEU A CA  1 
ATOM   621  C  C   . LEU A 1 81  ? 21.485  1.540   5.442   1.00 65.44 ? 124 LEU A C   1 
ATOM   622  O  O   . LEU A 1 81  ? 20.266  1.326   5.443   1.00 64.93 ? 124 LEU A O   1 
ATOM   623  C  CB  . LEU A 1 81  ? 22.408  3.593   6.556   1.00 65.49 ? 124 LEU A CB  1 
ATOM   624  C  CG  . LEU A 1 81  ? 22.487  4.421   7.838   1.00 64.95 ? 124 LEU A CG  1 
ATOM   625  C  CD1 . LEU A 1 81  ? 22.859  5.851   7.519   1.00 64.73 ? 124 LEU A CD1 1 
ATOM   626  C  CD2 . LEU A 1 81  ? 21.171  4.388   8.572   1.00 64.89 ? 124 LEU A CD2 1 
ATOM   627  N  N   . SER A 1 82  ? 22.269  1.304   4.392   1.00 65.52 ? 125 SER A N   1 
ATOM   628  C  CA  . SER A 1 82  ? 21.768  0.712   3.159   1.00 65.19 ? 125 SER A CA  1 
ATOM   629  C  C   . SER A 1 82  ? 21.055  -0.605  3.439   1.00 65.12 ? 125 SER A C   1 
ATOM   630  O  O   . SER A 1 82  ? 19.894  -0.786  3.047   1.00 64.67 ? 125 SER A O   1 
ATOM   631  C  CB  . SER A 1 82  ? 22.902  0.501   2.153   1.00 65.17 ? 125 SER A CB  1 
ATOM   632  O  OG  . SER A 1 82  ? 22.460  -0.261  1.043   1.00 65.11 ? 125 SER A OG  1 
ATOM   633  N  N   . GLU A 1 83  ? 21.742  -1.516  4.129   1.00 65.29 ? 126 GLU A N   1 
ATOM   634  C  CA  . GLU A 1 83  ? 21.131  -2.811  4.463   1.00 64.92 ? 126 GLU A CA  1 
ATOM   635  C  C   . GLU A 1 83  ? 19.850  -2.666  5.301   1.00 64.58 ? 126 GLU A C   1 
ATOM   636  O  O   . GLU A 1 83  ? 18.803  -3.277  4.988   1.00 64.18 ? 126 GLU A O   1 
ATOM   637  C  CB  . GLU A 1 83  ? 22.151  -3.740  5.121   1.00 65.04 ? 126 GLU A CB  1 
ATOM   638  C  CG  . GLU A 1 83  ? 23.067  -4.414  4.099   1.00 65.54 ? 126 GLU A CG  1 
ATOM   639  C  CD  . GLU A 1 83  ? 24.374  -4.916  4.689   1.00 66.29 ? 126 GLU A CD  1 
ATOM   640  O  OE1 . GLU A 1 83  ? 24.353  -5.510  5.791   1.00 66.79 ? 126 GLU A OE1 1 
ATOM   641  O  OE2 . GLU A 1 83  ? 25.425  -4.723  4.038   1.00 66.28 ? 126 GLU A OE2 1 
ATOM   642  N  N   . VAL A 1 84  ? 19.919  -1.829  6.333   1.00 64.50 ? 127 VAL A N   1 
ATOM   643  C  CA  . VAL A 1 84  ? 18.722  -1.509  7.120   1.00 64.10 ? 127 VAL A CA  1 
ATOM   644  C  C   . VAL A 1 84  ? 17.560  -1.036  6.223   1.00 63.91 ? 127 VAL A C   1 
ATOM   645  O  O   . VAL A 1 84  ? 16.408  -1.471  6.386   1.00 63.47 ? 127 VAL A O   1 
ATOM   646  C  CB  . VAL A 1 84  ? 19.027  -0.450  8.201   1.00 64.17 ? 127 VAL A CB  1 
ATOM   647  C  CG1 . VAL A 1 84  ? 17.799  -0.170  9.051   1.00 64.17 ? 127 VAL A CG1 1 
ATOM   648  C  CG2 . VAL A 1 84  ? 20.178  -0.909  9.079   1.00 64.37 ? 127 VAL A CG2 1 
ATOM   649  N  N   . LYS A 1 85  ? 17.879  -0.162  5.267   1.00 63.93 ? 128 LYS A N   1 
ATOM   650  C  CA  . LYS A 1 85  ? 16.891  0.362   4.321   1.00 63.52 ? 128 LYS A CA  1 
ATOM   651  C  C   . LYS A 1 85  ? 16.312  -0.744  3.432   1.00 63.32 ? 128 LYS A C   1 
ATOM   652  O  O   . LYS A 1 85  ? 15.091  -0.807  3.231   1.00 62.84 ? 128 LYS A O   1 
ATOM   653  C  CB  . LYS A 1 85  ? 17.501  1.479   3.470   1.00 63.59 ? 128 LYS A CB  1 
ATOM   654  C  CG  . LYS A 1 85  ? 16.581  2.671   3.237   1.00 63.47 ? 128 LYS A CG  1 
ATOM   655  C  CD  . LYS A 1 85  ? 15.664  2.468   2.047   1.00 63.39 ? 128 LYS A CD  1 
ATOM   656  C  CE  . LYS A 1 85  ? 14.718  3.639   1.886   1.00 63.08 ? 128 LYS A CE  1 
ATOM   657  N  NZ  . LYS A 1 85  ? 13.767  3.379   0.782   1.00 63.09 ? 128 LYS A NZ  1 
ATOM   658  N  N   . ASP A 1 86  ? 17.185  -1.612  2.912   1.00 63.40 ? 129 ASP A N   1 
ATOM   659  C  CA  . ASP A 1 86  ? 16.742  -2.813  2.195   1.00 63.08 ? 129 ASP A CA  1 
ATOM   660  C  C   . ASP A 1 86  ? 15.701  -3.553  3.025   1.00 63.02 ? 129 ASP A C   1 
ATOM   661  O  O   . ASP A 1 86  ? 14.590  -3.842  2.542   1.00 62.95 ? 129 ASP A O   1 
ATOM   662  C  CB  . ASP A 1 86  ? 17.916  -3.749  1.894   1.00 63.04 ? 129 ASP A CB  1 
ATOM   663  C  CG  . ASP A 1 86  ? 18.760  -3.281  0.726   1.00 63.24 ? 129 ASP A CG  1 
ATOM   664  O  OD1 . ASP A 1 86  ? 18.234  -3.191  -0.404  1.00 63.03 ? 129 ASP A OD1 1 
ATOM   665  O  OD2 . ASP A 1 86  ? 19.966  -3.024  0.936   1.00 63.80 ? 129 ASP A OD2 1 
ATOM   666  N  N   . SER A 1 87  ? 16.050  -3.834  4.283   1.00 63.09 ? 130 SER A N   1 
ATOM   667  C  CA  . SER A 1 87  ? 15.110  -4.520  5.178   1.00 62.66 ? 130 SER A CA  1 
ATOM   668  C  C   . SER A 1 87  ? 13.791  -3.747  5.358   1.00 62.34 ? 130 SER A C   1 
ATOM   669  O  O   . SER A 1 87  ? 12.711  -4.354  5.396   1.00 62.16 ? 130 SER A O   1 
ATOM   670  C  CB  . SER A 1 87  ? 15.759  -4.863  6.527   1.00 62.72 ? 130 SER A CB  1 
ATOM   671  O  OG  . SER A 1 87  ? 15.811  -3.739  7.388   1.00 62.87 ? 130 SER A OG  1 
ATOM   672  N  N   . LEU A 1 88  ? 13.876  -2.418  5.451   1.00 62.29 ? 131 LEU A N   1 
ATOM   673  C  CA  . LEU A 1 88  ? 12.659  -1.592  5.507   1.00 61.76 ? 131 LEU A CA  1 
ATOM   674  C  C   . LEU A 1 88  ? 11.777  -1.780  4.268   1.00 61.74 ? 131 LEU A C   1 
ATOM   675  O  O   . LEU A 1 88  ? 10.561  -2.001  4.385   1.00 61.36 ? 131 LEU A O   1 
ATOM   676  C  CB  . LEU A 1 88  ? 12.992  -0.111  5.703   1.00 61.71 ? 131 LEU A CB  1 
ATOM   677  C  CG  . LEU A 1 88  ? 11.830  0.877   5.540   1.00 61.45 ? 131 LEU A CG  1 
ATOM   678  C  CD1 . LEU A 1 88  ? 10.841  0.765   6.687   1.00 61.60 ? 131 LEU A CD1 1 
ATOM   679  C  CD2 . LEU A 1 88  ? 12.339  2.300   5.415   1.00 61.48 ? 131 LEU A CD2 1 
ATOM   680  N  N   . ASP A 1 89  ? 12.398  -1.690  3.091   1.00 61.92 ? 132 ASP A N   1 
ATOM   681  C  CA  . ASP A 1 89  ? 11.699  -1.932  1.827   1.00 61.78 ? 132 ASP A CA  1 
ATOM   682  C  C   . ASP A 1 89  ? 11.013  -3.292  1.846   1.00 62.07 ? 132 ASP A C   1 
ATOM   683  O  O   . ASP A 1 89  ? 9.808   -3.393  1.571   1.00 61.51 ? 132 ASP A O   1 
ATOM   684  C  CB  . ASP A 1 89  ? 12.665  -1.843  0.641   1.00 61.66 ? 132 ASP A CB  1 
ATOM   685  C  CG  . ASP A 1 89  ? 13.038  -0.414  0.286   1.00 61.17 ? 132 ASP A CG  1 
ATOM   686  O  OD1 . ASP A 1 89  ? 12.601  0.526   0.985   1.00 60.88 ? 132 ASP A OD1 1 
ATOM   687  O  OD2 . ASP A 1 89  ? 13.772  -0.227  -0.703  1.00 60.52 ? 132 ASP A OD2 1 
HETATM 688  N  N   . MSE A 1 90  ? 11.788  -4.325  2.187   1.00 62.66 ? 133 MSE A N   1 
HETATM 689  C  CA  . MSE A 1 90  ? 11.255  -5.675  2.391   1.00 63.36 ? 133 MSE A CA  1 
HETATM 690  C  C   . MSE A 1 90  ? 9.992   -5.664  3.237   1.00 62.34 ? 133 MSE A C   1 
HETATM 691  O  O   . MSE A 1 90  ? 8.910   -6.075  2.788   1.00 61.42 ? 133 MSE A O   1 
HETATM 692  C  CB  . MSE A 1 90  ? 12.283  -6.542  3.117   1.00 64.53 ? 133 MSE A CB  1 
HETATM 693  C  CG  . MSE A 1 90  ? 13.566  -6.782  2.359   1.00 69.74 ? 133 MSE A CG  1 
HETATM 694  SE SE  . MSE A 1 90  ? 13.251  -7.987  0.873   1.00 83.26 ? 133 MSE A SE  1 
HETATM 695  C  CE  . MSE A 1 90  ? 12.934  -9.719  1.912   1.00 79.36 ? 133 MSE A CE  1 
ATOM   696  N  N   . GLU A 1 91  ? 10.145  -5.183  4.468   1.00 61.74 ? 134 GLU A N   1 
ATOM   697  C  CA  . GLU A 1 91  ? 9.076   -5.264  5.449   1.00 61.20 ? 134 GLU A CA  1 
ATOM   698  C  C   . GLU A 1 91  ? 7.831   -4.491  5.018   1.00 60.65 ? 134 GLU A C   1 
ATOM   699  O  O   . GLU A 1 91  ? 6.713   -5.009  5.136   1.00 59.58 ? 134 GLU A O   1 
ATOM   700  C  CB  . GLU A 1 91  ? 9.564   -4.811  6.826   1.00 61.40 ? 134 GLU A CB  1 
ATOM   701  C  CG  . GLU A 1 91  ? 8.865   -5.516  7.978   1.00 62.21 ? 134 GLU A CG  1 
ATOM   702  C  CD  . GLU A 1 91  ? 9.248   -4.953  9.330   1.00 63.67 ? 134 GLU A CD  1 
ATOM   703  O  OE1 . GLU A 1 91  ? 10.461  -4.907  9.636   1.00 64.45 ? 134 GLU A OE1 1 
ATOM   704  O  OE2 . GLU A 1 91  ? 8.334   -4.561  10.092  1.00 64.00 ? 134 GLU A OE2 1 
ATOM   705  N  N   . VAL A 1 92  ? 8.017   -3.273  4.505   1.00 60.50 ? 135 VAL A N   1 
ATOM   706  C  CA  . VAL A 1 92  ? 6.872   -2.483  4.027   1.00 60.14 ? 135 VAL A CA  1 
ATOM   707  C  C   . VAL A 1 92  ? 6.195   -3.158  2.829   1.00 60.16 ? 135 VAL A C   1 
ATOM   708  O  O   . VAL A 1 92  ? 4.961   -3.230  2.772   1.00 60.12 ? 135 VAL A O   1 
ATOM   709  C  CB  . VAL A 1 92  ? 7.244   -1.028  3.689   1.00 60.04 ? 135 VAL A CB  1 
ATOM   710  C  CG1 . VAL A 1 92  ? 6.034   -0.277  3.164   1.00 59.67 ? 135 VAL A CG1 1 
ATOM   711  C  CG2 . VAL A 1 92  ? 7.782   -0.326  4.917   1.00 60.08 ? 135 VAL A CG2 1 
ATOM   712  N  N   . LYS A 1 93  ? 7.000   -3.661  1.889   1.00 60.19 ? 136 LYS A N   1 
ATOM   713  C  CA  . LYS A 1 93  ? 6.467   -4.434  0.765   1.00 59.70 ? 136 LYS A CA  1 
ATOM   714  C  C   . LYS A 1 93  ? 5.594   -5.590  1.258   1.00 59.49 ? 136 LYS A C   1 
ATOM   715  O  O   . LYS A 1 93  ? 4.446   -5.732  0.834   1.00 59.44 ? 136 LYS A O   1 
ATOM   716  C  CB  . LYS A 1 93  ? 7.598   -4.959  -0.132  1.00 59.72 ? 136 LYS A CB  1 
ATOM   717  C  CG  . LYS A 1 93  ? 7.163   -5.907  -1.264  1.00 59.59 ? 136 LYS A CG  1 
ATOM   718  C  CD  . LYS A 1 93  ? 6.399   -5.174  -2.365  1.00 60.36 ? 136 LYS A CD  1 
ATOM   719  C  CE  . LYS A 1 93  ? 6.378   -5.951  -3.677  1.00 60.63 ? 136 LYS A CE  1 
ATOM   720  N  NZ  . LYS A 1 93  ? 5.569   -7.198  -3.594  1.00 60.97 ? 136 LYS A NZ  1 
ATOM   721  N  N   . GLN A 1 94  ? 6.145   -6.392  2.168   1.00 59.42 ? 137 GLN A N   1 
ATOM   722  C  CA  . GLN A 1 94  ? 5.480   -7.612  2.626   1.00 58.47 ? 137 GLN A CA  1 
ATOM   723  C  C   . GLN A 1 94  ? 4.267   -7.373  3.534   1.00 57.76 ? 137 GLN A C   1 
ATOM   724  O  O   . GLN A 1 94  ? 3.263   -8.078  3.424   1.00 57.71 ? 137 GLN A O   1 
ATOM   725  C  CB  . GLN A 1 94  ? 6.495   -8.527  3.311   1.00 58.61 ? 137 GLN A CB  1 
ATOM   726  C  CG  . GLN A 1 94  ? 5.954   -9.872  3.766   1.00 58.71 ? 137 GLN A CG  1 
ATOM   727  C  CD  . GLN A 1 94  ? 6.942   -10.620 4.638   1.00 58.69 ? 137 GLN A CD  1 
ATOM   728  O  OE1 . GLN A 1 94  ? 7.919   -11.185 4.145   1.00 59.05 ? 137 GLN A OE1 1 
ATOM   729  N  NE2 . GLN A 1 94  ? 6.694   -10.625 5.944   1.00 58.66 ? 137 GLN A NE2 1 
ATOM   730  N  N   . ASN A 1 95  ? 4.351   -6.391  4.427   1.00 57.15 ? 138 ASN A N   1 
ATOM   731  C  CA  . ASN A 1 95  ? 3.288   -6.194  5.417   1.00 55.48 ? 138 ASN A CA  1 
ATOM   732  C  C   . ASN A 1 95  ? 2.327   -5.045  5.123   1.00 54.50 ? 138 ASN A C   1 
ATOM   733  O  O   . ASN A 1 95  ? 1.380   -4.827  5.881   1.00 54.36 ? 138 ASN A O   1 
ATOM   734  C  CB  . ASN A 1 95  ? 3.875   -6.032  6.826   1.00 55.58 ? 138 ASN A CB  1 
ATOM   735  C  CG  . ASN A 1 95  ? 4.849   -7.145  7.198   1.00 55.54 ? 138 ASN A CG  1 
ATOM   736  O  OD1 . ASN A 1 95  ? 4.940   -8.177  6.525   1.00 55.20 ? 138 ASN A OD1 1 
ATOM   737  N  ND2 . ASN A 1 95  ? 5.591   -6.930  8.278   1.00 55.53 ? 138 ASN A ND2 1 
ATOM   738  N  N   . PHE A 1 96  ? 2.558   -4.313  4.036   1.00 53.14 ? 139 PHE A N   1 
ATOM   739  C  CA  . PHE A 1 96  ? 1.710   -3.163  3.722   1.00 51.92 ? 139 PHE A CA  1 
ATOM   740  C  C   . PHE A 1 96  ? 1.269   -3.098  2.263   1.00 51.37 ? 139 PHE A C   1 
ATOM   741  O  O   . PHE A 1 96  ? 0.071   -3.046  1.979   1.00 51.19 ? 139 PHE A O   1 
ATOM   742  C  CB  . PHE A 1 96  ? 2.381   -1.851  4.156   1.00 51.62 ? 139 PHE A CB  1 
ATOM   743  C  CG  . PHE A 1 96  ? 1.493   -0.641  4.037   1.00 50.81 ? 139 PHE A CG  1 
ATOM   744  C  CD1 . PHE A 1 96  ? 0.359   -0.511  4.828   1.00 50.14 ? 139 PHE A CD1 1 
ATOM   745  C  CD2 . PHE A 1 96  ? 1.799   0.374   3.140   1.00 50.19 ? 139 PHE A CD2 1 
ATOM   746  C  CE1 . PHE A 1 96  ? -0.463  0.605   4.719   1.00 49.87 ? 139 PHE A CE1 1 
ATOM   747  C  CE2 . PHE A 1 96  ? 0.982   1.495   3.024   1.00 49.84 ? 139 PHE A CE2 1 
ATOM   748  C  CZ  . PHE A 1 96  ? -0.149  1.611   3.816   1.00 50.04 ? 139 PHE A CZ  1 
ATOM   749  N  N   . ILE A 1 97  ? 2.236   -3.105  1.347   1.00 50.67 ? 140 ILE A N   1 
ATOM   750  C  CA  . ILE A 1 97  ? 1.953   -3.006  -0.088  1.00 49.99 ? 140 ILE A CA  1 
ATOM   751  C  C   . ILE A 1 97  ? 1.140   -4.204  -0.585  1.00 49.63 ? 140 ILE A C   1 
ATOM   752  O  O   . ILE A 1 97  ? 0.087   -4.033  -1.207  1.00 49.59 ? 140 ILE A O   1 
ATOM   753  C  CB  . ILE A 1 97  ? 3.257   -2.859  -0.928  1.00 49.92 ? 140 ILE A CB  1 
ATOM   754  C  CG1 . ILE A 1 97  ? 4.109   -1.674  -0.444  1.00 49.83 ? 140 ILE A CG1 1 
ATOM   755  C  CG2 . ILE A 1 97  ? 2.950   -2.749  -2.420  1.00 49.70 ? 140 ILE A CG2 1 
ATOM   756  C  CD1 . ILE A 1 97  ? 3.440   -0.311  -0.512  1.00 49.88 ? 140 ILE A CD1 1 
ATOM   757  N  N   . ASP A 1 98  ? 1.631   -5.406  -0.294  1.00 49.04 ? 141 ASP A N   1 
ATOM   758  C  CA  . ASP A 1 98  ? 1.001   -6.635  -0.762  1.00 48.64 ? 141 ASP A CA  1 
ATOM   759  C  C   . ASP A 1 98  ? -0.429  -6.833  -0.250  1.00 48.16 ? 141 ASP A C   1 
ATOM   760  O  O   . ASP A 1 98  ? -1.332  -7.090  -1.052  1.00 48.18 ? 141 ASP A O   1 
ATOM   761  C  CB  . ASP A 1 98  ? 1.881   -7.850  -0.449  1.00 48.74 ? 141 ASP A CB  1 
ATOM   762  C  CG  . ASP A 1 98  ? 3.166   -7.856  -1.255  1.00 49.35 ? 141 ASP A CG  1 
ATOM   763  O  OD1 . ASP A 1 98  ? 3.334   -6.974  -2.127  1.00 49.82 ? 141 ASP A OD1 1 
ATOM   764  O  OD2 . ASP A 1 98  ? 4.009   -8.747  -1.016  1.00 50.06 ? 141 ASP A OD2 1 
ATOM   765  N  N   . PRO A 1 99  ? -0.644  -6.714  1.076   1.00 47.61 ? 142 PRO A N   1 
ATOM   766  C  CA  . PRO A 1 99  ? -2.004  -6.819  1.597   1.00 47.22 ? 142 PRO A CA  1 
ATOM   767  C  C   . PRO A 1 99  ? -2.980  -5.860  0.915   1.00 46.87 ? 142 PRO A C   1 
ATOM   768  O  O   . PRO A 1 99  ? -4.087  -6.275  0.554   1.00 46.72 ? 142 PRO A O   1 
ATOM   769  C  CB  . PRO A 1 99  ? -1.835  -6.460  3.074   1.00 47.19 ? 142 PRO A CB  1 
ATOM   770  C  CG  . PRO A 1 99  ? -0.455  -6.875  3.385   1.00 47.34 ? 142 PRO A CG  1 
ATOM   771  C  CD  . PRO A 1 99  ? 0.328   -6.512  2.166   1.00 47.61 ? 142 PRO A CD  1 
ATOM   772  N  N   . LEU A 1 100 ? -2.574  -4.604  0.728   1.00 46.36 ? 143 LEU A N   1 
ATOM   773  C  CA  . LEU A 1 100 ? -3.421  -3.621  0.052   1.00 46.05 ? 143 LEU A CA  1 
ATOM   774  C  C   . LEU A 1 100 ? -3.715  -4.041  -1.387  1.00 46.02 ? 143 LEU A C   1 
ATOM   775  O  O   . LEU A 1 100 ? -4.865  -3.989  -1.843  1.00 45.94 ? 143 LEU A O   1 
ATOM   776  C  CB  . LEU A 1 100 ? -2.790  -2.229  0.092   1.00 45.92 ? 143 LEU A CB  1 
ATOM   777  C  CG  . LEU A 1 100 ? -2.791  -1.454  1.413   1.00 45.50 ? 143 LEU A CG  1 
ATOM   778  C  CD1 . LEU A 1 100 ? -2.152  -0.099  1.213   1.00 45.10 ? 143 LEU A CD1 1 
ATOM   779  C  CD2 . LEU A 1 100 ? -4.188  -1.289  1.968   1.00 45.14 ? 143 LEU A CD2 1 
ATOM   780  N  N   . GLN A 1 101 ? -2.669  -4.473  -2.088  1.00 45.97 ? 144 GLN A N   1 
ATOM   781  C  CA  . GLN A 1 101 ? -2.801  -4.991  -3.446  1.00 45.85 ? 144 GLN A CA  1 
ATOM   782  C  C   . GLN A 1 101 ? -3.826  -6.125  -3.477  1.00 45.85 ? 144 GLN A C   1 
ATOM   783  O  O   . GLN A 1 101 ? -4.781  -6.101  -4.273  1.00 45.71 ? 144 GLN A O   1 
ATOM   784  C  CB  . GLN A 1 101 ? -1.435  -5.458  -3.968  1.00 45.75 ? 144 GLN A CB  1 
ATOM   785  C  CG  . GLN A 1 101 ? -1.445  -6.010  -5.387  1.00 45.43 ? 144 GLN A CG  1 
ATOM   786  C  CD  . GLN A 1 101 ? -1.991  -5.023  -6.403  1.00 45.04 ? 144 GLN A CD  1 
ATOM   787  O  OE1 . GLN A 1 101 ? -1.472  -3.918  -6.556  1.00 44.57 ? 144 GLN A OE1 1 
ATOM   788  N  NE2 . GLN A 1 101 ? -3.042  -5.426  -7.110  1.00 45.00 ? 144 GLN A NE2 1 
ATOM   789  N  N   . ASN A 1 102 ? -3.635  -7.093  -2.584  1.00 45.89 ? 145 ASN A N   1 
ATOM   790  C  CA  . ASN A 1 102 ? -4.532  -8.235  -2.466  1.00 46.01 ? 145 ASN A CA  1 
ATOM   791  C  C   . ASN A 1 102 ? -5.966  -7.810  -2.170  1.00 46.03 ? 145 ASN A C   1 
ATOM   792  O  O   . ASN A 1 102 ? -6.911  -8.384  -2.717  1.00 46.19 ? 145 ASN A O   1 
ATOM   793  C  CB  . ASN A 1 102 ? -4.036  -9.206  -1.396  1.00 46.02 ? 145 ASN A CB  1 
ATOM   794  C  CG  . ASN A 1 102 ? -4.852  -10.478 -1.348  1.00 46.39 ? 145 ASN A CG  1 
ATOM   795  O  OD1 . ASN A 1 102 ? -4.668  -11.380 -2.166  1.00 47.41 ? 145 ASN A OD1 1 
ATOM   796  N  ND2 . ASN A 1 102 ? -5.764  -10.558 -0.388  1.00 46.62 ? 145 ASN A ND2 1 
ATOM   797  N  N   . LEU A 1 103 ? -6.119  -6.801  -1.311  1.00 46.07 ? 146 LEU A N   1 
ATOM   798  C  CA  . LEU A 1 103 ? -7.434  -6.249  -0.984  1.00 45.75 ? 146 LEU A CA  1 
ATOM   799  C  C   . LEU A 1 103 ? -8.068  -5.611  -2.217  1.00 45.79 ? 146 LEU A C   1 
ATOM   800  O  O   . LEU A 1 103 ? -9.281  -5.710  -2.424  1.00 45.81 ? 146 LEU A O   1 
ATOM   801  C  CB  . LEU A 1 103 ? -7.322  -5.224  0.148   1.00 45.65 ? 146 LEU A CB  1 
ATOM   802  C  CG  . LEU A 1 103 ? -8.596  -4.521  0.628   1.00 45.21 ? 146 LEU A CG  1 
ATOM   803  C  CD1 . LEU A 1 103 ? -9.359  -5.360  1.646   1.00 44.53 ? 146 LEU A CD1 1 
ATOM   804  C  CD2 . LEU A 1 103 ? -8.229  -3.181  1.217   1.00 44.80 ? 146 LEU A CD2 1 
ATOM   805  N  N   . HIS A 1 104 ? -7.241  -4.963  -3.034  1.00 45.81 ? 147 HIS A N   1 
ATOM   806  C  CA  . HIS A 1 104 ? -7.728  -4.385  -4.277  1.00 45.84 ? 147 HIS A CA  1 
ATOM   807  C  C   . HIS A 1 104 ? -8.142  -5.444  -5.292  1.00 45.80 ? 147 HIS A C   1 
ATOM   808  O  O   . HIS A 1 104 ? -9.151  -5.274  -5.987  1.00 45.94 ? 147 HIS A O   1 
ATOM   809  C  CB  . HIS A 1 104 ? -6.702  -3.457  -4.904  1.00 45.90 ? 147 HIS A CB  1 
ATOM   810  C  CG  . HIS A 1 104 ? -7.182  -2.803  -6.162  1.00 46.59 ? 147 HIS A CG  1 
ATOM   811  N  ND1 . HIS A 1 104 ? -6.850  -3.268  -7.417  1.00 47.24 ? 147 HIS A ND1 1 
ATOM   812  C  CD2 . HIS A 1 104 ? -7.986  -1.730  -6.358  1.00 46.79 ? 147 HIS A CD2 1 
ATOM   813  C  CE1 . HIS A 1 104 ? -7.415  -2.500  -8.331  1.00 47.44 ? 147 HIS A CE1 1 
ATOM   814  N  NE2 . HIS A 1 104 ? -8.107  -1.557  -7.715  1.00 47.36 ? 147 HIS A NE2 1 
ATOM   815  N  N   . ASP A 1 105 ? -7.362  -6.521  -5.393  1.00 45.52 ? 148 ASP A N   1 
ATOM   816  C  CA  . ASP A 1 105 ? -7.699  -7.602  -6.317  1.00 45.16 ? 148 ASP A CA  1 
ATOM   817  C  C   . ASP A 1 105 ? -8.952  -8.353  -5.856  1.00 44.99 ? 148 ASP A C   1 
ATOM   818  O  O   . ASP A 1 105 ? -10.065 -8.047  -6.318  1.00 44.87 ? 148 ASP A O   1 
ATOM   819  C  CB  . ASP A 1 105 ? -6.507  -8.538  -6.528  1.00 45.30 ? 148 ASP A CB  1 
ATOM   820  C  CG  . ASP A 1 105 ? -5.289  -7.816  -7.112  1.00 45.88 ? 148 ASP A CG  1 
ATOM   821  O  OD1 . ASP A 1 105 ? -5.427  -6.655  -7.566  1.00 46.35 ? 148 ASP A OD1 1 
ATOM   822  O  OD2 . ASP A 1 105 ? -4.186  -8.408  -7.113  1.00 45.93 ? 148 ASP A OD2 1 
ATOM   823  N  N   . LYS A 1 106 ? -8.778  -9.280  -4.913  1.00 44.64 ? 149 LYS A N   1 
ATOM   824  C  CA  . LYS A 1 106 ? -9.860  -10.150 -4.427  1.00 44.36 ? 149 LYS A CA  1 
ATOM   825  C  C   . LYS A 1 106 ? -11.140 -9.409  -4.024  1.00 43.97 ? 149 LYS A C   1 
ATOM   826  O  O   . LYS A 1 106 ? -12.110 -9.363  -4.792  1.00 43.58 ? 149 LYS A O   1 
ATOM   827  C  CB  . LYS A 1 106 ? -9.383  -11.025 -3.253  1.00 44.57 ? 149 LYS A CB  1 
ATOM   828  C  CG  . LYS A 1 106 ? -8.010  -11.685 -3.423  1.00 45.49 ? 149 LYS A CG  1 
ATOM   829  C  CD  . LYS A 1 106 ? -8.029  -12.807 -4.457  1.00 47.26 ? 149 LYS A CD  1 
ATOM   830  C  CE  . LYS A 1 106 ? -6.621  -13.322 -4.747  1.00 47.78 ? 149 LYS A CE  1 
ATOM   831  N  NZ  . LYS A 1 106 ? -6.634  -14.373 -5.804  1.00 48.08 ? 149 LYS A NZ  1 
ATOM   832  N  N   . ASP A 1 107 ? -11.132 -8.828  -2.824  1.00 43.69 ? 150 ASP A N   1 
ATOM   833  C  CA  . ASP A 1 107 ? -12.342 -8.286  -2.198  1.00 43.49 ? 150 ASP A CA  1 
ATOM   834  C  C   . ASP A 1 107 ? -12.979 -7.149  -3.000  1.00 43.18 ? 150 ASP A C   1 
ATOM   835  O  O   . ASP A 1 107 ? -14.193 -7.164  -3.281  1.00 42.83 ? 150 ASP A O   1 
ATOM   836  C  CB  . ASP A 1 107 ? -12.042 -7.835  -0.767  1.00 43.53 ? 150 ASP A CB  1 
ATOM   837  C  CG  . ASP A 1 107 ? -11.224 -8.856  0.006   1.00 44.41 ? 150 ASP A CG  1 
ATOM   838  O  OD1 . ASP A 1 107 ? -11.789 -9.871  0.470   1.00 45.03 ? 150 ASP A OD1 1 
ATOM   839  O  OD2 . ASP A 1 107 ? -10.004 -8.642  0.154   1.00 46.23 ? 150 ASP A OD2 1 
ATOM   840  N  N   . LEU A 1 108 ? -12.154 -6.182  -3.383  1.00 42.94 ? 151 LEU A N   1 
ATOM   841  C  CA  . LEU A 1 108 ? -12.644 -5.027  -4.111  1.00 42.99 ? 151 LEU A CA  1 
ATOM   842  C  C   . LEU A 1 108 ? -13.076 -5.375  -5.539  1.00 43.18 ? 151 LEU A C   1 
ATOM   843  O  O   . LEU A 1 108 ? -14.126 -4.893  -6.005  1.00 42.77 ? 151 LEU A O   1 
ATOM   844  C  CB  . LEU A 1 108 ? -11.626 -3.885  -4.075  1.00 42.94 ? 151 LEU A CB  1 
ATOM   845  C  CG  . LEU A 1 108 ? -11.480 -3.170  -2.725  1.00 42.72 ? 151 LEU A CG  1 
ATOM   846  C  CD1 . LEU A 1 108 ? -10.249 -2.290  -2.703  1.00 43.01 ? 151 LEU A CD1 1 
ATOM   847  C  CD2 . LEU A 1 108 ? -12.705 -2.350  -2.379  1.00 42.16 ? 151 LEU A CD2 1 
ATOM   848  N  N   . ARG A 1 109 ? -12.298 -6.225  -6.224  1.00 43.59 ? 152 ARG A N   1 
ATOM   849  C  CA  . ARG A 1 109 ? -12.709 -6.665  -7.557  1.00 43.60 ? 152 ARG A CA  1 
ATOM   850  C  C   . ARG A 1 109 ? -14.022 -7.455  -7.471  1.00 43.00 ? 152 ARG A C   1 
ATOM   851  O  O   . ARG A 1 109 ? -14.934 -7.242  -8.278  1.00 42.70 ? 152 ARG A O   1 
ATOM   852  C  CB  . ARG A 1 109 ? -11.609 -7.466  -8.261  1.00 44.00 ? 152 ARG A CB  1 
ATOM   853  C  CG  . ARG A 1 109 ? -11.764 -7.545  -9.775  1.00 46.16 ? 152 ARG A CG  1 
ATOM   854  C  CD  . ARG A 1 109 ? -10.867 -8.624  -10.367 1.00 50.03 ? 152 ARG A CD  1 
ATOM   855  N  NE  . ARG A 1 109 ? -11.618 -9.517  -11.258 1.00 52.76 ? 152 ARG A NE  1 
ATOM   856  C  CZ  . ARG A 1 109 ? -11.280 -10.779 -11.535 1.00 53.96 ? 152 ARG A CZ  1 
ATOM   857  N  NH1 . ARG A 1 109 ? -10.191 -11.327 -10.996 1.00 54.15 ? 152 ARG A NH1 1 
ATOM   858  N  NH2 . ARG A 1 109 ? -12.039 -11.502 -12.352 1.00 54.42 ? 152 ARG A NH2 1 
ATOM   859  N  N   . GLU A 1 110 ? -14.120 -8.333  -6.474  1.00 42.69 ? 153 GLU A N   1 
ATOM   860  C  CA  . GLU A 1 110 ? -15.340 -9.102  -6.251  1.00 42.33 ? 153 GLU A CA  1 
ATOM   861  C  C   . GLU A 1 110 ? -16.540 -8.181  -6.033  1.00 42.07 ? 153 GLU A C   1 
ATOM   862  O  O   . GLU A 1 110 ? -17.577 -8.328  -6.702  1.00 42.00 ? 153 GLU A O   1 
ATOM   863  C  CB  . GLU A 1 110 ? -15.186 -10.073 -5.082  1.00 42.27 ? 153 GLU A CB  1 
ATOM   864  C  CG  . GLU A 1 110 ? -16.263 -11.143 -5.066  1.00 43.24 ? 153 GLU A CG  1 
ATOM   865  C  CD  . GLU A 1 110 ? -16.471 -11.782 -3.702  1.00 44.87 ? 153 GLU A CD  1 
ATOM   866  O  OE1 . GLU A 1 110 ? -16.318 -13.019 -3.601  1.00 45.64 ? 153 GLU A OE1 1 
ATOM   867  O  OE2 . GLU A 1 110 ? -16.798 -11.061 -2.733  1.00 45.53 ? 153 GLU A OE2 1 
ATOM   868  N  N   . ILE A 1 111 ? -16.396 -7.225  -5.112  1.00 42.03 ? 154 ILE A N   1 
ATOM   869  C  CA  . ILE A 1 111 ? -17.458 -6.235  -4.878  1.00 41.66 ? 154 ILE A CA  1 
ATOM   870  C  C   . ILE A 1 111 ? -17.831 -5.499  -6.175  1.00 41.75 ? 154 ILE A C   1 
ATOM   871  O  O   . ILE A 1 111 ? -19.022 -5.358  -6.499  1.00 41.53 ? 154 ILE A O   1 
ATOM   872  C  CB  . ILE A 1 111 ? -17.084 -5.238  -3.755  1.00 41.53 ? 154 ILE A CB  1 
ATOM   873  C  CG1 . ILE A 1 111 ? -17.167 -5.927  -2.396  1.00 41.28 ? 154 ILE A CG1 1 
ATOM   874  C  CG2 . ILE A 1 111 ? -17.989 -4.009  -3.778  1.00 41.05 ? 154 ILE A CG2 1 
ATOM   875  C  CD1 . ILE A 1 111 ? -16.355 -5.244  -1.314  1.00 40.96 ? 154 ILE A CD1 1 
ATOM   876  N  N   . GLN A 1 112 ? -16.816 -5.062  -6.921  1.00 41.98 ? 155 GLN A N   1 
ATOM   877  C  CA  . GLN A 1 112 ? -17.049 -4.377  -8.190  1.00 42.03 ? 155 GLN A CA  1 
ATOM   878  C  C   . GLN A 1 112 ? -17.886 -5.242  -9.136  1.00 42.05 ? 155 GLN A C   1 
ATOM   879  O  O   . GLN A 1 112 ? -18.885 -4.776  -9.719  1.00 42.05 ? 155 GLN A O   1 
ATOM   880  C  CB  . GLN A 1 112 ? -15.726 -3.997  -8.837  1.00 42.02 ? 155 GLN A CB  1 
ATOM   881  C  CG  . GLN A 1 112 ? -15.849 -2.878  -9.844  1.00 42.70 ? 155 GLN A CG  1 
ATOM   882  C  CD  . GLN A 1 112 ? -14.599 -2.698  -10.686 1.00 43.99 ? 155 GLN A CD  1 
ATOM   883  O  OE1 . GLN A 1 112 ? -13.831 -3.645  -10.912 1.00 44.28 ? 155 GLN A OE1 1 
ATOM   884  N  NE2 . GLN A 1 112 ? -14.391 -1.475  -11.168 1.00 44.23 ? 155 GLN A NE2 1 
ATOM   885  N  N   . HIS A 1 113 ? -17.484 -6.505  -9.265  1.00 42.18 ? 156 HIS A N   1 
ATOM   886  C  CA  . HIS A 1 113 ? -18.254 -7.474  -10.035 1.00 42.35 ? 156 HIS A CA  1 
ATOM   887  C  C   . HIS A 1 113 ? -19.715 -7.524  -9.558  1.00 42.13 ? 156 HIS A C   1 
ATOM   888  O  O   . HIS A 1 113 ? -20.652 -7.314  -10.358 1.00 42.13 ? 156 HIS A O   1 
ATOM   889  C  CB  . HIS A 1 113 ? -17.602 -8.859  -9.966  1.00 42.56 ? 156 HIS A CB  1 
ATOM   890  C  CG  . HIS A 1 113 ? -18.365 -9.922  -10.695 1.00 44.00 ? 156 HIS A CG  1 
ATOM   891  N  ND1 . HIS A 1 113 ? -18.303 -10.077 -12.064 1.00 45.11 ? 156 HIS A ND1 1 
ATOM   892  C  CD2 . HIS A 1 113 ? -19.215 -10.877 -10.245 1.00 44.91 ? 156 HIS A CD2 1 
ATOM   893  C  CE1 . HIS A 1 113 ? -19.077 -11.086 -12.426 1.00 45.25 ? 156 HIS A CE1 1 
ATOM   894  N  NE2 . HIS A 1 113 ? -19.641 -11.589 -11.341 1.00 45.26 ? 156 HIS A NE2 1 
ATOM   895  N  N   . HIS A 1 114 ? -19.902 -7.771  -8.258  1.00 41.84 ? 157 HIS A N   1 
ATOM   896  C  CA  . HIS A 1 114 ? -21.248 -7.836  -7.684  1.00 41.39 ? 157 HIS A CA  1 
ATOM   897  C  C   . HIS A 1 114 ? -22.072 -6.610  -8.042  1.00 41.33 ? 157 HIS A C   1 
ATOM   898  O  O   . HIS A 1 114 ? -23.256 -6.716  -8.391  1.00 41.55 ? 157 HIS A O   1 
ATOM   899  C  CB  . HIS A 1 114 ? -21.197 -7.990  -6.167  1.00 41.30 ? 157 HIS A CB  1 
ATOM   900  C  CG  . HIS A 1 114 ? -20.736 -9.335  -5.710  1.00 41.00 ? 157 HIS A CG  1 
ATOM   901  N  ND1 . HIS A 1 114 ? -20.001 -9.514  -4.561  1.00 41.27 ? 157 HIS A ND1 1 
ATOM   902  C  CD2 . HIS A 1 114 ? -20.894 -10.565 -6.251  1.00 41.32 ? 157 HIS A CD2 1 
ATOM   903  C  CE1 . HIS A 1 114 ? -19.731 -10.799 -4.408  1.00 41.32 ? 157 HIS A CE1 1 
ATOM   904  N  NE2 . HIS A 1 114 ? -20.261 -11.458 -5.421  1.00 41.56 ? 157 HIS A NE2 1 
ATOM   905  N  N   . LEU A 1 115 ? -21.437 -5.446  -7.961  1.00 41.31 ? 158 LEU A N   1 
ATOM   906  C  CA  . LEU A 1 115 ? -22.125 -4.202  -8.259  1.00 41.34 ? 158 LEU A CA  1 
ATOM   907  C  C   . LEU A 1 115 ? -22.516 -4.111  -9.719  1.00 41.54 ? 158 LEU A C   1 
ATOM   908  O  O   . LEU A 1 115 ? -23.640 -3.701  -10.034 1.00 41.73 ? 158 LEU A O   1 
ATOM   909  C  CB  . LEU A 1 115 ? -21.277 -3.000  -7.862  1.00 41.28 ? 158 LEU A CB  1 
ATOM   910  C  CG  . LEU A 1 115 ? -21.206 -2.692  -6.372  1.00 40.66 ? 158 LEU A CG  1 
ATOM   911  C  CD1 . LEU A 1 115 ? -20.117 -1.679  -6.154  1.00 40.95 ? 158 LEU A CD1 1 
ATOM   912  C  CD2 . LEU A 1 115 ? -22.538 -2.181  -5.858  1.00 40.33 ? 158 LEU A CD2 1 
ATOM   913  N  N   . LYS A 1 116 ? -21.598 -4.499  -10.607 1.00 41.83 ? 159 LYS A N   1 
ATOM   914  C  CA  . LYS A 1 116 ? -21.917 -4.537  -12.038 1.00 42.10 ? 159 LYS A CA  1 
ATOM   915  C  C   . LYS A 1 116 ? -23.139 -5.419  -12.283 1.00 41.95 ? 159 LYS A C   1 
ATOM   916  O  O   . LYS A 1 116 ? -24.146 -4.979  -12.877 1.00 42.08 ? 159 LYS A O   1 
ATOM   917  C  CB  . LYS A 1 116 ? -20.727 -5.040  -12.852 1.00 42.18 ? 159 LYS A CB  1 
ATOM   918  C  CG  . LYS A 1 116 ? -20.835 -4.740  -14.336 1.00 43.47 ? 159 LYS A CG  1 
ATOM   919  C  CD  . LYS A 1 116 ? -19.662 -5.337  -15.102 1.00 45.93 ? 159 LYS A CD  1 
ATOM   920  C  CE  . LYS A 1 116 ? -19.765 -5.048  -16.595 1.00 47.10 ? 159 LYS A CE  1 
ATOM   921  N  NZ  . LYS A 1 116 ? -18.758 -5.840  -17.361 1.00 48.20 ? 159 LYS A NZ  1 
ATOM   922  N  N   . LYS A 1 117 ? -23.052 -6.653  -11.790 1.00 41.90 ? 160 LYS A N   1 
ATOM   923  C  CA  . LYS A 1 117 ? -24.147 -7.609  -11.895 1.00 41.93 ? 160 LYS A CA  1 
ATOM   924  C  C   . LYS A 1 117 ? -25.473 -6.989  -11.418 1.00 41.88 ? 160 LYS A C   1 
ATOM   925  O  O   . LYS A 1 117 ? -26.492 -6.980  -12.156 1.00 42.14 ? 160 LYS A O   1 
ATOM   926  C  CB  . LYS A 1 117 ? -23.796 -8.877  -11.109 1.00 41.89 ? 160 LYS A CB  1 
ATOM   927  C  CG  . LYS A 1 117 ? -24.525 -10.127 -11.571 1.00 43.05 ? 160 LYS A CG  1 
ATOM   928  C  CD  . LYS A 1 117 ? -23.743 -11.400 -11.248 1.00 44.33 ? 160 LYS A CD  1 
ATOM   929  C  CE  . LYS A 1 117 ? -24.614 -12.656 -11.403 1.00 44.85 ? 160 LYS A CE  1 
ATOM   930  N  NZ  . LYS A 1 117 ? -24.795 -13.074 -12.826 1.00 45.48 ? 160 LYS A NZ  1 
ATOM   931  N  N   . LEU A 1 118 ? -25.446 -6.439  -10.203 1.00 41.82 ? 161 LEU A N   1 
ATOM   932  C  CA  . LEU A 1 118 ? -26.622 -5.782  -9.638  1.00 41.82 ? 161 LEU A CA  1 
ATOM   933  C  C   . LEU A 1 118 ? -27.171 -4.699  -10.562 1.00 41.99 ? 161 LEU A C   1 
ATOM   934  O  O   . LEU A 1 118 ? -28.367 -4.687  -10.863 1.00 42.27 ? 161 LEU A O   1 
ATOM   935  C  CB  . LEU A 1 118 ? -26.318 -5.198  -8.257  1.00 41.82 ? 161 LEU A CB  1 
ATOM   936  C  CG  . LEU A 1 118 ? -27.403 -4.306  -7.632  1.00 41.68 ? 161 LEU A CG  1 
ATOM   937  C  CD1 . LEU A 1 118 ? -28.682 -5.078  -7.357  1.00 41.92 ? 161 LEU A CD1 1 
ATOM   938  C  CD2 . LEU A 1 118 ? -26.900 -3.666  -6.365  1.00 41.56 ? 161 LEU A CD2 1 
ATOM   939  N  N   . GLU A 1 119 ? -26.298 -3.796  -11.008 1.00 42.15 ? 162 GLU A N   1 
ATOM   940  C  CA  . GLU A 1 119 ? -26.707 -2.732  -11.925 1.00 42.49 ? 162 GLU A CA  1 
ATOM   941  C  C   . GLU A 1 119 ? -27.437 -3.317  -13.131 1.00 42.59 ? 162 GLU A C   1 
ATOM   942  O  O   . GLU A 1 119 ? -28.584 -2.932  -13.429 1.00 43.01 ? 162 GLU A O   1 
ATOM   943  C  CB  . GLU A 1 119 ? -25.501 -1.893  -12.362 1.00 42.48 ? 162 GLU A CB  1 
ATOM   944  C  CG  . GLU A 1 119 ? -25.806 -0.806  -13.396 1.00 43.15 ? 162 GLU A CG  1 
ATOM   945  C  CD  . GLU A 1 119 ? -26.753 0.288   -12.893 1.00 44.58 ? 162 GLU A CD  1 
ATOM   946  O  OE1 . GLU A 1 119 ? -27.058 0.343   -11.678 1.00 44.96 ? 162 GLU A OE1 1 
ATOM   947  O  OE2 . GLU A 1 119 ? -27.198 1.106   -13.731 1.00 45.11 ? 162 GLU A OE2 1 
ATOM   948  N  N   . GLY A 1 120 ? -26.777 -4.265  -13.801 1.00 42.49 ? 163 GLY A N   1 
ATOM   949  C  CA  . GLY A 1 120 ? -27.390 -4.964  -14.925 1.00 42.45 ? 163 GLY A CA  1 
ATOM   950  C  C   . GLY A 1 120 ? -28.802 -5.424  -14.608 1.00 42.51 ? 163 GLY A C   1 
ATOM   951  O  O   . GLY A 1 120 ? -29.763 -5.082  -15.320 1.00 42.89 ? 163 GLY A O   1 
ATOM   952  N  N   . ARG A 1 121 ? -28.936 -6.179  -13.518 1.00 42.61 ? 164 ARG A N   1 
ATOM   953  C  CA  . ARG A 1 121 ? -30.253 -6.728  -13.166 1.00 42.84 ? 164 ARG A CA  1 
ATOM   954  C  C   . ARG A 1 121 ? -31.282 -5.658  -12.822 1.00 43.04 ? 164 ARG A C   1 
ATOM   955  O  O   . ARG A 1 121 ? -32.478 -5.824  -13.093 1.00 43.59 ? 164 ARG A O   1 
ATOM   956  C  CB  . ARG A 1 121 ? -30.141 -7.758  -12.052 1.00 42.72 ? 164 ARG A CB  1 
ATOM   957  C  CG  . ARG A 1 121 ? -29.513 -9.049  -12.517 1.00 42.98 ? 164 ARG A CG  1 
ATOM   958  C  CD  . ARG A 1 121 ? -29.561 -10.092 -11.440 1.00 44.37 ? 164 ARG A CD  1 
ATOM   959  N  NE  . ARG A 1 121 ? -28.841 -11.299 -11.830 1.00 45.48 ? 164 ARG A NE  1 
ATOM   960  C  CZ  . ARG A 1 121 ? -28.666 -12.362 -11.049 1.00 45.97 ? 164 ARG A CZ  1 
ATOM   961  N  NH1 . ARG A 1 121 ? -29.168 -12.389 -9.815  1.00 45.66 ? 164 ARG A NH1 1 
ATOM   962  N  NH2 . ARG A 1 121 ? -27.989 -13.406 -11.505 1.00 46.26 ? 164 ARG A NH2 1 
ATOM   963  N  N   . ARG A 1 122 ? -30.809 -4.558  -12.245 1.00 43.20 ? 165 ARG A N   1 
ATOM   964  C  CA  . ARG A 1 122 ? -31.661 -3.411  -11.956 1.00 43.74 ? 165 ARG A CA  1 
ATOM   965  C  C   . ARG A 1 122 ? -32.214 -2.849  -13.258 1.00 43.91 ? 165 ARG A C   1 
ATOM   966  O  O   . ARG A 1 122 ? -33.441 -2.767  -13.442 1.00 44.69 ? 165 ARG A O   1 
ATOM   967  C  CB  . ARG A 1 122 ? -30.883 -2.342  -11.186 1.00 43.72 ? 165 ARG A CB  1 
ATOM   968  C  CG  . ARG A 1 122 ? -31.754 -1.373  -10.389 1.00 44.37 ? 165 ARG A CG  1 
ATOM   969  C  CD  . ARG A 1 122 ? -31.886 -0.010  -11.051 1.00 45.49 ? 165 ARG A CD  1 
ATOM   970  N  NE  . ARG A 1 122 ? -30.585 0.642   -11.202 1.00 46.16 ? 165 ARG A NE  1 
ATOM   971  C  CZ  . ARG A 1 122 ? -30.360 1.712   -11.959 1.00 46.55 ? 165 ARG A CZ  1 
ATOM   972  N  NH1 . ARG A 1 122 ? -31.349 2.279   -12.642 1.00 46.46 ? 165 ARG A NH1 1 
ATOM   973  N  NH2 . ARG A 1 122 ? -29.137 2.216   -12.032 1.00 47.26 ? 165 ARG A NH2 1 
ATOM   974  N  N   . LEU A 1 123 ? -31.308 -2.495  -14.169 1.00 43.85 ? 166 LEU A N   1 
ATOM   975  C  CA  . LEU A 1 123 ? -31.713 -1.987  -15.477 1.00 44.13 ? 166 LEU A CA  1 
ATOM   976  C  C   . LEU A 1 123 ? -32.714 -2.928  -16.139 1.00 44.37 ? 166 LEU A C   1 
ATOM   977  O  O   . LEU A 1 123 ? -33.802 -2.501  -16.579 1.00 45.32 ? 166 LEU A O   1 
ATOM   978  C  CB  . LEU A 1 123 ? -30.495 -1.777  -16.374 1.00 43.98 ? 166 LEU A CB  1 
ATOM   979  C  CG  . LEU A 1 123 ? -29.623 -0.561  -16.046 1.00 44.06 ? 166 LEU A CG  1 
ATOM   980  C  CD1 . LEU A 1 123 ? -28.230 -0.734  -16.625 1.00 44.00 ? 166 LEU A CD1 1 
ATOM   981  C  CD2 . LEU A 1 123 ? -30.262 0.734   -16.543 1.00 43.79 ? 166 LEU A CD2 1 
ATOM   982  N  N   . ASP A 1 124 ? -32.364 -4.213  -16.173 1.00 44.26 ? 167 ASP A N   1 
ATOM   983  C  CA  . ASP A 1 124 ? -33.246 -5.195  -16.787 1.00 44.63 ? 167 ASP A CA  1 
ATOM   984  C  C   . ASP A 1 124 ? -34.623 -5.223  -16.136 1.00 45.03 ? 167 ASP A C   1 
ATOM   985  O  O   . ASP A 1 124 ? -35.643 -5.229  -16.838 1.00 45.94 ? 167 ASP A O   1 
ATOM   986  C  CB  . ASP A 1 124 ? -32.632 -6.587  -16.786 1.00 44.43 ? 167 ASP A CB  1 
ATOM   987  C  CG  . ASP A 1 124 ? -33.274 -7.495  -17.809 1.00 44.22 ? 167 ASP A CG  1 
ATOM   988  O  OD1 . ASP A 1 124 ? -33.205 -7.172  -19.014 1.00 43.81 ? 167 ASP A OD1 1 
ATOM   989  O  OD2 . ASP A 1 124 ? -33.851 -8.525  -17.411 1.00 44.36 ? 167 ASP A OD2 1 
ATOM   990  N  N   . PHE A 1 125 ? -34.662 -5.229  -14.804 1.00 45.19 ? 168 PHE A N   1 
ATOM   991  C  CA  . PHE A 1 125 ? -35.955 -5.167  -14.122 1.00 45.85 ? 168 PHE A CA  1 
ATOM   992  C  C   . PHE A 1 125 ? -36.739 -3.917  -14.506 1.00 46.23 ? 168 PHE A C   1 
ATOM   993  O  O   . PHE A 1 125 ? -37.943 -3.996  -14.722 1.00 46.88 ? 168 PHE A O   1 
ATOM   994  C  CB  . PHE A 1 125 ? -35.835 -5.236  -12.601 1.00 45.72 ? 168 PHE A CB  1 
ATOM   995  C  CG  . PHE A 1 125 ? -37.136 -4.949  -11.893 1.00 45.80 ? 168 PHE A CG  1 
ATOM   996  C  CD1 . PHE A 1 125 ? -38.118 -5.932  -11.788 1.00 45.74 ? 168 PHE A CD1 1 
ATOM   997  C  CD2 . PHE A 1 125 ? -37.393 -3.684  -11.360 1.00 45.77 ? 168 PHE A CD2 1 
ATOM   998  C  CE1 . PHE A 1 125 ? -39.327 -5.669  -11.148 1.00 45.67 ? 168 PHE A CE1 1 
ATOM   999  C  CE2 . PHE A 1 125 ? -38.600 -3.412  -10.718 1.00 45.72 ? 168 PHE A CE2 1 
ATOM   1000 C  CZ  . PHE A 1 125 ? -39.569 -4.407  -10.613 1.00 45.61 ? 168 PHE A CZ  1 
ATOM   1001 N  N   . ASP A 1 126 ? -36.068 -2.767  -14.571 1.00 46.35 ? 169 ASP A N   1 
ATOM   1002 C  CA  . ASP A 1 126 ? -36.753 -1.542  -14.982 1.00 47.20 ? 169 ASP A CA  1 
ATOM   1003 C  C   . ASP A 1 126 ? -37.355 -1.672  -16.388 1.00 47.61 ? 169 ASP A C   1 
ATOM   1004 O  O   . ASP A 1 126 ? -38.524 -1.311  -16.617 1.00 48.49 ? 169 ASP A O   1 
ATOM   1005 C  CB  . ASP A 1 126 ? -35.825 -0.335  -14.874 1.00 47.21 ? 169 ASP A CB  1 
ATOM   1006 C  CG  . ASP A 1 126 ? -35.587 0.086   -13.436 1.00 47.91 ? 169 ASP A CG  1 
ATOM   1007 O  OD1 . ASP A 1 126 ? -36.454 -0.208  -12.579 1.00 48.43 ? 169 ASP A OD1 1 
ATOM   1008 O  OD2 . ASP A 1 126 ? -34.536 0.712   -13.159 1.00 48.50 ? 169 ASP A OD2 1 
ATOM   1009 N  N   . TYR A 1 127 ? -36.566 -2.215  -17.315 1.00 47.40 ? 170 TYR A N   1 
ATOM   1010 C  CA  . TYR A 1 127 ? -37.067 -2.511  -18.658 1.00 47.99 ? 170 TYR A CA  1 
ATOM   1011 C  C   . TYR A 1 127 ? -38.309 -3.429  -18.630 1.00 48.11 ? 170 TYR A C   1 
ATOM   1012 O  O   . TYR A 1 127 ? -39.408 -3.068  -19.115 1.00 49.33 ? 170 TYR A O   1 
ATOM   1013 C  CB  . TYR A 1 127 ? -35.937 -3.123  -19.494 1.00 48.02 ? 170 TYR A CB  1 
ATOM   1014 C  CG  . TYR A 1 127 ? -36.379 -3.767  -20.788 1.00 48.36 ? 170 TYR A CG  1 
ATOM   1015 C  CD1 . TYR A 1 127 ? -36.586 -3.003  -21.937 1.00 48.48 ? 170 TYR A CD1 1 
ATOM   1016 C  CD2 . TYR A 1 127 ? -36.574 -5.145  -20.867 1.00 48.56 ? 170 TYR A CD2 1 
ATOM   1017 C  CE1 . TYR A 1 127 ? -36.987 -3.594  -23.128 1.00 48.53 ? 170 TYR A CE1 1 
ATOM   1018 C  CE2 . TYR A 1 127 ? -36.978 -5.743  -22.048 1.00 48.73 ? 170 TYR A CE2 1 
ATOM   1019 C  CZ  . TYR A 1 127 ? -37.179 -4.965  -23.176 1.00 48.62 ? 170 TYR A CZ  1 
ATOM   1020 O  OH  . TYR A 1 127 ? -37.580 -5.568  -24.348 1.00 48.77 ? 170 TYR A OH  1 
ATOM   1021 N  N   . LYS A 1 128 ? -38.138 -4.612  -18.045 1.00 47.73 ? 171 LYS A N   1 
ATOM   1022 C  CA  . LYS A 1 128 ? -39.225 -5.591  -18.015 1.00 47.93 ? 171 LYS A CA  1 
ATOM   1023 C  C   . LYS A 1 128 ? -40.451 -5.067  -17.257 1.00 48.23 ? 171 LYS A C   1 
ATOM   1024 O  O   . LYS A 1 128 ? -41.578 -5.469  -17.544 1.00 48.26 ? 171 LYS A O   1 
ATOM   1025 C  CB  . LYS A 1 128 ? -38.745 -6.939  -17.466 1.00 47.71 ? 171 LYS A CB  1 
ATOM   1026 C  CG  . LYS A 1 128 ? -37.704 -7.626  -18.345 1.00 47.06 ? 171 LYS A CG  1 
ATOM   1027 C  CD  . LYS A 1 128 ? -37.538 -9.091  -17.977 1.00 46.30 ? 171 LYS A CD  1 
ATOM   1028 C  CE  . LYS A 1 128 ? -36.440 -9.751  -18.798 1.00 45.87 ? 171 LYS A CE  1 
ATOM   1029 N  NZ  . LYS A 1 128 ? -36.233 -11.172 -18.410 1.00 44.73 ? 171 LYS A NZ  1 
ATOM   1030 N  N   . LYS A 1 129 ? -40.221 -4.160  -16.311 1.00 48.45 ? 172 LYS A N   1 
ATOM   1031 C  CA  . LYS A 1 129 ? -41.301 -3.461  -15.617 1.00 49.39 ? 172 LYS A CA  1 
ATOM   1032 C  C   . LYS A 1 129 ? -42.024 -2.534  -16.586 1.00 49.80 ? 172 LYS A C   1 
ATOM   1033 O  O   . LYS A 1 129 ? -43.253 -2.579  -16.690 1.00 49.73 ? 172 LYS A O   1 
ATOM   1034 C  CB  . LYS A 1 129 ? -40.766 -2.673  -14.415 1.00 49.54 ? 172 LYS A CB  1 
ATOM   1035 C  CG  . LYS A 1 129 ? -41.822 -1.849  -13.656 1.00 50.23 ? 172 LYS A CG  1 
ATOM   1036 C  CD  . LYS A 1 129 ? -42.849 -2.731  -12.945 1.00 50.91 ? 172 LYS A CD  1 
ATOM   1037 C  CE  . LYS A 1 129 ? -43.785 -1.897  -12.084 1.00 51.37 ? 172 LYS A CE  1 
ATOM   1038 N  NZ  . LYS A 1 129 ? -44.808 -2.741  -11.398 1.00 51.93 ? 172 LYS A NZ  1 
ATOM   1039 N  N   . LYS A 1 130 ? -41.259 -1.702  -17.295 1.00 50.18 ? 173 LYS A N   1 
ATOM   1040 C  CA  . LYS A 1 130 ? -41.824 -0.898  -18.381 1.00 51.27 ? 173 LYS A CA  1 
ATOM   1041 C  C   . LYS A 1 130 ? -42.699 -1.748  -19.301 1.00 51.75 ? 173 LYS A C   1 
ATOM   1042 O  O   . LYS A 1 130 ? -43.744 -1.284  -19.748 1.00 51.89 ? 173 LYS A O   1 
ATOM   1043 C  CB  . LYS A 1 130 ? -40.729 -0.210  -19.196 1.00 51.24 ? 173 LYS A CB  1 
ATOM   1044 C  CG  . LYS A 1 130 ? -40.409 1.218   -18.768 1.00 51.63 ? 173 LYS A CG  1 
ATOM   1045 C  CD  . LYS A 1 130 ? -39.180 1.749   -19.498 1.00 51.72 ? 173 LYS A CD  1 
ATOM   1046 C  CE  . LYS A 1 130 ? -39.349 1.684   -21.015 1.00 52.50 ? 173 LYS A CE  1 
ATOM   1047 N  NZ  . LYS A 1 130 ? -38.040 1.736   -21.721 1.00 53.02 ? 173 LYS A NZ  1 
ATOM   1048 N  N   . ARG A 1 131 ? -42.285 -2.988  -19.573 1.00 52.11 ? 174 ARG A N   1 
ATOM   1049 C  CA  . ARG A 1 131 ? -43.128 -3.880  -20.397 1.00 53.68 ? 174 ARG A CA  1 
ATOM   1050 C  C   . ARG A 1 131 ? -44.120 -4.765  -19.620 1.00 54.27 ? 174 ARG A C   1 
ATOM   1051 O  O   . ARG A 1 131 ? -44.393 -5.895  -20.042 1.00 54.34 ? 174 ARG A O   1 
ATOM   1052 C  CB  . ARG A 1 131 ? -42.262 -4.780  -21.277 1.00 53.76 ? 174 ARG A CB  1 
ATOM   1053 C  CG  . ARG A 1 131 ? -41.399 -4.054  -22.269 1.00 55.29 ? 174 ARG A CG  1 
ATOM   1054 C  CD  . ARG A 1 131 ? -40.462 -5.033  -22.947 1.00 57.55 ? 174 ARG A CD  1 
ATOM   1055 N  NE  . ARG A 1 131 ? -41.073 -5.701  -24.094 1.00 59.42 ? 174 ARG A NE  1 
ATOM   1056 C  CZ  . ARG A 1 131 ? -41.016 -5.248  -25.345 1.00 60.45 ? 174 ARG A CZ  1 
ATOM   1057 N  NH1 . ARG A 1 131 ? -40.377 -4.112  -25.625 1.00 60.60 ? 174 ARG A NH1 1 
ATOM   1058 N  NH2 . ARG A 1 131 ? -41.600 -5.933  -26.321 1.00 60.62 ? 174 ARG A NH2 1 
ATOM   1059 N  N   . GLN A 1 132 ? -44.672 -4.261  -18.518 1.00 55.23 ? 175 GLN A N   1 
ATOM   1060 C  CA  . GLN A 1 132 ? -45.468 -5.105  -17.603 1.00 56.17 ? 175 GLN A CA  1 
ATOM   1061 C  C   . GLN A 1 132 ? -46.600 -5.899  -18.267 1.00 56.66 ? 175 GLN A C   1 
ATOM   1062 O  O   . GLN A 1 132 ? -46.689 -7.117  -18.090 1.00 56.79 ? 175 GLN A O   1 
ATOM   1063 C  CB  . GLN A 1 132 ? -46.006 -4.308  -16.404 1.00 56.29 ? 175 GLN A CB  1 
ATOM   1064 C  CG  . GLN A 1 132 ? -46.844 -5.149  -15.433 1.00 56.65 ? 175 GLN A CG  1 
ATOM   1065 C  CD  . GLN A 1 132 ? -46.798 -4.649  -13.995 1.00 57.69 ? 175 GLN A CD  1 
ATOM   1066 O  OE1 . GLN A 1 132 ? -46.317 -3.547  -13.711 1.00 58.00 ? 175 GLN A OE1 1 
ATOM   1067 N  NE2 . GLN A 1 132 ? -47.299 -5.468  -13.077 1.00 57.78 ? 175 GLN A NE2 1 
ATOM   1068 N  N   . GLY A 1 133 ? -47.456 -5.215  -19.021 1.00 57.18 ? 176 GLY A N   1 
ATOM   1069 C  CA  . GLY A 1 133 ? -48.582 -5.879  -19.682 1.00 57.80 ? 176 GLY A CA  1 
ATOM   1070 C  C   . GLY A 1 133 ? -48.178 -6.963  -20.674 1.00 58.19 ? 176 GLY A C   1 
ATOM   1071 O  O   . GLY A 1 133 ? -48.851 -7.993  -20.789 1.00 58.20 ? 176 GLY A O   1 
ATOM   1072 N  N   . LYS A 1 134 ? -47.059 -6.741  -21.365 1.00 58.47 ? 177 LYS A N   1 
ATOM   1073 C  CA  . LYS A 1 134 ? -46.675 -7.555  -22.521 1.00 58.72 ? 177 LYS A CA  1 
ATOM   1074 C  C   . LYS A 1 134 ? -45.979 -8.891  -22.240 1.00 58.60 ? 177 LYS A C   1 
ATOM   1075 O  O   . LYS A 1 134 ? -45.920 -9.744  -23.127 1.00 58.80 ? 177 LYS A O   1 
ATOM   1076 C  CB  . LYS A 1 134 ? -45.848 -6.722  -23.504 1.00 58.89 ? 177 LYS A CB  1 
ATOM   1077 C  CG  . LYS A 1 134 ? -46.675 -5.703  -24.277 1.00 60.09 ? 177 LYS A CG  1 
ATOM   1078 C  CD  . LYS A 1 134 ? -46.015 -5.334  -25.602 1.00 61.85 ? 177 LYS A CD  1 
ATOM   1079 C  CE  . LYS A 1 134 ? -46.993 -4.603  -26.518 1.00 62.39 ? 177 LYS A CE  1 
ATOM   1080 N  NZ  . LYS A 1 134 ? -46.322 -4.107  -27.751 1.00 62.78 ? 177 LYS A NZ  1 
ATOM   1081 N  N   . ILE A 1 135 ? -45.448 -9.081  -21.034 1.00 58.36 ? 178 ILE A N   1 
ATOM   1082 C  CA  . ILE A 1 135 ? -44.728 -10.325 -20.717 1.00 58.05 ? 178 ILE A CA  1 
ATOM   1083 C  C   . ILE A 1 135 ? -45.327 -11.064 -19.516 1.00 57.89 ? 178 ILE A C   1 
ATOM   1084 O  O   . ILE A 1 135 ? -45.898 -10.426 -18.627 1.00 57.85 ? 178 ILE A O   1 
ATOM   1085 C  CB  . ILE A 1 135 ? -43.202 -10.095 -20.514 1.00 58.12 ? 178 ILE A CB  1 
ATOM   1086 C  CG1 . ILE A 1 135 ? -42.938 -8.917  -19.567 1.00 58.11 ? 178 ILE A CG1 1 
ATOM   1087 C  CG2 . ILE A 1 135 ? -42.501 -9.898  -21.863 1.00 57.96 ? 178 ILE A CG2 1 
ATOM   1088 C  CD1 . ILE A 1 135 ? -41.606 -8.998  -18.838 1.00 58.13 ? 178 ILE A CD1 1 
ATOM   1089 N  N   . PRO A 1 136 ? -45.206 -12.409 -19.486 1.00 57.75 ? 179 PRO A N   1 
ATOM   1090 C  CA  . PRO A 1 136 ? -45.818 -13.185 -18.399 1.00 57.67 ? 179 PRO A CA  1 
ATOM   1091 C  C   . PRO A 1 136 ? -45.295 -12.768 -17.026 1.00 57.64 ? 179 PRO A C   1 
ATOM   1092 O  O   . PRO A 1 136 ? -44.084 -12.600 -16.850 1.00 57.82 ? 179 PRO A O   1 
ATOM   1093 C  CB  . PRO A 1 136 ? -45.405 -14.633 -18.711 1.00 57.61 ? 179 PRO A CB  1 
ATOM   1094 C  CG  . PRO A 1 136 ? -44.250 -14.524 -19.654 1.00 57.66 ? 179 PRO A CG  1 
ATOM   1095 C  CD  . PRO A 1 136 ? -44.501 -13.279 -20.448 1.00 57.75 ? 179 PRO A CD  1 
ATOM   1096 N  N   . ASP A 1 137 ? -46.211 -12.601 -16.072 1.00 57.43 ? 180 ASP A N   1 
ATOM   1097 C  CA  . ASP A 1 137 ? -45.870 -12.193 -14.704 1.00 57.09 ? 180 ASP A CA  1 
ATOM   1098 C  C   . ASP A 1 137 ? -44.643 -12.905 -14.145 1.00 56.70 ? 180 ASP A C   1 
ATOM   1099 O  O   . ASP A 1 137 ? -43.790 -12.273 -13.516 1.00 56.06 ? 180 ASP A O   1 
ATOM   1100 C  CB  . ASP A 1 137 ? -47.065 -12.400 -13.771 1.00 57.32 ? 180 ASP A CB  1 
ATOM   1101 C  CG  . ASP A 1 137 ? -48.236 -11.487 -14.107 1.00 58.00 ? 180 ASP A CG  1 
ATOM   1102 O  OD1 . ASP A 1 137 ? -48.011 -10.404 -14.696 1.00 58.26 ? 180 ASP A OD1 1 
ATOM   1103 O  OD2 . ASP A 1 137 ? -49.384 -11.854 -13.772 1.00 58.82 ? 180 ASP A OD2 1 
ATOM   1104 N  N   . GLU A 1 138 ? -44.561 -14.213 -14.396 1.00 56.41 ? 181 GLU A N   1 
ATOM   1105 C  CA  . GLU A 1 138 ? -43.432 -15.045 -13.973 1.00 56.26 ? 181 GLU A CA  1 
ATOM   1106 C  C   . GLU A 1 138 ? -42.061 -14.433 -14.312 1.00 55.84 ? 181 GLU A C   1 
ATOM   1107 O  O   . GLU A 1 138 ? -41.154 -14.421 -13.469 1.00 55.37 ? 181 GLU A O   1 
ATOM   1108 C  CB  . GLU A 1 138 ? -43.575 -16.456 -14.564 1.00 56.38 ? 181 GLU A CB  1 
ATOM   1109 C  CG  . GLU A 1 138 ? -42.452 -17.442 -14.205 1.00 57.73 ? 181 GLU A CG  1 
ATOM   1110 C  CD  . GLU A 1 138 ? -42.333 -17.735 -12.705 1.00 59.69 ? 181 GLU A CD  1 
ATOM   1111 O  OE1 . GLU A 1 138 ? -43.303 -17.491 -11.945 1.00 60.43 ? 181 GLU A OE1 1 
ATOM   1112 O  OE2 . GLU A 1 138 ? -41.256 -18.219 -12.284 1.00 60.24 ? 181 GLU A OE2 1 
ATOM   1113 N  N   . GLU A 1 139 ? -41.929 -13.912 -15.534 1.00 55.41 ? 182 GLU A N   1 
ATOM   1114 C  CA  . GLU A 1 139 ? -40.683 -13.299 -16.005 1.00 55.18 ? 182 GLU A CA  1 
ATOM   1115 C  C   . GLU A 1 139 ? -40.305 -12.062 -15.178 1.00 54.83 ? 182 GLU A C   1 
ATOM   1116 O  O   . GLU A 1 139 ? -39.169 -11.945 -14.685 1.00 54.34 ? 182 GLU A O   1 
ATOM   1117 C  CB  . GLU A 1 139 ? -40.815 -12.933 -17.487 1.00 55.18 ? 182 GLU A CB  1 
ATOM   1118 C  CG  . GLU A 1 139 ? -39.490 -12.718 -18.213 1.00 55.56 ? 182 GLU A CG  1 
ATOM   1119 C  CD  . GLU A 1 139 ? -39.662 -12.536 -19.717 1.00 55.54 ? 182 GLU A CD  1 
ATOM   1120 O  OE1 . GLU A 1 139 ? -40.527 -13.219 -20.311 1.00 56.29 ? 182 GLU A OE1 1 
ATOM   1121 O  OE2 . GLU A 1 139 ? -38.923 -11.715 -20.306 1.00 55.68 ? 182 GLU A OE2 1 
ATOM   1122 N  N   . LEU A 1 140 ? -41.273 -11.158 -15.030 1.00 54.59 ? 183 LEU A N   1 
ATOM   1123 C  CA  . LEU A 1 140 ? -41.127 -9.940  -14.235 1.00 54.38 ? 183 LEU A CA  1 
ATOM   1124 C  C   . LEU A 1 140 ? -40.783 -10.277 -12.779 1.00 54.35 ? 183 LEU A C   1 
ATOM   1125 O  O   . LEU A 1 140 ? -39.828 -9.733  -12.197 1.00 53.84 ? 183 LEU A O   1 
ATOM   1126 C  CB  . LEU A 1 140 ? -42.423 -9.127  -14.318 1.00 54.31 ? 183 LEU A CB  1 
ATOM   1127 C  CG  . LEU A 1 140 ? -42.512 -7.750  -13.661 1.00 54.33 ? 183 LEU A CG  1 
ATOM   1128 C  CD1 . LEU A 1 140 ? -41.505 -6.780  -14.267 1.00 54.41 ? 183 LEU A CD1 1 
ATOM   1129 C  CD2 . LEU A 1 140 ? -43.923 -7.203  -13.784 1.00 54.25 ? 183 LEU A CD2 1 
ATOM   1130 N  N   . ARG A 1 141 ? -41.563 -11.195 -12.213 1.00 54.62 ? 184 ARG A N   1 
ATOM   1131 C  CA  . ARG A 1 141 ? -41.340 -11.703 -10.867 1.00 54.42 ? 184 ARG A CA  1 
ATOM   1132 C  C   . ARG A 1 141 ? -39.891 -12.177 -10.743 1.00 54.08 ? 184 ARG A C   1 
ATOM   1133 O  O   . ARG A 1 141 ? -39.178 -11.791 -9.803  1.00 53.62 ? 184 ARG A O   1 
ATOM   1134 C  CB  . ARG A 1 141 ? -42.323 -12.844 -10.572 1.00 54.65 ? 184 ARG A CB  1 
ATOM   1135 C  CG  . ARG A 1 141 ? -42.820 -12.922 -9.125  1.00 55.52 ? 184 ARG A CG  1 
ATOM   1136 C  CD  . ARG A 1 141 ? -42.022 -13.912 -8.278  1.00 57.43 ? 184 ARG A CD  1 
ATOM   1137 N  NE  . ARG A 1 141 ? -42.144 -15.292 -8.759  1.00 58.80 ? 184 ARG A NE  1 
ATOM   1138 C  CZ  . ARG A 1 141 ? -41.134 -16.028 -9.226  1.00 59.62 ? 184 ARG A CZ  1 
ATOM   1139 N  NH1 . ARG A 1 141 ? -39.898 -15.536 -9.274  1.00 60.04 ? 184 ARG A NH1 1 
ATOM   1140 N  NH2 . ARG A 1 141 ? -41.359 -17.270 -9.637  1.00 59.67 ? 184 ARG A NH2 1 
ATOM   1141 N  N   . GLN A 1 142 ? -39.459 -12.979 -11.718 1.00 53.95 ? 185 GLN A N   1 
ATOM   1142 C  CA  . GLN A 1 142 ? -38.102 -13.517 -11.739 1.00 53.46 ? 185 GLN A CA  1 
ATOM   1143 C  C   . GLN A 1 142 ? -37.032 -12.430 -11.823 1.00 53.11 ? 185 GLN A C   1 
ATOM   1144 O  O   . GLN A 1 142 ? -35.984 -12.531 -11.172 1.00 52.62 ? 185 GLN A O   1 
ATOM   1145 C  CB  . GLN A 1 142 ? -37.939 -14.533 -12.866 1.00 53.56 ? 185 GLN A CB  1 
ATOM   1146 C  CG  . GLN A 1 142 ? -38.505 -15.904 -12.526 1.00 54.29 ? 185 GLN A CG  1 
ATOM   1147 C  CD  . GLN A 1 142 ? -38.083 -16.975 -13.509 1.00 55.20 ? 185 GLN A CD  1 
ATOM   1148 O  OE1 . GLN A 1 142 ? -36.925 -17.036 -13.924 1.00 55.75 ? 185 GLN A OE1 1 
ATOM   1149 N  NE2 . GLN A 1 142 ? -39.024 -17.838 -13.883 1.00 55.48 ? 185 GLN A NE2 1 
ATOM   1150 N  N   . ALA A 1 143 ? -37.302 -11.390 -12.611 1.00 53.00 ? 186 ALA A N   1 
ATOM   1151 C  CA  . ALA A 1 143 ? -36.401 -10.243 -12.683 1.00 52.47 ? 186 ALA A CA  1 
ATOM   1152 C  C   . ALA A 1 143 ? -36.294 -9.538  -11.328 1.00 52.31 ? 186 ALA A C   1 
ATOM   1153 O  O   . ALA A 1 143 ? -35.183 -9.200  -10.870 1.00 51.91 ? 186 ALA A O   1 
ATOM   1154 C  CB  . ALA A 1 143 ? -36.851 -9.278  -13.757 1.00 52.51 ? 186 ALA A CB  1 
ATOM   1155 N  N   . LEU A 1 144 ? -37.441 -9.337  -10.680 1.00 52.37 ? 187 LEU A N   1 
ATOM   1156 C  CA  . LEU A 1 144 ? -37.453 -8.756  -9.337  1.00 52.04 ? 187 LEU A CA  1 
ATOM   1157 C  C   . LEU A 1 144 ? -36.653 -9.608  -8.348  1.00 51.97 ? 187 LEU A C   1 
ATOM   1158 O  O   . LEU A 1 144 ? -35.835 -9.084  -7.570  1.00 51.47 ? 187 LEU A O   1 
ATOM   1159 C  CB  . LEU A 1 144 ? -38.885 -8.558  -8.835  1.00 52.12 ? 187 LEU A CB  1 
ATOM   1160 C  CG  . LEU A 1 144 ? -39.082 -7.791  -7.522  1.00 51.99 ? 187 LEU A CG  1 
ATOM   1161 C  CD1 . LEU A 1 144 ? -38.450 -6.406  -7.586  1.00 51.95 ? 187 LEU A CD1 1 
ATOM   1162 C  CD2 . LEU A 1 144 ? -40.563 -7.686  -7.177  1.00 51.98 ? 187 LEU A CD2 1 
ATOM   1163 N  N   . GLU A 1 145 ? -36.880 -10.920 -8.397  1.00 52.17 ? 188 GLU A N   1 
ATOM   1164 C  CA  . GLU A 1 145 ? -36.144 -11.862 -7.552  1.00 52.00 ? 188 GLU A CA  1 
ATOM   1165 C  C   . GLU A 1 145 ? -34.635 -11.761 -7.792  1.00 51.52 ? 188 GLU A C   1 
ATOM   1166 O  O   . GLU A 1 145 ? -33.848 -11.647 -6.838  1.00 51.17 ? 188 GLU A O   1 
ATOM   1167 C  CB  . GLU A 1 145 ? -36.643 -13.286 -7.786  1.00 51.98 ? 188 GLU A CB  1 
ATOM   1168 C  CG  . GLU A 1 145 ? -36.181 -14.302 -6.749  1.00 52.59 ? 188 GLU A CG  1 
ATOM   1169 C  CD  . GLU A 1 145 ? -36.756 -15.699 -6.988  1.00 52.91 ? 188 GLU A CD  1 
ATOM   1170 O  OE1 . GLU A 1 145 ? -37.144 -16.014 -8.139  1.00 54.13 ? 188 GLU A OE1 1 
ATOM   1171 O  OE2 . GLU A 1 145 ? -36.817 -16.491 -6.018  1.00 53.85 ? 188 GLU A OE2 1 
ATOM   1172 N  N   . LYS A 1 146 ? -34.242 -11.780 -9.066  1.00 51.37 ? 189 LYS A N   1 
ATOM   1173 C  CA  . LYS A 1 146 ? -32.836 -11.632 -9.451  1.00 50.94 ? 189 LYS A CA  1 
ATOM   1174 C  C   . LYS A 1 146 ? -32.213 -10.347 -8.893  1.00 50.58 ? 189 LYS A C   1 
ATOM   1175 O  O   . LYS A 1 146 ? -31.123 -10.370 -8.277  1.00 50.16 ? 189 LYS A O   1 
ATOM   1176 C  CB  . LYS A 1 146 ? -32.693 -11.681 -10.974 1.00 51.07 ? 189 LYS A CB  1 
ATOM   1177 C  CG  . LYS A 1 146 ? -32.672 -13.084 -11.559 1.00 51.48 ? 189 LYS A CG  1 
ATOM   1178 C  CD  . LYS A 1 146 ? -32.346 -13.051 -13.044 1.00 52.67 ? 189 LYS A CD  1 
ATOM   1179 C  CE  . LYS A 1 146 ? -32.362 -14.451 -13.647 1.00 53.76 ? 189 LYS A CE  1 
ATOM   1180 N  NZ  . LYS A 1 146 ? -32.236 -14.421 -15.138 1.00 54.16 ? 189 LYS A NZ  1 
ATOM   1181 N  N   . PHE A 1 147 ? -32.922 -9.235  -9.096  1.00 50.56 ? 190 PHE A N   1 
ATOM   1182 C  CA  . PHE A 1 147 ? -32.501 -7.952  -8.539  1.00 50.01 ? 190 PHE A CA  1 
ATOM   1183 C  C   . PHE A 1 147 ? -32.314 -8.019  -7.021  1.00 50.00 ? 190 PHE A C   1 
ATOM   1184 O  O   . PHE A 1 147 ? -31.237 -7.675  -6.501  1.00 49.80 ? 190 PHE A O   1 
ATOM   1185 C  CB  . PHE A 1 147 ? -33.488 -6.846  -8.916  1.00 49.85 ? 190 PHE A CB  1 
ATOM   1186 C  CG  . PHE A 1 147 ? -33.279 -5.571  -8.156  1.00 49.77 ? 190 PHE A CG  1 
ATOM   1187 C  CD1 . PHE A 1 147 ? -32.217 -4.728  -8.464  1.00 49.55 ? 190 PHE A CD1 1 
ATOM   1188 C  CD2 . PHE A 1 147 ? -34.136 -5.217  -7.122  1.00 49.84 ? 190 PHE A CD2 1 
ATOM   1189 C  CE1 . PHE A 1 147 ? -32.012 -3.553  -7.755  1.00 49.12 ? 190 PHE A CE1 1 
ATOM   1190 C  CE2 . PHE A 1 147 ? -33.938 -4.041  -6.406  1.00 49.83 ? 190 PHE A CE2 1 
ATOM   1191 C  CZ  . PHE A 1 147 ? -32.874 -3.207  -6.727  1.00 49.57 ? 190 PHE A CZ  1 
ATOM   1192 N  N   . ASP A 1 148 ? -33.350 -8.469  -6.313  1.00 50.16 ? 191 ASP A N   1 
ATOM   1193 C  CA  . ASP A 1 148 ? -33.271 -8.567  -4.854  1.00 50.04 ? 191 ASP A CA  1 
ATOM   1194 C  C   . ASP A 1 148 ? -32.072 -9.404  -4.404  1.00 49.93 ? 191 ASP A C   1 
ATOM   1195 O  O   . ASP A 1 148 ? -31.253 -8.962  -3.573  1.00 49.67 ? 191 ASP A O   1 
ATOM   1196 C  CB  . ASP A 1 148 ? -34.578 -9.113  -4.270  1.00 50.05 ? 191 ASP A CB  1 
ATOM   1197 C  CG  . ASP A 1 148 ? -35.698 -8.077  -4.267  1.00 50.52 ? 191 ASP A CG  1 
ATOM   1198 O  OD1 . ASP A 1 148 ? -35.408 -6.859  -4.230  1.00 50.48 ? 191 ASP A OD1 1 
ATOM   1199 O  OD2 . ASP A 1 148 ? -36.881 -8.482  -4.295  1.00 51.57 ? 191 ASP A OD2 1 
ATOM   1200 N  N   . GLU A 1 149 ? -31.963 -10.594 -4.986  1.00 50.02 ? 192 GLU A N   1 
ATOM   1201 C  CA  . GLU A 1 149 ? -30.849 -11.495 -4.725  1.00 49.81 ? 192 GLU A CA  1 
ATOM   1202 C  C   . GLU A 1 149 ? -29.491 -10.789 -4.882  1.00 49.66 ? 192 GLU A C   1 
ATOM   1203 O  O   . GLU A 1 149 ? -28.644 -10.790 -3.953  1.00 49.58 ? 192 GLU A O   1 
ATOM   1204 C  CB  . GLU A 1 149 ? -30.955 -12.685 -5.675  1.00 49.87 ? 192 GLU A CB  1 
ATOM   1205 C  CG  . GLU A 1 149 ? -29.975 -13.815 -5.416  1.00 50.58 ? 192 GLU A CG  1 
ATOM   1206 C  CD  . GLU A 1 149 ? -29.885 -14.774 -6.589  1.00 51.44 ? 192 GLU A CD  1 
ATOM   1207 O  OE1 . GLU A 1 149 ? -30.943 -15.108 -7.169  1.00 51.86 ? 192 GLU A OE1 1 
ATOM   1208 O  OE2 . GLU A 1 149 ? -28.755 -15.193 -6.933  1.00 51.73 ? 192 GLU A OE2 1 
ATOM   1209 N  N   . SER A 1 150 ? -29.289 -10.172 -6.047  1.00 49.59 ? 193 SER A N   1 
ATOM   1210 C  CA  . SER A 1 150 ? -28.023 -9.492  -6.306  1.00 49.39 ? 193 SER A CA  1 
ATOM   1211 C  C   . SER A 1 150 ? -27.756 -8.350  -5.326  1.00 49.28 ? 193 SER A C   1 
ATOM   1212 O  O   . SER A 1 150 ? -26.623 -8.196  -4.824  1.00 49.24 ? 193 SER A O   1 
ATOM   1213 C  CB  . SER A 1 150 ? -27.941 -9.025  -7.754  1.00 49.50 ? 193 SER A CB  1 
ATOM   1214 O  OG  . SER A 1 150 ? -27.502 -10.093 -8.584  1.00 49.73 ? 193 SER A OG  1 
ATOM   1215 N  N   . LYS A 1 151 ? -28.800 -7.573  -5.031  1.00 49.32 ? 194 LYS A N   1 
ATOM   1216 C  CA  . LYS A 1 151 ? -28.707 -6.547  -3.988  1.00 49.19 ? 194 LYS A CA  1 
ATOM   1217 C  C   . LYS A 1 151 ? -28.190 -7.149  -2.678  1.00 49.12 ? 194 LYS A C   1 
ATOM   1218 O  O   . LYS A 1 151 ? -27.198 -6.666  -2.111  1.00 49.20 ? 194 LYS A O   1 
ATOM   1219 C  CB  . LYS A 1 151 ? -30.050 -5.840  -3.780  1.00 49.16 ? 194 LYS A CB  1 
ATOM   1220 C  CG  . LYS A 1 151 ? -30.002 -4.680  -2.787  1.00 49.23 ? 194 LYS A CG  1 
ATOM   1221 C  CD  . LYS A 1 151 ? -31.259 -3.827  -2.858  1.00 50.06 ? 194 LYS A CD  1 
ATOM   1222 C  CE  . LYS A 1 151 ? -31.436 -2.960  -1.615  1.00 50.57 ? 194 LYS A CE  1 
ATOM   1223 N  NZ  . LYS A 1 151 ? -31.846 -3.767  -0.423  1.00 50.85 ? 194 LYS A NZ  1 
ATOM   1224 N  N   . GLU A 1 152 ? -28.844 -8.215  -2.218  1.00 49.20 ? 195 GLU A N   1 
ATOM   1225 C  CA  . GLU A 1 152 ? -28.386 -8.917  -1.020  1.00 49.31 ? 195 GLU A CA  1 
ATOM   1226 C  C   . GLU A 1 152 ? -26.901 -9.277  -1.081  1.00 49.32 ? 195 GLU A C   1 
ATOM   1227 O  O   . GLU A 1 152 ? -26.138 -8.960  -0.150  1.00 49.57 ? 195 GLU A O   1 
ATOM   1228 C  CB  . GLU A 1 152 ? -29.216 -10.170 -0.761  1.00 49.34 ? 195 GLU A CB  1 
ATOM   1229 C  CG  . GLU A 1 152 ? -30.642 -9.884  -0.354  1.00 50.28 ? 195 GLU A CG  1 
ATOM   1230 C  CD  . GLU A 1 152 ? -31.156 -10.852 0.694   1.00 51.62 ? 195 GLU A CD  1 
ATOM   1231 O  OE1 . GLU A 1 152 ? -32.103 -10.475 1.421   1.00 52.30 ? 195 GLU A OE1 1 
ATOM   1232 O  OE2 . GLU A 1 152 ? -30.611 -11.979 0.800   1.00 52.00 ? 195 GLU A OE2 1 
ATOM   1233 N  N   . ILE A 1 153 ? -26.489 -9.922  -2.178  1.00 49.32 ? 196 ILE A N   1 
ATOM   1234 C  CA  . ILE A 1 153 ? -25.067 -10.282 -2.349  1.00 49.11 ? 196 ILE A CA  1 
ATOM   1235 C  C   . ILE A 1 153 ? -24.141 -9.062  -2.189  1.00 49.17 ? 196 ILE A C   1 
ATOM   1236 O  O   . ILE A 1 153 ? -23.184 -9.077  -1.384  1.00 49.44 ? 196 ILE A O   1 
ATOM   1237 C  CB  . ILE A 1 153 ? -24.805 -10.992 -3.708  1.00 49.04 ? 196 ILE A CB  1 
ATOM   1238 C  CG1 . ILE A 1 153 ? -25.665 -12.253 -3.826  1.00 48.88 ? 196 ILE A CG1 1 
ATOM   1239 C  CG2 . ILE A 1 153 ? -23.330 -11.349 -3.865  1.00 48.69 ? 196 ILE A CG2 1 
ATOM   1240 C  CD1 . ILE A 1 153 ? -25.897 -12.716 -5.244  1.00 48.92 ? 196 ILE A CD1 1 
ATOM   1241 N  N   . ALA A 1 154 ? -24.445 -8.006  -2.943  1.00 49.31 ? 197 ALA A N   1 
ATOM   1242 C  CA  . ALA A 1 154 ? -23.654 -6.777  -2.884  1.00 49.55 ? 197 ALA A CA  1 
ATOM   1243 C  C   . ALA A 1 154 ? -23.562 -6.235  -1.457  1.00 49.77 ? 197 ALA A C   1 
ATOM   1244 O  O   . ALA A 1 154 ? -22.458 -5.987  -0.938  1.00 50.45 ? 197 ALA A O   1 
ATOM   1245 C  CB  . ALA A 1 154 ? -24.228 -5.727  -3.825  1.00 49.39 ? 197 ALA A CB  1 
ATOM   1246 N  N   . GLU A 1 155 ? -24.726 -6.075  -0.826  1.00 49.81 ? 198 GLU A N   1 
ATOM   1247 C  CA  . GLU A 1 155 ? -24.799 -5.623  0.562   1.00 50.05 ? 198 GLU A CA  1 
ATOM   1248 C  C   . GLU A 1 155 ? -23.911 -6.442  1.478   1.00 50.12 ? 198 GLU A C   1 
ATOM   1249 O  O   . GLU A 1 155 ? -23.124 -5.883  2.253   1.00 50.72 ? 198 GLU A O   1 
ATOM   1250 C  CB  . GLU A 1 155 ? -26.239 -5.657  1.068   1.00 49.97 ? 198 GLU A CB  1 
ATOM   1251 C  CG  . GLU A 1 155 ? -27.006 -4.398  0.744   1.00 50.67 ? 198 GLU A CG  1 
ATOM   1252 C  CD  . GLU A 1 155 ? -28.474 -4.473  1.113   1.00 51.97 ? 198 GLU A CD  1 
ATOM   1253 O  OE1 . GLU A 1 155 ? -28.955 -5.568  1.498   1.00 51.87 ? 198 GLU A OE1 1 
ATOM   1254 O  OE2 . GLU A 1 155 ? -29.148 -3.420  1.005   1.00 52.62 ? 198 GLU A OE2 1 
ATOM   1255 N  N   . SER A 1 156 ? -24.025 -7.765  1.379   1.00 50.10 ? 199 SER A N   1 
ATOM   1256 C  CA  . SER A 1 156 ? -23.206 -8.644  2.202   1.00 50.27 ? 199 SER A CA  1 
ATOM   1257 C  C   . SER A 1 156 ? -21.720 -8.400  1.964   1.00 50.44 ? 199 SER A C   1 
ATOM   1258 O  O   . SER A 1 156 ? -20.997 -8.022  2.895   1.00 50.87 ? 199 SER A O   1 
ATOM   1259 C  CB  . SER A 1 156 ? -23.562 -10.110 1.967   1.00 50.27 ? 199 SER A CB  1 
ATOM   1260 O  OG  . SER A 1 156 ? -22.813 -10.961 2.819   1.00 50.57 ? 199 SER A OG  1 
ATOM   1261 N  N   . SER A 1 157 ? -21.266 -8.584  0.723   1.00 50.59 ? 200 SER A N   1 
ATOM   1262 C  CA  . SER A 1 157 ? -19.828 -8.452  0.438   1.00 51.10 ? 200 SER A CA  1 
ATOM   1263 C  C   . SER A 1 157 ? -19.280 -7.098  0.902   1.00 51.62 ? 200 SER A C   1 
ATOM   1264 O  O   . SER A 1 157 ? -18.214 -7.010  1.553   1.00 51.85 ? 200 SER A O   1 
ATOM   1265 C  CB  . SER A 1 157 ? -19.541 -8.675  -1.046  1.00 50.86 ? 200 SER A CB  1 
ATOM   1266 O  OG  . SER A 1 157 ? -20.164 -7.683  -1.831  1.00 50.58 ? 200 SER A OG  1 
HETATM 1267 N  N   . MSE A 1 158 ? -20.034 -6.050  0.584   1.00 52.07 ? 201 MSE A N   1 
HETATM 1268 C  CA  . MSE A 1 158 ? -19.673 -4.702  0.996   1.00 53.78 ? 201 MSE A CA  1 
HETATM 1269 C  C   . MSE A 1 158 ? -19.568 -4.559  2.503   1.00 52.95 ? 201 MSE A C   1 
HETATM 1270 O  O   . MSE A 1 158 ? -18.563 -4.064  3.012   1.00 53.30 ? 201 MSE A O   1 
HETATM 1271 C  CB  . MSE A 1 158 ? -20.691 -3.718  0.478   1.00 53.54 ? 201 MSE A CB  1 
HETATM 1272 C  CG  . MSE A 1 158 ? -20.489 -3.382  -0.949  1.00 54.77 ? 201 MSE A CG  1 
HETATM 1273 SE SE  . MSE A 1 158 ? -21.665 -1.924  -1.359  1.00 58.63 ? 201 MSE A SE  1 
HETATM 1274 C  CE  . MSE A 1 158 ? -20.644 -1.183  -2.834  1.00 56.15 ? 201 MSE A CE  1 
ATOM   1275 N  N   . PHE A 1 159 ? -20.615 -4.983  3.207   1.00 52.30 ? 202 PHE A N   1 
ATOM   1276 C  CA  . PHE A 1 159 ? -20.612 -4.989  4.662   1.00 52.16 ? 202 PHE A CA  1 
ATOM   1277 C  C   . PHE A 1 159 ? -19.337 -5.661  5.181   1.00 52.28 ? 202 PHE A C   1 
ATOM   1278 O  O   . PHE A 1 159 ? -18.565 -5.066  5.955   1.00 53.49 ? 202 PHE A O   1 
ATOM   1279 C  CB  . PHE A 1 159 ? -21.865 -5.710  5.171   1.00 51.72 ? 202 PHE A CB  1 
ATOM   1280 C  CG  . PHE A 1 159 ? -21.974 -5.762  6.662   1.00 50.83 ? 202 PHE A CG  1 
ATOM   1281 C  CD1 . PHE A 1 159 ? -22.494 -4.686  7.371   1.00 49.97 ? 202 PHE A CD1 1 
ATOM   1282 C  CD2 . PHE A 1 159 ? -21.567 -6.890  7.360   1.00 50.21 ? 202 PHE A CD2 1 
ATOM   1283 C  CE1 . PHE A 1 159 ? -22.598 -4.725  8.748   1.00 49.77 ? 202 PHE A CE1 1 
ATOM   1284 C  CE2 . PHE A 1 159 ? -21.665 -6.941  8.740   1.00 50.18 ? 202 PHE A CE2 1 
ATOM   1285 C  CZ  . PHE A 1 159 ? -22.183 -5.853  9.437   1.00 50.54 ? 202 PHE A CZ  1 
ATOM   1286 N  N   . ASN A 1 160 ? -19.115 -6.888  4.719   1.00 52.02 ? 203 ASN A N   1 
ATOM   1287 C  CA  . ASN A 1 160 ? -17.971 -7.684  5.150   1.00 52.12 ? 203 ASN A CA  1 
ATOM   1288 C  C   . ASN A 1 160 ? -16.606 -7.045  4.874   1.00 52.35 ? 203 ASN A C   1 
ATOM   1289 O  O   . ASN A 1 160 ? -15.682 -7.209  5.672   1.00 52.43 ? 203 ASN A O   1 
ATOM   1290 C  CB  . ASN A 1 160 ? -18.045 -9.095  4.571   1.00 52.03 ? 203 ASN A CB  1 
ATOM   1291 C  CG  . ASN A 1 160 ? -19.142 -9.929  5.208   1.00 52.27 ? 203 ASN A CG  1 
ATOM   1292 O  OD1 . ASN A 1 160 ? -18.868 -10.789 6.042   1.00 53.17 ? 203 ASN A OD1 1 
ATOM   1293 N  ND2 . ASN A 1 160 ? -20.388 -9.680  4.823   1.00 51.99 ? 203 ASN A ND2 1 
ATOM   1294 N  N   . LEU A 1 161 ? -16.459 -6.323  3.761   1.00 52.50 ? 204 LEU A N   1 
ATOM   1295 C  CA  . LEU A 1 161 ? -15.219 -5.552  3.594   1.00 52.78 ? 204 LEU A CA  1 
ATOM   1296 C  C   . LEU A 1 161 ? -15.182 -4.330  4.511   1.00 53.29 ? 204 LEU A C   1 
ATOM   1297 O  O   . LEU A 1 161 ? -14.196 -4.104  5.210   1.00 53.32 ? 204 LEU A O   1 
ATOM   1298 C  CB  . LEU A 1 161 ? -14.979 -5.134  2.141   1.00 52.69 ? 204 LEU A CB  1 
ATOM   1299 C  CG  . LEU A 1 161 ? -13.797 -4.179  1.894   1.00 51.94 ? 204 LEU A CG  1 
ATOM   1300 C  CD1 . LEU A 1 161 ? -13.015 -4.578  0.669   1.00 51.67 ? 204 LEU A CD1 1 
ATOM   1301 C  CD2 . LEU A 1 161 ? -14.254 -2.730  1.790   1.00 51.06 ? 204 LEU A CD2 1 
ATOM   1302 N  N   . LEU A 1 162 ? -16.257 -3.548  4.495   1.00 53.90 ? 205 LEU A N   1 
ATOM   1303 C  CA  . LEU A 1 162 ? -16.330 -2.294  5.243   1.00 54.78 ? 205 LEU A CA  1 
ATOM   1304 C  C   . LEU A 1 162 ? -16.249 -2.452  6.751   1.00 55.71 ? 205 LEU A C   1 
ATOM   1305 O  O   . LEU A 1 162 ? -16.050 -1.474  7.471   1.00 55.72 ? 205 LEU A O   1 
ATOM   1306 C  CB  . LEU A 1 162 ? -17.601 -1.529  4.890   1.00 54.47 ? 205 LEU A CB  1 
ATOM   1307 C  CG  . LEU A 1 162 ? -17.468 -0.573  3.714   1.00 54.46 ? 205 LEU A CG  1 
ATOM   1308 C  CD1 . LEU A 1 162 ? -18.775 0.146   3.490   1.00 54.60 ? 205 LEU A CD1 1 
ATOM   1309 C  CD2 . LEU A 1 162 ? -16.347 0.422   3.948   1.00 54.45 ? 205 LEU A CD2 1 
ATOM   1310 N  N   . GLU A 1 163 ? -16.406 -3.677  7.237   1.00 56.60 ? 206 GLU A N   1 
ATOM   1311 C  CA  . GLU A 1 163 ? -16.369 -3.876  8.675   1.00 58.78 ? 206 GLU A CA  1 
ATOM   1312 C  C   . GLU A 1 163 ? -14.982 -4.141  9.266   1.00 59.96 ? 206 GLU A C   1 
ATOM   1313 O  O   . GLU A 1 163 ? -14.844 -4.169  10.488  1.00 60.34 ? 206 GLU A O   1 
ATOM   1314 C  CB  . GLU A 1 163 ? -17.362 -4.960  9.089   1.00 58.72 ? 206 GLU A CB  1 
ATOM   1315 C  CG  . GLU A 1 163 ? -18.347 -4.481  10.136  1.00 59.27 ? 206 GLU A CG  1 
ATOM   1316 C  CD  . GLU A 1 163 ? -18.789 -5.582  11.080  1.00 60.37 ? 206 GLU A CD  1 
ATOM   1317 O  OE1 . GLU A 1 163 ? -18.442 -6.767  10.851  1.00 60.54 ? 206 GLU A OE1 1 
ATOM   1318 O  OE2 . GLU A 1 163 ? -19.484 -5.252  12.067  1.00 60.68 ? 206 GLU A OE2 1 
HETATM 1319 N  N   . MSE A 1 164 ? -13.957 -4.312  8.423   1.00 61.69 ? 207 MSE A N   1 
HETATM 1320 C  CA  . MSE A 1 164 ? -12.597 -4.689  8.897   1.00 63.36 ? 207 MSE A CA  1 
HETATM 1321 C  C   . MSE A 1 164 ? -11.514 -3.583  8.801   1.00 63.28 ? 207 MSE A C   1 
HETATM 1322 O  O   . MSE A 1 164 ? -10.295 -3.814  8.525   1.00 63.27 ? 207 MSE A O   1 
HETATM 1323 C  CB  . MSE A 1 164 ? -12.156 -6.032  8.300   1.00 64.72 ? 207 MSE A CB  1 
HETATM 1324 C  CG  . MSE A 1 164 ? -13.219 -7.154  8.453   1.00 67.92 ? 207 MSE A CG  1 
HETATM 1325 SE SE  . MSE A 1 164 ? -14.142 -7.281  10.239  1.00 78.06 ? 207 MSE A SE  1 
HETATM 1326 C  CE  . MSE A 1 164 ? -13.093 -8.805  11.062  1.00 70.63 ? 207 MSE A CE  1 
ATOM   1327 N  N   . ASP A 1 165 ? -11.989 -2.371  9.070   1.00 63.25 ? 208 ASP A N   1 
ATOM   1328 C  CA  . ASP A 1 165 ? -11.134 -1.243  9.377   1.00 63.39 ? 208 ASP A CA  1 
ATOM   1329 C  C   . ASP A 1 165 ? -10.058 -1.690  10.351  1.00 63.45 ? 208 ASP A C   1 
ATOM   1330 O  O   . ASP A 1 165 ? -8.886  -1.422  10.138  1.00 63.38 ? 208 ASP A O   1 
ATOM   1331 C  CB  . ASP A 1 165 ? -11.955 -0.121  9.997   1.00 63.51 ? 208 ASP A CB  1 
ATOM   1332 C  CG  . ASP A 1 165 ? -13.055 0.366   9.084   1.00 63.88 ? 208 ASP A CG  1 
ATOM   1333 O  OD1 . ASP A 1 165 ? -13.377 -0.338  8.101   1.00 64.00 ? 208 ASP A OD1 1 
ATOM   1334 O  OD2 . ASP A 1 165 ? -13.600 1.454   9.355   1.00 64.01 ? 208 ASP A OD2 1 
ATOM   1335 N  N   . ILE A 1 166 ? -10.468 -2.391  11.407  1.00 63.57 ? 209 ILE A N   1 
ATOM   1336 C  CA  . ILE A 1 166 ? -9.535  -3.011  12.348  1.00 63.68 ? 209 ILE A CA  1 
ATOM   1337 C  C   . ILE A 1 166 ? -8.304  -3.556  11.610  1.00 63.56 ? 209 ILE A C   1 
ATOM   1338 O  O   . ILE A 1 166 ? -7.163  -3.264  11.990  1.00 63.58 ? 209 ILE A O   1 
ATOM   1339 C  CB  . ILE A 1 166 ? -10.212 -4.148  13.166  1.00 63.76 ? 209 ILE A CB  1 
ATOM   1340 C  CG1 . ILE A 1 166 ? -11.659 -3.769  13.541  1.00 64.07 ? 209 ILE A CG1 1 
ATOM   1341 C  CG2 . ILE A 1 166 ? -9.358  -4.511  14.396  1.00 63.65 ? 209 ILE A CG2 1 
ATOM   1342 C  CD1 . ILE A 1 166 ? -12.539 -4.944  14.024  1.00 63.90 ? 209 ILE A CD1 1 
ATOM   1343 N  N   . GLU A 1 167 ? -8.545  -4.317  10.544  1.00 63.45 ? 210 GLU A N   1 
ATOM   1344 C  CA  . GLU A 1 167 ? -7.469  -4.883  9.730   1.00 63.52 ? 210 GLU A CA  1 
ATOM   1345 C  C   . GLU A 1 167 ? -6.737  -3.828  8.906   1.00 63.24 ? 210 GLU A C   1 
ATOM   1346 O  O   . GLU A 1 167 ? -5.502  -3.881  8.780   1.00 63.13 ? 210 GLU A O   1 
ATOM   1347 C  CB  . GLU A 1 167 ? -7.990  -5.997  8.825   1.00 63.69 ? 210 GLU A CB  1 
ATOM   1348 C  CG  . GLU A 1 167 ? -8.179  -7.323  9.531   1.00 64.62 ? 210 GLU A CG  1 
ATOM   1349 C  CD  . GLU A 1 167 ? -9.329  -8.118  8.952   1.00 66.21 ? 210 GLU A CD  1 
ATOM   1350 O  OE1 . GLU A 1 167 ? -9.512  -8.092  7.715   1.00 66.97 ? 210 GLU A OE1 1 
ATOM   1351 O  OE2 . GLU A 1 167 ? -10.059 -8.761  9.738   1.00 66.93 ? 210 GLU A OE2 1 
ATOM   1352 N  N   . GLN A 1 168 ? -7.479  -2.870  8.348   1.00 63.09 ? 211 GLN A N   1 
ATOM   1353 C  CA  . GLN A 1 168 ? -6.786  -1.756  7.650   1.00 62.94 ? 211 GLN A CA  1 
ATOM   1354 C  C   . GLN A 1 168 ? -5.771  -1.029  8.563   1.00 63.05 ? 211 GLN A C   1 
ATOM   1355 O  O   . GLN A 1 168 ? -4.557  -0.927  8.265   1.00 63.12 ? 211 GLN A O   1 
ATOM   1356 C  CB  . GLN A 1 168 ? -7.782  -0.746  7.066   1.00 62.82 ? 211 GLN A CB  1 
ATOM   1357 C  CG  . GLN A 1 168 ? -8.945  -1.337  6.268   1.00 62.31 ? 211 GLN A CG  1 
ATOM   1358 C  CD  . GLN A 1 168 ? -8.516  -2.316  5.198   1.00 61.26 ? 211 GLN A CD  1 
ATOM   1359 O  OE1 . GLN A 1 168 ? -7.450  -2.179  4.597   1.00 61.31 ? 211 GLN A OE1 1 
ATOM   1360 N  NE2 . GLN A 1 168 ? -9.349  -3.315  4.954   1.00 60.80 ? 211 GLN A NE2 1 
ATOM   1361 N  N   . VAL A 1 169 ? -6.297  -0.531  9.680   1.00 63.11 ? 212 VAL A N   1 
ATOM   1362 C  CA  . VAL A 1 169 ? -5.522  0.073   10.753  1.00 63.08 ? 212 VAL A CA  1 
ATOM   1363 C  C   . VAL A 1 169 ? -4.369  -0.845  11.157  1.00 63.12 ? 212 VAL A C   1 
ATOM   1364 O  O   . VAL A 1 169 ? -3.238  -0.387  11.309  1.00 63.27 ? 212 VAL A O   1 
ATOM   1365 C  CB  . VAL A 1 169 ? -6.427  0.399   11.975  1.00 63.03 ? 212 VAL A CB  1 
ATOM   1366 C  CG1 . VAL A 1 169 ? -5.611  0.931   13.141  1.00 63.18 ? 212 VAL A CG1 1 
ATOM   1367 C  CG2 . VAL A 1 169 ? -7.507  1.409   11.593  1.00 63.04 ? 212 VAL A CG2 1 
ATOM   1368 N  N   . SER A 1 170 ? -4.657  -2.136  11.308  1.00 63.14 ? 213 SER A N   1 
ATOM   1369 C  CA  . SER A 1 170 ? -3.618  -3.122  11.598  1.00 63.21 ? 213 SER A CA  1 
ATOM   1370 C  C   . SER A 1 170 ? -2.482  -3.053  10.563  1.00 63.21 ? 213 SER A C   1 
ATOM   1371 O  O   . SER A 1 170 ? -1.288  -3.077  10.921  1.00 63.47 ? 213 SER A O   1 
ATOM   1372 C  CB  . SER A 1 170 ? -4.224  -4.528  11.663  1.00 63.27 ? 213 SER A CB  1 
ATOM   1373 O  OG  . SER A 1 170 ? -3.407  -5.420  12.401  1.00 63.46 ? 213 SER A OG  1 
ATOM   1374 N  N   . GLN A 1 171 ? -2.856  -2.944  9.287   1.00 63.13 ? 214 GLN A N   1 
ATOM   1375 C  CA  . GLN A 1 171 ? -1.866  -2.756  8.216   1.00 63.00 ? 214 GLN A CA  1 
ATOM   1376 C  C   . GLN A 1 171 ? -1.042  -1.477  8.402   1.00 63.06 ? 214 GLN A C   1 
ATOM   1377 O  O   . GLN A 1 171 ? 0.213   -1.520  8.419   1.00 63.28 ? 214 GLN A O   1 
ATOM   1378 C  CB  . GLN A 1 171 ? -2.537  -2.787  6.842   1.00 62.83 ? 214 GLN A CB  1 
ATOM   1379 C  CG  . GLN A 1 171 ? -2.620  -4.180  6.247   1.00 62.32 ? 214 GLN A CG  1 
ATOM   1380 C  CD  . GLN A 1 171 ? -3.955  -4.477  5.589   1.00 61.53 ? 214 GLN A CD  1 
ATOM   1381 O  OE1 . GLN A 1 171 ? -4.682  -3.573  5.170   1.00 60.90 ? 214 GLN A OE1 1 
ATOM   1382 N  NE2 . GLN A 1 171 ? -4.285  -5.758  5.500   1.00 61.16 ? 214 GLN A NE2 1 
ATOM   1383 N  N   . LEU A 1 172 ? -1.738  -0.349  8.564   1.00 63.03 ? 215 LEU A N   1 
ATOM   1384 C  CA  . LEU A 1 172 ? -1.043  0.913   8.863   1.00 63.09 ? 215 LEU A CA  1 
ATOM   1385 C  C   . LEU A 1 172 ? -0.024  0.716   9.996   1.00 63.32 ? 215 LEU A C   1 
ATOM   1386 O  O   . LEU A 1 172 ? 1.164   1.073   9.875   1.00 63.60 ? 215 LEU A O   1 
ATOM   1387 C  CB  . LEU A 1 172 ? -2.037  2.022   9.221   1.00 62.83 ? 215 LEU A CB  1 
ATOM   1388 C  CG  . LEU A 1 172 ? -2.950  2.557   8.114   1.00 62.59 ? 215 LEU A CG  1 
ATOM   1389 C  CD1 . LEU A 1 172 ? -4.014  3.467   8.693   1.00 62.38 ? 215 LEU A CD1 1 
ATOM   1390 C  CD2 . LEU A 1 172 ? -2.160  3.290   7.042   1.00 62.28 ? 215 LEU A CD2 1 
ATOM   1391 N  N   . SER A 1 173 ? -0.501  0.116   11.082  1.00 63.48 ? 216 SER A N   1 
ATOM   1392 C  CA  . SER A 1 173 ? 0.339   -0.255  12.203  1.00 63.80 ? 216 SER A CA  1 
ATOM   1393 C  C   . SER A 1 173 ? 1.570   -1.022  11.741  1.00 63.90 ? 216 SER A C   1 
ATOM   1394 O  O   . SER A 1 173 ? 2.679   -0.680  12.143  1.00 64.37 ? 216 SER A O   1 
ATOM   1395 C  CB  . SER A 1 173 ? -0.453  -1.067  13.230  1.00 63.88 ? 216 SER A CB  1 
ATOM   1396 O  OG  . SER A 1 173 ? 0.382   -1.510  14.287  1.00 64.30 ? 216 SER A OG  1 
ATOM   1397 N  N   . ALA A 1 174 ? 1.391   -2.039  10.895  1.00 63.85 ? 217 ALA A N   1 
ATOM   1398 C  CA  . ALA A 1 174 ? 2.553   -2.784  10.372  1.00 63.99 ? 217 ALA A CA  1 
ATOM   1399 C  C   . ALA A 1 174 ? 3.562   -1.864  9.664   1.00 64.05 ? 217 ALA A C   1 
ATOM   1400 O  O   . ALA A 1 174 ? 4.790   -1.933  9.916   1.00 64.47 ? 217 ALA A O   1 
ATOM   1401 C  CB  . ALA A 1 174 ? 2.110   -3.917  9.455   1.00 63.90 ? 217 ALA A CB  1 
ATOM   1402 N  N   . LEU A 1 175 ? 3.036   -0.990  8.799   1.00 63.90 ? 218 LEU A N   1 
ATOM   1403 C  CA  . LEU A 1 175 ? 3.875   0.009   8.113   1.00 63.98 ? 218 LEU A CA  1 
ATOM   1404 C  C   . LEU A 1 175 ? 4.704   0.819   9.115   1.00 64.23 ? 218 LEU A C   1 
ATOM   1405 O  O   . LEU A 1 175 ? 5.957   0.831   9.065   1.00 64.69 ? 218 LEU A O   1 
ATOM   1406 C  CB  . LEU A 1 175 ? 3.010   0.939   7.242   1.00 63.92 ? 218 LEU A CB  1 
ATOM   1407 C  CG  . LEU A 1 175 ? 3.526   2.307   6.768   1.00 63.73 ? 218 LEU A CG  1 
ATOM   1408 C  CD1 . LEU A 1 175 ? 4.591   2.175   5.695   1.00 63.35 ? 218 LEU A CD1 1 
ATOM   1409 C  CD2 . LEU A 1 175 ? 2.380   3.158   6.263   1.00 63.62 ? 218 LEU A CD2 1 
ATOM   1410 N  N   . VAL A 1 176 ? 3.995   1.472   10.037  1.00 64.24 ? 219 VAL A N   1 
ATOM   1411 C  CA  . VAL A 1 176 ? 4.644   2.307   11.045  1.00 64.54 ? 219 VAL A CA  1 
ATOM   1412 C  C   . VAL A 1 176 ? 5.651   1.506   11.884  1.00 64.88 ? 219 VAL A C   1 
ATOM   1413 O  O   . VAL A 1 176 ? 6.725   2.013   12.219  1.00 65.38 ? 219 VAL A O   1 
ATOM   1414 C  CB  . VAL A 1 176 ? 3.615   3.032   11.932  1.00 64.40 ? 219 VAL A CB  1 
ATOM   1415 C  CG1 . VAL A 1 176 ? 4.310   3.907   12.945  1.00 64.41 ? 219 VAL A CG1 1 
ATOM   1416 C  CG2 . VAL A 1 176 ? 2.690   3.883   11.077  1.00 64.25 ? 219 VAL A CG2 1 
ATOM   1417 N  N   . GLN A 1 177 ? 5.314   0.255   12.191  1.00 65.10 ? 220 GLN A N   1 
ATOM   1418 C  CA  . GLN A 1 177 ? 6.260   -0.655  12.831  1.00 65.74 ? 220 GLN A CA  1 
ATOM   1419 C  C   . GLN A 1 177 ? 7.553   -0.707  12.028  1.00 65.74 ? 220 GLN A C   1 
ATOM   1420 O  O   . GLN A 1 177 ? 8.626   -0.352  12.545  1.00 66.25 ? 220 GLN A O   1 
ATOM   1421 C  CB  . GLN A 1 177 ? 5.683   -2.073  12.980  1.00 65.93 ? 220 GLN A CB  1 
ATOM   1422 C  CG  . GLN A 1 177 ? 4.541   -2.228  13.984  1.00 67.11 ? 220 GLN A CG  1 
ATOM   1423 C  CD  . GLN A 1 177 ? 4.932   -1.870  15.412  1.00 68.78 ? 220 GLN A CD  1 
ATOM   1424 O  OE1 . GLN A 1 177 ? 6.094   -2.003  15.810  1.00 69.53 ? 220 GLN A OE1 1 
ATOM   1425 N  NE2 . GLN A 1 177 ? 3.952   -1.418  16.192  1.00 69.31 ? 220 GLN A NE2 1 
ATOM   1426 N  N   . ALA A 1 178 ? 7.448   -1.127  10.762  1.00 65.58 ? 221 ALA A N   1 
ATOM   1427 C  CA  . ALA A 1 178 ? 8.641   -1.227  9.903   1.00 65.83 ? 221 ALA A CA  1 
ATOM   1428 C  C   . ALA A 1 178 ? 9.460   0.069   9.912   1.00 65.91 ? 221 ALA A C   1 
ATOM   1429 O  O   . ALA A 1 178 ? 10.695  0.056   10.131  1.00 66.33 ? 221 ALA A O   1 
ATOM   1430 C  CB  . ALA A 1 178 ? 8.252   -1.607  8.484   1.00 65.74 ? 221 ALA A CB  1 
ATOM   1431 N  N   . GLN A 1 179 ? 8.758   1.183   9.693   1.00 65.79 ? 222 GLN A N   1 
ATOM   1432 C  CA  . GLN A 1 179 ? 9.392   2.500   9.757   1.00 66.12 ? 222 GLN A CA  1 
ATOM   1433 C  C   . GLN A 1 179 ? 10.197  2.673   11.049  1.00 66.50 ? 222 GLN A C   1 
ATOM   1434 O  O   . GLN A 1 179 ? 11.417  2.917   11.014  1.00 67.12 ? 222 GLN A O   1 
ATOM   1435 C  CB  . GLN A 1 179 ? 8.345   3.606   9.627   1.00 65.88 ? 222 GLN A CB  1 
ATOM   1436 C  CG  . GLN A 1 179 ? 7.910   3.876   8.200   1.00 65.66 ? 222 GLN A CG  1 
ATOM   1437 C  CD  . GLN A 1 179 ? 6.756   4.852   8.111   1.00 65.42 ? 222 GLN A CD  1 
ATOM   1438 O  OE1 . GLN A 1 179 ? 5.724   4.667   8.752   1.00 65.66 ? 222 GLN A OE1 1 
ATOM   1439 N  NE2 . GLN A 1 179 ? 6.920   5.892   7.301   1.00 65.10 ? 222 GLN A NE2 1 
ATOM   1440 N  N   . LEU A 1 180 ? 9.508   2.511   12.180  1.00 66.57 ? 223 LEU A N   1 
ATOM   1441 C  CA  . LEU A 1 180 ? 10.109  2.673   13.505  1.00 67.02 ? 223 LEU A CA  1 
ATOM   1442 C  C   . LEU A 1 180 ? 11.338  1.792   13.709  1.00 67.25 ? 223 LEU A C   1 
ATOM   1443 O  O   . LEU A 1 180 ? 12.388  2.285   14.133  1.00 68.03 ? 223 LEU A O   1 
ATOM   1444 C  CB  . LEU A 1 180 ? 9.062   2.434   14.598  1.00 67.01 ? 223 LEU A CB  1 
ATOM   1445 C  CG  . LEU A 1 180 ? 9.453   2.563   16.072  1.00 67.16 ? 223 LEU A CG  1 
ATOM   1446 C  CD1 . LEU A 1 180 ? 8.415   3.387   16.823  1.00 66.91 ? 223 LEU A CD1 1 
ATOM   1447 C  CD2 . LEU A 1 180 ? 9.640   1.185   16.713  1.00 66.92 ? 223 LEU A CD2 1 
ATOM   1448 N  N   . GLU A 1 181 ? 11.213  0.502   13.397  1.00 67.21 ? 224 GLU A N   1 
ATOM   1449 C  CA  . GLU A 1 181 ? 12.356  -0.414  13.485  1.00 67.63 ? 224 GLU A CA  1 
ATOM   1450 C  C   . GLU A 1 181 ? 13.548  0.097   12.657  1.00 67.90 ? 224 GLU A C   1 
ATOM   1451 O  O   . GLU A 1 181 ? 14.701  0.191   13.161  1.00 68.75 ? 224 GLU A O   1 
ATOM   1452 C  CB  . GLU A 1 181 ? 11.941  -1.831  13.060  1.00 67.57 ? 224 GLU A CB  1 
ATOM   1453 C  CG  . GLU A 1 181 ? 13.093  -2.815  12.804  1.00 67.63 ? 224 GLU A CG  1 
ATOM   1454 C  CD  . GLU A 1 181 ? 13.751  -3.349  14.074  1.00 67.75 ? 224 GLU A CD  1 
ATOM   1455 O  OE1 . GLU A 1 181 ? 13.301  -3.018  15.196  1.00 67.91 ? 224 GLU A OE1 1 
ATOM   1456 O  OE2 . GLU A 1 181 ? 14.729  -4.112  13.943  1.00 67.54 ? 224 GLU A OE2 1 
ATOM   1457 N  N   . TYR A 1 182 ? 13.265  0.446   11.398  1.00 67.72 ? 225 TYR A N   1 
ATOM   1458 C  CA  . TYR A 1 182 ? 14.290  1.016   10.520  1.00 68.00 ? 225 TYR A CA  1 
ATOM   1459 C  C   . TYR A 1 182 ? 14.991  2.207   11.191  1.00 68.41 ? 225 TYR A C   1 
ATOM   1460 O  O   . TYR A 1 182 ? 16.230  2.209   11.373  1.00 69.29 ? 225 TYR A O   1 
ATOM   1461 C  CB  . TYR A 1 182 ? 13.671  1.404   9.169   1.00 67.55 ? 225 TYR A CB  1 
ATOM   1462 C  CG  . TYR A 1 182 ? 14.430  2.445   8.373   1.00 66.84 ? 225 TYR A CG  1 
ATOM   1463 C  CD1 . TYR A 1 182 ? 15.514  2.087   7.574   1.00 66.26 ? 225 TYR A CD1 1 
ATOM   1464 C  CD2 . TYR A 1 182 ? 14.044  3.787   8.398   1.00 66.28 ? 225 TYR A CD2 1 
ATOM   1465 C  CE1 . TYR A 1 182 ? 16.206  3.045   6.839   1.00 66.24 ? 225 TYR A CE1 1 
ATOM   1466 C  CE2 . TYR A 1 182 ? 14.728  4.748   7.669   1.00 65.94 ? 225 TYR A CE2 1 
ATOM   1467 C  CZ  . TYR A 1 182 ? 15.804  4.371   6.891   1.00 66.17 ? 225 TYR A CZ  1 
ATOM   1468 O  OH  . TYR A 1 182 ? 16.479  5.322   6.167   1.00 66.22 ? 225 TYR A OH  1 
ATOM   1469 N  N   . HIS A 1 183 ? 14.191  3.198   11.589  1.00 68.43 ? 226 HIS A N   1 
ATOM   1470 C  CA  . HIS A 1 183 ? 14.733  4.412   12.196  1.00 69.02 ? 226 HIS A CA  1 
ATOM   1471 C  C   . HIS A 1 183 ? 15.530  4.153   13.481  1.00 69.55 ? 226 HIS A C   1 
ATOM   1472 O  O   . HIS A 1 183 ? 16.553  4.806   13.723  1.00 70.39 ? 226 HIS A O   1 
ATOM   1473 C  CB  . HIS A 1 183 ? 13.633  5.445   12.421  1.00 68.80 ? 226 HIS A CB  1 
ATOM   1474 C  CG  . HIS A 1 183 ? 13.236  6.171   11.175  1.00 68.66 ? 226 HIS A CG  1 
ATOM   1475 N  ND1 . HIS A 1 183 ? 13.969  7.216   10.660  1.00 68.29 ? 226 HIS A ND1 1 
ATOM   1476 C  CD2 . HIS A 1 183 ? 12.188  6.000   10.337  1.00 68.55 ? 226 HIS A CD2 1 
ATOM   1477 C  CE1 . HIS A 1 183 ? 13.389  7.662   9.561   1.00 68.15 ? 226 HIS A CE1 1 
ATOM   1478 N  NE2 . HIS A 1 183 ? 12.304  6.942   9.344   1.00 68.28 ? 226 HIS A NE2 1 
ATOM   1479 N  N   . LYS A 1 184 ? 15.072  3.196   14.288  1.00 69.64 ? 227 LYS A N   1 
ATOM   1480 C  CA  . LYS A 1 184 ? 15.834  2.751   15.457  1.00 70.22 ? 227 LYS A CA  1 
ATOM   1481 C  C   . LYS A 1 184 ? 17.216  2.239   15.042  1.00 70.53 ? 227 LYS A C   1 
ATOM   1482 O  O   . LYS A 1 184 ? 18.260  2.787   15.471  1.00 71.37 ? 227 LYS A O   1 
ATOM   1483 C  CB  . LYS A 1 184 ? 15.076  1.665   16.224  1.00 70.14 ? 227 LYS A CB  1 
ATOM   1484 C  CG  . LYS A 1 184 ? 13.990  2.183   17.155  1.00 70.28 ? 227 LYS A CG  1 
ATOM   1485 C  CD  . LYS A 1 184 ? 13.401  1.041   17.970  1.00 70.51 ? 227 LYS A CD  1 
ATOM   1486 C  CE  . LYS A 1 184 ? 12.411  1.549   19.006  1.00 70.68 ? 227 LYS A CE  1 
ATOM   1487 N  NZ  . LYS A 1 184 ? 11.705  0.429   19.688  1.00 70.38 ? 227 LYS A NZ  1 
ATOM   1488 N  N   . GLN A 1 185 ? 17.223  1.206   14.194  1.00 70.45 ? 228 GLN A N   1 
ATOM   1489 C  CA  . GLN A 1 185 ? 18.487  0.632   13.724  1.00 71.16 ? 228 GLN A CA  1 
ATOM   1490 C  C   . GLN A 1 185 ? 19.432  1.748   13.243  1.00 71.44 ? 228 GLN A C   1 
ATOM   1491 O  O   . GLN A 1 185 ? 20.643  1.797   13.596  1.00 72.14 ? 228 GLN A O   1 
ATOM   1492 C  CB  . GLN A 1 185 ? 18.216  -0.362  12.596  1.00 71.16 ? 228 GLN A CB  1 
ATOM   1493 C  CG  . GLN A 1 185 ? 19.236  -1.487  12.483  1.00 71.72 ? 228 GLN A CG  1 
ATOM   1494 C  CD  . GLN A 1 185 ? 18.850  -2.728  13.275  1.00 72.32 ? 228 GLN A CD  1 
ATOM   1495 O  OE1 . GLN A 1 185 ? 17.858  -2.733  14.009  1.00 72.71 ? 228 GLN A OE1 1 
ATOM   1496 N  NE2 . GLN A 1 185 ? 19.638  -3.790  13.126  1.00 72.18 ? 228 GLN A NE2 1 
ATOM   1497 N  N   . ALA A 1 186 ? 18.851  2.660   12.459  1.00 71.36 ? 229 ALA A N   1 
ATOM   1498 C  CA  . ALA A 1 186 ? 19.566  3.846   11.995  1.00 72.00 ? 229 ALA A CA  1 
ATOM   1499 C  C   . ALA A 1 186 ? 20.189  4.621   13.162  1.00 72.26 ? 229 ALA A C   1 
ATOM   1500 O  O   . ALA A 1 186 ? 21.428  4.723   13.256  1.00 72.89 ? 229 ALA A O   1 
ATOM   1501 C  CB  . ALA A 1 186 ? 18.637  4.744   11.182  1.00 71.92 ? 229 ALA A CB  1 
ATOM   1502 N  N   . VAL A 1 187 ? 19.332  5.137   14.050  1.00 72.15 ? 230 VAL A N   1 
ATOM   1503 C  CA  . VAL A 1 187 ? 19.774  5.893   15.232  1.00 72.75 ? 230 VAL A CA  1 
ATOM   1504 C  C   . VAL A 1 187 ? 20.966  5.210   15.893  1.00 73.08 ? 230 VAL A C   1 
ATOM   1505 O  O   . VAL A 1 187 ? 21.981  5.861   16.183  1.00 73.78 ? 230 VAL A O   1 
ATOM   1506 C  CB  . VAL A 1 187 ? 18.625  6.118   16.263  1.00 72.66 ? 230 VAL A CB  1 
ATOM   1507 C  CG1 . VAL A 1 187 ? 19.174  6.474   17.640  1.00 72.60 ? 230 VAL A CG1 1 
ATOM   1508 C  CG2 . VAL A 1 187 ? 17.683  7.213   15.787  1.00 72.79 ? 230 VAL A CG2 1 
ATOM   1509 N  N   . GLN A 1 188 ? 20.858  3.897   16.098  1.00 73.06 ? 231 GLN A N   1 
ATOM   1510 C  CA  . GLN A 1 188 ? 21.979  3.162   16.686  1.00 73.72 ? 231 GLN A CA  1 
ATOM   1511 C  C   . GLN A 1 188 ? 23.268  3.242   15.859  1.00 73.90 ? 231 GLN A C   1 
ATOM   1512 O  O   . GLN A 1 188 ? 24.316  3.718   16.366  1.00 74.61 ? 231 GLN A O   1 
ATOM   1513 C  CB  . GLN A 1 188 ? 21.605  1.713   16.982  1.00 73.73 ? 231 GLN A CB  1 
ATOM   1514 C  CG  . GLN A 1 188 ? 20.973  1.532   18.348  1.00 74.22 ? 231 GLN A CG  1 
ATOM   1515 C  CD  . GLN A 1 188 ? 21.160  0.133   18.895  1.00 75.13 ? 231 GLN A CD  1 
ATOM   1516 O  OE1 . GLN A 1 188 ? 21.998  -0.636  18.412  1.00 75.31 ? 231 GLN A OE1 1 
ATOM   1517 N  NE2 . GLN A 1 188 ? 20.379  -0.206  19.914  1.00 75.55 ? 231 GLN A NE2 1 
ATOM   1518 N  N   . ILE A 1 189 ? 23.201  2.803   14.596  1.00 73.73 ? 232 ILE A N   1 
ATOM   1519 C  CA  . ILE A 1 189 ? 24.430  2.783   13.778  1.00 74.19 ? 232 ILE A CA  1 
ATOM   1520 C  C   . ILE A 1 189 ? 25.083  4.184   13.689  1.00 74.44 ? 232 ILE A C   1 
ATOM   1521 O  O   . ILE A 1 189 ? 26.326  4.352   13.841  1.00 74.97 ? 232 ILE A O   1 
ATOM   1522 C  CB  . ILE A 1 189 ? 24.208  2.116   12.383  1.00 74.04 ? 232 ILE A CB  1 
ATOM   1523 C  CG1 . ILE A 1 189 ? 25.484  1.419   11.906  1.00 73.98 ? 232 ILE A CG1 1 
ATOM   1524 C  CG2 . ILE A 1 189 ? 23.690  3.103   11.350  1.00 74.03 ? 232 ILE A CG2 1 
ATOM   1525 C  CD1 . ILE A 1 189 ? 25.716  0.045   12.525  1.00 73.63 ? 232 ILE A CD1 1 
ATOM   1526 N  N   . LEU A 1 190 ? 24.219  5.184   13.501  1.00 74.40 ? 233 LEU A N   1 
ATOM   1527 C  CA  . LEU A 1 190 ? 24.641  6.579   13.476  1.00 74.95 ? 233 LEU A CA  1 
ATOM   1528 C  C   . LEU A 1 190 ? 25.299  7.007   14.783  1.00 75.26 ? 233 LEU A C   1 
ATOM   1529 O  O   . LEU A 1 190 ? 26.356  7.631   14.755  1.00 75.87 ? 233 LEU A O   1 
ATOM   1530 C  CB  . LEU A 1 190 ? 23.473  7.512   13.135  1.00 74.87 ? 233 LEU A CB  1 
ATOM   1531 C  CG  . LEU A 1 190 ? 22.962  7.520   11.689  1.00 74.74 ? 233 LEU A CG  1 
ATOM   1532 C  CD1 . LEU A 1 190 ? 21.799  8.480   11.566  1.00 74.53 ? 233 LEU A CD1 1 
ATOM   1533 C  CD2 . LEU A 1 190 ? 24.056  7.879   10.688  1.00 74.39 ? 233 LEU A CD2 1 
ATOM   1534 N  N   . GLN A 1 191 ? 24.687  6.665   15.918  1.00 75.29 ? 234 GLN A N   1 
ATOM   1535 C  CA  . GLN A 1 191 ? 25.278  6.981   17.227  1.00 75.88 ? 234 GLN A CA  1 
ATOM   1536 C  C   . GLN A 1 191 ? 26.679  6.371   17.371  1.00 76.02 ? 234 GLN A C   1 
ATOM   1537 O  O   . GLN A 1 191 ? 27.643  7.064   17.775  1.00 76.50 ? 234 GLN A O   1 
ATOM   1538 C  CB  . GLN A 1 191 ? 24.354  6.521   18.358  1.00 75.85 ? 234 GLN A CB  1 
ATOM   1539 C  CG  . GLN A 1 191 ? 24.266  7.506   19.516  1.00 76.33 ? 234 GLN A CG  1 
ATOM   1540 C  CD  . GLN A 1 191 ? 22.835  7.730   19.994  1.00 76.88 ? 234 GLN A CD  1 
ATOM   1541 O  OE1 . GLN A 1 191 ? 22.402  8.866   20.204  1.00 76.98 ? 234 GLN A OE1 1 
ATOM   1542 N  NE2 . GLN A 1 191 ? 22.093  6.639   20.167  1.00 76.79 ? 234 GLN A NE2 1 
ATOM   1543 N  N   . GLN A 1 192 ? 26.790  5.090   17.008  1.00 75.93 ? 235 GLN A N   1 
ATOM   1544 C  CA  . GLN A 1 192 ? 28.087  4.405   17.021  1.00 76.52 ? 235 GLN A CA  1 
ATOM   1545 C  C   . GLN A 1 192 ? 29.148  5.159   16.199  1.00 76.63 ? 235 GLN A C   1 
ATOM   1546 O  O   . GLN A 1 192 ? 30.221  5.561   16.727  1.00 77.26 ? 235 GLN A O   1 
ATOM   1547 C  CB  . GLN A 1 192 ? 27.934  2.967   16.518  1.00 76.46 ? 235 GLN A CB  1 
ATOM   1548 C  CG  . GLN A 1 192 ? 29.217  2.141   16.553  1.00 76.71 ? 235 GLN A CG  1 
ATOM   1549 C  CD  . GLN A 1 192 ? 29.063  0.783   15.885  1.00 76.88 ? 235 GLN A CD  1 
ATOM   1550 O  OE1 . GLN A 1 192 ? 27.997  0.162   15.937  1.00 77.30 ? 235 GLN A OE1 1 
ATOM   1551 N  NE2 . GLN A 1 192 ? 30.137  0.313   15.256  1.00 77.21 ? 235 GLN A NE2 1 
ATOM   1552 N  N   . VAL A 1 193 ? 28.848  5.371   14.916  1.00 76.51 ? 236 VAL A N   1 
ATOM   1553 C  CA  . VAL A 1 193 ? 29.816  6.087   14.070  1.00 76.86 ? 236 VAL A CA  1 
ATOM   1554 C  C   . VAL A 1 193 ? 30.074  7.544   14.543  1.00 77.07 ? 236 VAL A C   1 
ATOM   1555 O  O   . VAL A 1 193 ? 31.193  8.053   14.401  1.00 77.56 ? 236 VAL A O   1 
ATOM   1556 C  CB  . VAL A 1 193 ? 29.476  5.978   12.557  1.00 76.79 ? 236 VAL A CB  1 
ATOM   1557 C  CG1 . VAL A 1 193 ? 28.487  7.056   12.124  1.00 76.72 ? 236 VAL A CG1 1 
ATOM   1558 C  CG2 . VAL A 1 193 ? 30.749  6.021   11.715  1.00 76.58 ? 236 VAL A CG2 1 
ATOM   1559 N  N   . THR A 1 194 ? 29.052  8.180   15.129  1.00 76.98 ? 237 THR A N   1 
ATOM   1560 C  CA  . THR A 1 194 ? 29.172  9.524   15.712  1.00 77.47 ? 237 THR A CA  1 
ATOM   1561 C  C   . THR A 1 194 ? 30.221  9.538   16.810  1.00 77.81 ? 237 THR A C   1 
ATOM   1562 O  O   . THR A 1 194 ? 31.171  10.339  16.759  1.00 78.36 ? 237 THR A O   1 
ATOM   1563 C  CB  . THR A 1 194 ? 27.839  10.038  16.313  1.00 77.40 ? 237 THR A CB  1 
ATOM   1564 O  OG1 . THR A 1 194 ? 26.881  10.224  15.271  1.00 77.82 ? 237 THR A OG1 1 
ATOM   1565 C  CG2 . THR A 1 194 ? 28.036  11.369  17.040  1.00 77.21 ? 237 THR A CG2 1 
ATOM   1566 N  N   . VAL A 1 195 ? 30.056  8.661   17.803  1.00 77.88 ? 238 VAL A N   1 
ATOM   1567 C  CA  . VAL A 1 195 ? 31.053  8.616   18.883  1.00 78.29 ? 238 VAL A CA  1 
ATOM   1568 C  C   . VAL A 1 195 ? 32.442  8.246   18.347  1.00 78.50 ? 238 VAL A C   1 
ATOM   1569 O  O   . VAL A 1 195 ? 33.439  8.903   18.713  1.00 78.99 ? 238 VAL A O   1 
ATOM   1570 C  CB  . VAL A 1 195 ? 30.627  7.769   20.130  1.00 78.23 ? 238 VAL A CB  1 
ATOM   1571 C  CG1 . VAL A 1 195 ? 29.470  8.446   20.868  1.00 78.22 ? 238 VAL A CG1 1 
ATOM   1572 C  CG2 . VAL A 1 195 ? 30.284  6.326   19.764  1.00 78.21 ? 238 VAL A CG2 1 
ATOM   1573 N  N   . ARG A 1 196 ? 32.511  7.246   17.455  1.00 78.38 ? 239 ARG A N   1 
ATOM   1574 C  CA  . ARG A 1 196 ? 33.813  6.917   16.847  1.00 78.81 ? 239 ARG A CA  1 
ATOM   1575 C  C   . ARG A 1 196 ? 34.480  8.137   16.177  1.00 78.95 ? 239 ARG A C   1 
ATOM   1576 O  O   . ARG A 1 196 ? 35.697  8.372   16.338  1.00 79.28 ? 239 ARG A O   1 
ATOM   1577 C  CB  . ARG A 1 196 ? 33.702  5.752   15.864  1.00 78.86 ? 239 ARG A CB  1 
ATOM   1578 C  CG  . ARG A 1 196 ? 35.052  5.257   15.375  1.00 79.42 ? 239 ARG A CG  1 
ATOM   1579 C  CD  . ARG A 1 196 ? 34.945  3.922   14.674  1.00 80.69 ? 239 ARG A CD  1 
ATOM   1580 N  NE  . ARG A 1 196 ? 36.268  3.381   14.361  1.00 81.75 ? 239 ARG A NE  1 
ATOM   1581 C  CZ  . ARG A 1 196 ? 36.491  2.257   13.682  1.00 82.19 ? 239 ARG A CZ  1 
ATOM   1582 N  NH1 . ARG A 1 196 ? 35.479  1.525   13.225  1.00 82.20 ? 239 ARG A NH1 1 
ATOM   1583 N  NH2 . ARG A 1 196 ? 37.740  1.862   13.455  1.00 82.19 ? 239 ARG A NH2 1 
ATOM   1584 N  N   . LEU A 1 197 ? 33.676  8.914   15.446  1.00 78.87 ? 240 LEU A N   1 
ATOM   1585 C  CA  . LEU A 1 197 ? 34.155  10.145  14.802  1.00 79.17 ? 240 LEU A CA  1 
ATOM   1586 C  C   . LEU A 1 197 ? 34.609  11.201  15.805  1.00 79.30 ? 240 LEU A C   1 
ATOM   1587 O  O   . LEU A 1 197 ? 35.746  11.665  15.727  1.00 79.50 ? 240 LEU A O   1 
ATOM   1588 C  CB  . LEU A 1 197 ? 33.110  10.745  13.853  1.00 79.13 ? 240 LEU A CB  1 
ATOM   1589 C  CG  . LEU A 1 197 ? 32.980  10.225  12.417  1.00 79.07 ? 240 LEU A CG  1 
ATOM   1590 C  CD1 . LEU A 1 197 ? 32.163  11.222  11.610  1.00 78.93 ? 240 LEU A CD1 1 
ATOM   1591 C  CD2 . LEU A 1 197 ? 34.332  9.968   11.743  1.00 78.70 ? 240 LEU A CD2 1 
ATOM   1592 N  N   . GLU A 1 198 ? 33.728  11.580  16.734  1.00 79.35 ? 241 GLU A N   1 
ATOM   1593 C  CA  . GLU A 1 198 ? 34.092  12.531  17.796  1.00 79.80 ? 241 GLU A CA  1 
ATOM   1594 C  C   . GLU A 1 198 ? 35.407  12.138  18.478  1.00 79.96 ? 241 GLU A C   1 
ATOM   1595 O  O   . GLU A 1 198 ? 36.283  12.988  18.720  1.00 80.14 ? 241 GLU A O   1 
ATOM   1596 C  CB  . GLU A 1 198 ? 32.984  12.636  18.840  1.00 79.80 ? 241 GLU A CB  1 
ATOM   1597 C  CG  . GLU A 1 198 ? 31.857  13.574  18.462  1.00 80.27 ? 241 GLU A CG  1 
ATOM   1598 C  CD  . GLU A 1 198 ? 31.024  13.989  19.666  1.00 80.87 ? 241 GLU A CD  1 
ATOM   1599 O  OE1 . GLU A 1 198 ? 31.615  14.303  20.725  1.00 80.78 ? 241 GLU A OE1 1 
ATOM   1600 O  OE2 . GLU A 1 198 ? 29.778  14.006  19.549  1.00 81.06 ? 241 GLU A OE2 1 
ATOM   1601 N  N   . GLU A 1 199 ? 35.540  10.843  18.771  1.00 80.01 ? 242 GLU A N   1 
ATOM   1602 C  CA  . GLU A 1 199 ? 36.788  10.318  19.322  1.00 80.42 ? 242 GLU A CA  1 
ATOM   1603 C  C   . GLU A 1 199 ? 37.961  10.502  18.350  1.00 80.34 ? 242 GLU A C   1 
ATOM   1604 O  O   . GLU A 1 199 ? 39.071  10.860  18.773  1.00 80.69 ? 242 GLU A O   1 
ATOM   1605 C  CB  . GLU A 1 199 ? 36.643  8.850   19.720  1.00 80.54 ? 242 GLU A CB  1 
ATOM   1606 C  CG  . GLU A 1 199 ? 37.559  8.450   20.864  1.00 81.26 ? 242 GLU A CG  1 
ATOM   1607 C  CD  . GLU A 1 199 ? 37.919  6.980   20.840  1.00 82.37 ? 242 GLU A CD  1 
ATOM   1608 O  OE1 . GLU A 1 199 ? 37.050  6.150   20.490  1.00 82.87 ? 242 GLU A OE1 1 
ATOM   1609 O  OE2 . GLU A 1 199 ? 39.078  6.657   21.176  1.00 82.77 ? 242 GLU A OE2 1 
ATOM   1610 N  N   . ARG A 1 200 ? 37.719  10.270  17.058  1.00 80.05 ? 243 ARG A N   1 
ATOM   1611 C  CA  . ARG A 1 200 ? 38.739  10.567  16.038  1.00 79.98 ? 243 ARG A CA  1 
ATOM   1612 C  C   . ARG A 1 200 ? 39.165  12.051  16.020  1.00 79.97 ? 243 ARG A C   1 
ATOM   1613 O  O   . ARG A 1 200 ? 40.351  12.356  15.868  1.00 79.86 ? 243 ARG A O   1 
ATOM   1614 C  CB  . ARG A 1 200 ? 38.286  10.106  14.650  1.00 79.89 ? 243 ARG A CB  1 
ATOM   1615 C  CG  . ARG A 1 200 ? 39.370  10.187  13.601  1.00 79.38 ? 243 ARG A CG  1 
ATOM   1616 C  CD  . ARG A 1 200 ? 39.308  9.002   12.683  1.00 79.13 ? 243 ARG A CD  1 
ATOM   1617 N  NE  . ARG A 1 200 ? 40.611  8.738   12.087  1.00 79.56 ? 243 ARG A NE  1 
ATOM   1618 C  CZ  . ARG A 1 200 ? 40.982  7.571   11.568  1.00 79.85 ? 243 ARG A CZ  1 
ATOM   1619 N  NH1 . ARG A 1 200 ? 40.151  6.535   11.568  1.00 79.93 ? 243 ARG A NH1 1 
ATOM   1620 N  NH2 . ARG A 1 200 ? 42.195  7.435   11.050  1.00 80.11 ? 243 ARG A NH2 1 
ATOM   1621 N  N   . ILE A 1 201 ? 38.194  12.955  16.179  1.00 79.98 ? 244 ILE A N   1 
ATOM   1622 C  CA  . ILE A 1 201 ? 38.461  14.397  16.291  1.00 80.21 ? 244 ILE A CA  1 
ATOM   1623 C  C   . ILE A 1 201 ? 39.285  14.704  17.545  1.00 80.50 ? 244 ILE A C   1 
ATOM   1624 O  O   . ILE A 1 201 ? 40.230  15.500  17.485  1.00 80.56 ? 244 ILE A O   1 
ATOM   1625 C  CB  . ILE A 1 201 ? 37.150  15.251  16.265  1.00 80.15 ? 244 ILE A CB  1 
ATOM   1626 C  CG1 . ILE A 1 201 ? 36.558  15.286  14.852  1.00 80.06 ? 244 ILE A CG1 1 
ATOM   1627 C  CG2 . ILE A 1 201 ? 37.402  16.681  16.761  1.00 80.02 ? 244 ILE A CG2 1 
ATOM   1628 C  CD1 . ILE A 1 201 ? 35.142  15.849  14.773  1.00 80.16 ? 244 ILE A CD1 1 
ATOM   1629 N  N   . ARG A 1 202 ? 38.926  14.074  18.669  1.00 80.73 ? 245 ARG A N   1 
ATOM   1630 C  CA  . ARG A 1 202 ? 39.715  14.187  19.911  1.00 81.12 ? 245 ARG A CA  1 
ATOM   1631 C  C   . ARG A 1 202 ? 41.166  13.742  19.709  1.00 81.08 ? 245 ARG A C   1 
ATOM   1632 O  O   . ARG A 1 202 ? 42.104  14.484  20.013  1.00 80.99 ? 245 ARG A O   1 
ATOM   1633 C  CB  . ARG A 1 202 ? 39.099  13.349  21.037  1.00 81.17 ? 245 ARG A CB  1 
ATOM   1634 C  CG  . ARG A 1 202 ? 37.769  13.850  21.568  1.00 81.58 ? 245 ARG A CG  1 
ATOM   1635 C  CD  . ARG A 1 202 ? 37.222  12.896  22.629  1.00 81.50 ? 245 ARG A CD  1 
ATOM   1636 N  NE  . ARG A 1 202 ? 36.047  13.449  23.297  1.00 82.31 ? 245 ARG A NE  1 
ATOM   1637 C  CZ  . ARG A 1 202 ? 36.091  14.323  24.300  1.00 82.76 ? 245 ARG A CZ  1 
ATOM   1638 N  NH1 . ARG A 1 202 ? 37.257  14.756  24.768  1.00 83.01 ? 245 ARG A NH1 1 
ATOM   1639 N  NH2 . ARG A 1 202 ? 34.965  14.768  24.839  1.00 83.05 ? 245 ARG A NH2 1 
ATOM   1640 N  N   . GLN A 1 203 ? 41.327  12.533  19.172  1.00 81.13 ? 246 GLN A N   1 
ATOM   1641 C  CA  . GLN A 1 203 ? 42.631  11.874  19.039  1.00 81.36 ? 246 GLN A CA  1 
ATOM   1642 C  C   . GLN A 1 203 ? 43.578  12.504  17.997  1.00 81.48 ? 246 GLN A C   1 
ATOM   1643 O  O   . GLN A 1 203 ? 44.649  11.955  17.713  1.00 81.52 ? 246 GLN A O   1 
ATOM   1644 C  CB  . GLN A 1 203 ? 42.409  10.387  18.731  1.00 81.36 ? 246 GLN A CB  1 
ATOM   1645 C  CG  . GLN A 1 203 ? 43.451  9.439   19.307  1.00 81.43 ? 246 GLN A CG  1 
ATOM   1646 C  CD  . GLN A 1 203 ? 42.900  8.038   19.523  1.00 81.71 ? 246 GLN A CD  1 
ATOM   1647 O  OE1 . GLN A 1 203 ? 41.890  7.852   20.207  1.00 81.69 ? 246 GLN A OE1 1 
ATOM   1648 N  NE2 . GLN A 1 203 ? 43.565  7.043   18.945  1.00 81.56 ? 246 GLN A NE2 1 
ATOM   1649 N  N   . ALA A 1 204 ? 43.190  13.651  17.439  1.00 81.59 ? 247 ALA A N   1 
ATOM   1650 C  CA  . ALA A 1 204 ? 44.004  14.334  16.427  1.00 81.64 ? 247 ALA A CA  1 
ATOM   1651 C  C   . ALA A 1 204 ? 44.926  15.379  17.055  1.00 81.60 ? 247 ALA A C   1 
ATOM   1652 O  O   . ALA A 1 204 ? 44.506  16.148  17.921  1.00 81.57 ? 247 ALA A O   1 
ATOM   1653 C  CB  . ALA A 1 204 ? 43.113  14.974  15.369  1.00 81.69 ? 247 ALA A CB  1 
# 
